data_5ABH
#
_entry.id   5ABH
#
_cell.length_a   51.410
_cell.length_b   161.310
_cell.length_c   223.200
_cell.angle_alpha   90.00
_cell.angle_beta   90.00
_cell.angle_gamma   90.00
#
_symmetry.space_group_name_H-M   'P 2 21 21'
#
loop_
_entity.id
_entity.type
_entity.pdbx_description
1 polymer 'O-GLCNACASE BT_4395'
2 non-polymer 'CHLORIDE ION'
3 non-polymer 2-[(2R,3S,4R,5R)-5-(hydroxymethyl)-3,4-bis(oxidanyl)-1-pentyl-pyrrolidin-2-yl]-N-methyl-ethanamide
4 non-polymer 1,2-ETHANEDIOL
5 non-polymer 'CALCIUM ION'
6 water water
#
_entity_poly.entity_id   1
_entity_poly.type   'polypeptide(L)'
_entity_poly.pdbx_seq_one_letter_code
;MGSSHHHHHHQNVSLQPPPQQLIVQNKTIDLPAVYQLNGGEEANPHAVKVLKELLSGKQSSKKGMLISIGEKGDKSVRKY
SRQIPDHKEGYYLSVNEKEIVLAGNDERGTYYALQTFAQLLKDGKLPEVEIKDYPSVRYRGVVEGFYGTPWSHQARLSQL
KFYGKNKMNTYIYGPKDDPYHSAPNWRLPYPDKEAAQLQELVAVANENEVDFVWAIHPGQDIKWNKEDRDLLLAKFEKMY
QLGVRSFAVFFDDISGEGTNPQKQAELLNYIDEKFAQVKPDINQLVMCPTEYNKSWSNPNGNYLTTLGDKLNPSIQIMWT
GDRVISDITRDGISWINERIKRPAYIWWNFPVSDYVRDHLLLGPVYGNDTTIAKEMSGFVTNPMEHAESSKIAIYSVASY
AWNPAKYDTWQTWKDAIRTILPSAAEELECFAMHNSDLGPNGHGYRREESMDIQPAAERFLKAFKEGKNYDKADFETLQY
TFERMKESADILLMNTENKPLIVEITPWVHQFKLTAEMGEEVLKMVEGRNESYFLRKYNHVKALQQQMFYIDQTSNQNPY
QPGVKTATRVIKPLIDRTFATVVKFFNQKFNAHLDATTDYMPHKMISNVEQIKNLPLQVKANRVLISPANEVVKWAAGNS
VEIELDAIYPGENIQINFGKDAPCTWGRLEISTDGKEWKTVDLKQKESRLSAGLQKAPVKFVRFTNVSDEEQQVYLRQFV
LTIEKK
;
_entity_poly.pdbx_strand_id   A,B
#
# COMPACT_ATOMS: atom_id res chain seq x y z
N SER A 14 21.41 -25.80 -18.25
CA SER A 14 21.22 -25.42 -19.68
C SER A 14 22.24 -24.32 -20.00
N LEU A 15 23.31 -24.64 -20.75
CA LEU A 15 24.29 -23.62 -21.13
C LEU A 15 23.67 -22.52 -22.00
N GLN A 16 23.91 -21.26 -21.61
CA GLN A 16 23.30 -20.10 -22.26
C GLN A 16 24.34 -18.99 -22.40
N PRO A 17 24.55 -18.50 -23.62
CA PRO A 17 24.02 -19.11 -24.84
C PRO A 17 24.54 -20.53 -25.10
N PRO A 18 23.76 -21.33 -25.85
CA PRO A 18 24.23 -22.66 -26.19
C PRO A 18 25.40 -22.64 -27.16
N PRO A 19 26.43 -23.46 -26.91
CA PRO A 19 27.60 -23.34 -27.79
C PRO A 19 27.31 -23.88 -29.18
N GLN A 20 28.14 -23.51 -30.14
CA GLN A 20 27.96 -23.92 -31.53
C GLN A 20 28.11 -25.42 -31.68
N GLN A 21 29.04 -25.98 -30.93
CA GLN A 21 29.39 -27.36 -31.04
C GLN A 21 29.78 -27.88 -29.66
N LEU A 22 29.17 -28.99 -29.26
CA LEU A 22 29.34 -29.50 -27.91
C LEU A 22 29.32 -31.02 -27.95
N ILE A 23 30.34 -31.67 -27.37
CA ILE A 23 30.31 -33.12 -27.09
C ILE A 23 30.59 -33.38 -25.62
N VAL A 24 29.66 -34.09 -24.96
CA VAL A 24 29.74 -34.36 -23.51
C VAL A 24 29.91 -35.85 -23.31
N GLN A 25 30.81 -36.23 -22.42
CA GLN A 25 30.98 -37.60 -21.97
C GLN A 25 30.27 -37.76 -20.64
N ASN A 26 29.74 -38.94 -20.36
CA ASN A 26 29.28 -39.22 -19.01
C ASN A 26 30.49 -39.41 -18.11
N LYS A 27 30.95 -38.32 -17.50
CA LYS A 27 32.11 -38.39 -16.60
C LYS A 27 32.24 -37.11 -15.77
N THR A 28 32.06 -37.24 -14.46
CA THR A 28 32.29 -36.16 -13.52
C THR A 28 33.80 -35.98 -13.30
N ILE A 29 34.23 -34.73 -13.17
CA ILE A 29 35.60 -34.40 -12.85
C ILE A 29 35.54 -33.45 -11.68
N ASP A 30 36.25 -33.74 -10.60
CA ASP A 30 36.33 -32.81 -9.48
C ASP A 30 37.19 -31.60 -9.85
N LEU A 31 36.65 -30.41 -9.61
CA LEU A 31 37.44 -29.19 -9.68
C LEU A 31 38.64 -29.36 -8.76
N PRO A 32 39.86 -29.37 -9.33
CA PRO A 32 41.02 -29.99 -8.66
C PRO A 32 41.51 -29.26 -7.41
N ALA A 33 41.49 -29.95 -6.26
CA ALA A 33 42.14 -29.47 -5.03
C ALA A 33 43.52 -28.88 -5.30
N VAL A 34 44.30 -29.52 -6.16
CA VAL A 34 45.62 -29.01 -6.56
C VAL A 34 45.71 -28.80 -8.08
N TYR A 35 45.95 -27.56 -8.49
CA TYR A 35 46.06 -27.22 -9.91
C TYR A 35 47.38 -26.52 -10.23
N GLN A 36 47.82 -26.65 -11.48
CA GLN A 36 48.90 -25.82 -12.00
C GLN A 36 48.38 -24.93 -13.11
N LEU A 37 48.56 -23.63 -12.95
CA LEU A 37 48.02 -22.67 -13.88
C LEU A 37 49.00 -22.44 -15.00
N ASN A 38 48.54 -22.66 -16.21
CA ASN A 38 49.35 -22.46 -17.39
C ASN A 38 48.84 -21.27 -18.20
N GLY A 39 49.61 -20.18 -18.16
CA GLY A 39 49.35 -19.00 -18.99
C GLY A 39 48.59 -17.91 -18.26
N GLY A 40 48.50 -18.03 -16.95
CA GLY A 40 47.87 -17.04 -16.11
C GLY A 40 48.41 -15.64 -16.33
N GLU A 41 49.69 -15.56 -16.64
CA GLU A 41 50.39 -14.30 -16.83
C GLU A 41 50.11 -13.63 -18.18
N GLU A 42 49.66 -14.40 -19.17
CA GLU A 42 49.57 -13.91 -20.55
C GLU A 42 48.14 -13.80 -21.11
N ALA A 43 47.19 -14.53 -20.52
CA ALA A 43 45.82 -14.54 -21.02
C ALA A 43 45.09 -13.26 -20.59
N ASN A 44 43.94 -13.03 -21.19
CA ASN A 44 43.09 -11.90 -20.83
C ASN A 44 42.97 -11.78 -19.30
N PRO A 45 43.48 -10.66 -18.74
CA PRO A 45 43.33 -10.39 -17.30
C PRO A 45 41.94 -10.58 -16.69
N HIS A 46 40.89 -10.27 -17.45
CA HIS A 46 39.51 -10.36 -16.96
C HIS A 46 39.09 -11.85 -16.91
N ALA A 47 39.57 -12.63 -17.88
CA ALA A 47 39.40 -14.09 -17.85
C ALA A 47 40.11 -14.70 -16.63
N VAL A 48 41.38 -14.36 -16.47
CA VAL A 48 42.18 -14.90 -15.38
C VAL A 48 41.52 -14.59 -14.04
N LYS A 49 41.01 -13.38 -13.90
CA LYS A 49 40.37 -12.99 -12.67
C LYS A 49 39.12 -13.84 -12.36
N VAL A 50 38.34 -14.18 -13.40
CA VAL A 50 37.17 -15.05 -13.19
C VAL A 50 37.66 -16.43 -12.72
N LEU A 51 38.81 -16.85 -13.21
CA LEU A 51 39.31 -18.19 -12.92
C LEU A 51 39.79 -18.30 -11.47
N LYS A 52 40.51 -17.28 -11.00
CA LYS A 52 40.99 -17.25 -9.62
C LYS A 52 39.85 -17.24 -8.62
N GLU A 53 38.80 -16.48 -8.95
CA GLU A 53 37.57 -16.49 -8.18
C GLU A 53 37.00 -17.91 -8.05
N LEU A 54 36.84 -18.61 -9.17
CA LEU A 54 36.33 -19.99 -9.20
C LEU A 54 37.28 -21.03 -8.57
N LEU A 55 38.58 -20.75 -8.54
CA LEU A 55 39.54 -21.62 -7.86
C LEU A 55 39.97 -21.08 -6.49
N SER A 56 39.12 -20.27 -5.84
CA SER A 56 39.39 -19.83 -4.47
C SER A 56 39.40 -21.02 -3.55
N GLY A 57 40.20 -20.95 -2.49
CA GLY A 57 40.34 -22.06 -1.56
C GLY A 57 40.80 -23.34 -2.22
N LYS A 58 41.73 -23.23 -3.17
CA LYS A 58 42.33 -24.38 -3.85
C LYS A 58 43.83 -24.16 -3.97
N GLN A 59 44.62 -25.21 -3.78
CA GLN A 59 46.08 -25.09 -3.86
C GLN A 59 46.53 -24.95 -5.31
N SER A 60 46.99 -23.76 -5.66
CA SER A 60 47.87 -23.58 -6.80
C SER A 60 49.26 -24.13 -6.45
N SER A 61 49.78 -24.98 -7.32
CA SER A 61 51.11 -25.55 -7.16
C SER A 61 51.55 -26.11 -8.51
N LYS A 62 52.69 -26.79 -8.53
CA LYS A 62 53.11 -27.53 -9.72
C LYS A 62 53.05 -29.04 -9.48
N LYS A 63 52.38 -29.45 -8.40
CA LYS A 63 52.12 -30.86 -8.13
C LYS A 63 50.62 -31.09 -8.35
N GLY A 64 50.07 -30.49 -9.41
CA GLY A 64 48.63 -30.34 -9.55
C GLY A 64 48.16 -30.43 -10.98
N MET A 65 46.85 -30.59 -11.15
CA MET A 65 46.23 -30.73 -12.46
C MET A 65 46.36 -29.47 -13.32
N LEU A 66 46.80 -29.63 -14.55
CA LEU A 66 47.13 -28.51 -15.43
C LEU A 66 45.88 -27.77 -15.89
N ILE A 67 45.91 -26.45 -15.77
CA ILE A 67 44.85 -25.57 -16.27
C ILE A 67 45.45 -24.64 -17.33
N SER A 68 45.10 -24.85 -18.60
CA SER A 68 45.72 -24.11 -19.69
C SER A 68 44.81 -23.01 -20.18
N ILE A 69 45.22 -21.76 -19.95
CA ILE A 69 44.44 -20.59 -20.34
C ILE A 69 45.32 -19.61 -21.13
N GLY A 70 44.77 -19.09 -22.22
CA GLY A 70 45.48 -18.20 -23.12
C GLY A 70 44.70 -17.97 -24.40
N GLU A 71 45.15 -16.99 -25.16
CA GLU A 71 44.65 -16.69 -26.49
C GLU A 71 45.55 -17.36 -27.53
N LYS A 72 44.99 -17.64 -28.71
CA LYS A 72 45.74 -18.18 -29.83
C LYS A 72 46.98 -17.35 -30.13
N GLY A 73 48.12 -18.02 -30.17
CA GLY A 73 49.43 -17.36 -30.25
C GLY A 73 50.18 -17.50 -28.94
N ASP A 74 49.48 -17.51 -27.81
CA ASP A 74 50.15 -17.77 -26.52
C ASP A 74 50.81 -19.15 -26.50
N LYS A 75 51.94 -19.23 -25.80
CA LYS A 75 52.62 -20.50 -25.57
C LYS A 75 51.74 -21.46 -24.81
N SER A 76 51.00 -20.95 -23.85
CA SER A 76 50.13 -21.76 -22.99
C SER A 76 49.15 -22.66 -23.72
N VAL A 77 48.72 -22.24 -24.91
CA VAL A 77 47.66 -22.93 -25.64
C VAL A 77 48.11 -23.33 -27.05
N ARG A 78 49.41 -23.35 -27.30
CA ARG A 78 49.91 -23.58 -28.65
C ARG A 78 49.60 -24.99 -29.17
N LYS A 79 49.41 -25.95 -28.26
CA LYS A 79 48.94 -27.30 -28.62
C LYS A 79 47.63 -27.28 -29.41
N TYR A 80 46.75 -26.37 -29.04
CA TYR A 80 45.34 -26.49 -29.39
C TYR A 80 44.93 -25.56 -30.52
N SER A 81 45.87 -25.03 -31.29
CA SER A 81 45.54 -24.02 -32.30
C SER A 81 44.63 -24.54 -33.41
N ARG A 82 44.68 -25.84 -33.62
CA ARG A 82 43.83 -26.50 -34.60
C ARG A 82 42.40 -26.60 -34.08
N GLN A 83 42.23 -26.64 -32.77
CA GLN A 83 40.92 -26.76 -32.15
C GLN A 83 40.17 -25.41 -32.00
N ILE A 84 40.95 -24.31 -31.90
CA ILE A 84 40.38 -22.99 -31.63
C ILE A 84 39.65 -22.47 -32.85
N PRO A 85 38.35 -22.24 -32.74
CA PRO A 85 37.70 -21.67 -33.92
C PRO A 85 38.35 -20.37 -34.40
N ASP A 86 38.45 -20.20 -35.71
CA ASP A 86 38.99 -19.00 -36.31
C ASP A 86 37.89 -18.02 -36.61
N HIS A 87 37.22 -17.59 -35.55
CA HIS A 87 36.19 -16.54 -35.57
C HIS A 87 36.52 -15.55 -34.46
N LYS A 88 36.17 -14.29 -34.67
CA LYS A 88 36.25 -13.31 -33.59
C LYS A 88 35.38 -13.78 -32.41
N GLU A 89 35.96 -13.77 -31.21
CA GLU A 89 35.27 -14.10 -29.96
C GLU A 89 35.05 -15.60 -29.81
N GLY A 90 35.61 -16.39 -30.72
CA GLY A 90 35.61 -17.82 -30.59
C GLY A 90 36.50 -18.36 -29.49
N TYR A 91 36.25 -19.61 -29.09
CA TYR A 91 37.09 -20.28 -28.11
C TYR A 91 36.98 -21.80 -28.19
N TYR A 92 38.00 -22.46 -27.65
CA TYR A 92 37.98 -23.88 -27.42
C TYR A 92 38.08 -24.07 -25.93
N LEU A 93 37.21 -24.95 -25.40
CA LEU A 93 37.19 -25.35 -23.99
C LEU A 93 37.18 -26.87 -23.92
N SER A 94 37.98 -27.44 -23.02
CA SER A 94 38.03 -28.88 -22.80
C SER A 94 38.21 -29.19 -21.33
N VAL A 95 37.52 -30.22 -20.87
CA VAL A 95 37.70 -30.76 -19.53
C VAL A 95 37.79 -32.28 -19.60
N ASN A 96 38.87 -32.83 -19.07
CA ASN A 96 38.93 -34.26 -18.83
C ASN A 96 39.71 -34.54 -17.57
N GLU A 97 39.92 -35.83 -17.26
CA GLU A 97 40.62 -36.20 -16.04
C GLU A 97 42.05 -35.69 -16.04
N LYS A 98 42.67 -35.58 -17.22
CA LYS A 98 44.07 -35.12 -17.30
C LYS A 98 44.16 -33.60 -17.10
N GLU A 99 43.45 -32.81 -17.91
CA GLU A 99 43.59 -31.35 -17.85
C GLU A 99 42.42 -30.53 -18.38
N ILE A 100 42.43 -29.27 -17.99
CA ILE A 100 41.47 -28.28 -18.46
C ILE A 100 42.13 -27.28 -19.40
N VAL A 101 41.43 -26.95 -20.49
CA VAL A 101 41.91 -26.02 -21.50
C VAL A 101 40.89 -24.91 -21.75
N LEU A 102 41.36 -23.68 -21.73
CA LEU A 102 40.51 -22.52 -21.93
C LEU A 102 41.23 -21.59 -22.88
N ALA A 103 40.91 -21.69 -24.16
CA ALA A 103 41.73 -21.08 -25.22
C ALA A 103 40.85 -20.25 -26.15
N GLY A 104 40.92 -18.92 -26.01
CA GLY A 104 40.20 -18.03 -26.91
C GLY A 104 40.92 -17.86 -28.22
N ASN A 105 40.18 -17.56 -29.27
CA ASN A 105 40.82 -17.06 -30.49
C ASN A 105 41.39 -15.64 -30.29
N ASP A 106 40.82 -14.92 -29.33
CA ASP A 106 41.28 -13.58 -28.96
C ASP A 106 40.88 -13.40 -27.48
N GLU A 107 41.13 -12.22 -26.92
CA GLU A 107 41.00 -12.02 -25.49
C GLU A 107 39.55 -12.17 -25.05
N ARG A 108 38.63 -11.71 -25.89
CA ARG A 108 37.26 -11.75 -25.55
C ARG A 108 36.78 -13.20 -25.60
N GLY A 109 37.33 -13.96 -26.54
CA GLY A 109 37.08 -15.40 -26.65
C GLY A 109 37.48 -16.13 -25.38
N THR A 110 38.59 -15.74 -24.80
CA THR A 110 39.03 -16.39 -23.57
C THR A 110 38.07 -16.09 -22.43
N TYR A 111 37.72 -14.81 -22.29
CA TYR A 111 36.71 -14.39 -21.32
C TYR A 111 35.42 -15.19 -21.52
N TYR A 112 35.01 -15.40 -22.77
CA TYR A 112 33.79 -16.17 -23.05
C TYR A 112 33.91 -17.67 -22.76
N ALA A 113 35.12 -18.22 -22.87
CA ALA A 113 35.36 -19.58 -22.44
C ALA A 113 35.11 -19.69 -20.95
N LEU A 114 35.50 -18.66 -20.19
CA LEU A 114 35.30 -18.68 -18.74
C LEU A 114 33.85 -18.52 -18.34
N GLN A 115 33.07 -17.82 -19.17
CA GLN A 115 31.65 -17.66 -18.85
C GLN A 115 30.92 -18.99 -19.03
N THR A 116 31.27 -19.73 -20.08
CA THR A 116 30.78 -21.09 -20.26
C THR A 116 31.27 -22.03 -19.16
N PHE A 117 32.57 -21.97 -18.89
CA PHE A 117 33.21 -22.76 -17.83
C PHE A 117 32.50 -22.63 -16.48
N ALA A 118 32.26 -21.39 -16.06
CA ALA A 118 31.57 -21.11 -14.80
C ALA A 118 30.18 -21.78 -14.71
N GLN A 119 29.49 -21.88 -15.85
CA GLN A 119 28.17 -22.50 -15.92
C GLN A 119 28.30 -24.01 -15.79
N LEU A 120 29.38 -24.59 -16.30
CA LEU A 120 29.65 -26.03 -16.23
C LEU A 120 29.93 -26.50 -14.81
N LEU A 121 30.48 -25.61 -13.98
CA LEU A 121 30.82 -25.95 -12.60
C LEU A 121 29.57 -26.16 -11.74
N LYS A 122 29.46 -27.35 -11.13
CA LYS A 122 28.29 -27.80 -10.37
C LYS A 122 28.74 -28.54 -9.12
N ASP A 123 28.39 -28.05 -7.93
CA ASP A 123 28.80 -28.65 -6.64
C ASP A 123 30.30 -28.56 -6.31
N GLY A 124 31.10 -28.07 -7.25
CA GLY A 124 32.56 -28.29 -7.24
C GLY A 124 33.03 -29.38 -8.19
N LYS A 125 32.24 -29.65 -9.23
CA LYS A 125 32.51 -30.76 -10.15
C LYS A 125 32.07 -30.42 -11.59
N LEU A 126 32.91 -30.77 -12.57
CA LEU A 126 32.69 -30.44 -13.97
C LEU A 126 32.35 -31.68 -14.79
N PRO A 127 31.59 -31.50 -15.88
CA PRO A 127 31.39 -32.61 -16.79
C PRO A 127 32.61 -32.76 -17.72
N GLU A 128 32.90 -33.98 -18.14
CA GLU A 128 33.92 -34.19 -19.15
C GLU A 128 33.36 -33.81 -20.51
N VAL A 129 33.95 -32.78 -21.11
CA VAL A 129 33.31 -32.02 -22.18
C VAL A 129 34.32 -31.36 -23.13
N GLU A 130 33.91 -31.17 -24.38
CA GLU A 130 34.71 -30.45 -25.36
C GLU A 130 33.81 -29.55 -26.20
N ILE A 131 34.18 -28.27 -26.28
CA ILE A 131 33.31 -27.24 -26.81
C ILE A 131 34.09 -26.42 -27.80
N LYS A 132 33.53 -26.19 -28.98
CA LYS A 132 34.04 -25.20 -29.93
C LYS A 132 32.93 -24.20 -30.24
N ASP A 133 33.19 -22.92 -29.96
CA ASP A 133 32.11 -21.95 -29.82
C ASP A 133 32.54 -20.60 -30.33
N TYR A 134 31.56 -19.82 -30.74
CA TYR A 134 31.77 -18.52 -31.37
C TYR A 134 30.37 -18.00 -31.65
N PRO A 135 30.25 -16.69 -31.89
CA PRO A 135 28.91 -16.15 -32.10
C PRO A 135 28.51 -16.13 -33.56
N SER A 136 27.22 -16.25 -33.86
CA SER A 136 26.78 -16.12 -35.25
C SER A 136 26.60 -14.68 -35.66
N VAL A 137 26.36 -13.78 -34.70
CA VAL A 137 26.20 -12.36 -35.00
C VAL A 137 27.35 -11.59 -34.32
N ARG A 138 28.02 -10.71 -35.06
CA ARG A 138 29.23 -10.09 -34.59
C ARG A 138 28.97 -9.12 -33.40
N TYR A 139 27.90 -8.37 -33.47
CA TYR A 139 27.58 -7.42 -32.38
C TYR A 139 26.24 -7.74 -31.77
N ARG A 140 26.24 -7.90 -30.44
CA ARG A 140 25.07 -8.44 -29.69
C ARG A 140 24.92 -7.66 -28.40
N GLY A 141 23.76 -7.07 -28.17
CA GLY A 141 23.53 -6.46 -26.88
C GLY A 141 22.28 -5.60 -26.78
N VAL A 142 22.44 -4.45 -26.14
CA VAL A 142 21.33 -3.64 -25.73
C VAL A 142 21.55 -2.22 -26.18
N VAL A 143 20.47 -1.54 -26.61
CA VAL A 143 20.49 -0.12 -26.79
C VAL A 143 19.51 0.45 -25.77
N GLU A 144 20.03 1.23 -24.82
CA GLU A 144 19.18 2.02 -23.94
C GLU A 144 18.67 3.20 -24.75
N GLY A 145 17.59 2.97 -25.49
CA GLY A 145 17.17 3.91 -26.52
C GLY A 145 15.75 4.41 -26.41
N PHE A 146 15.20 4.31 -25.21
CA PHE A 146 13.78 4.53 -24.98
C PHE A 146 13.50 5.90 -24.43
N TYR A 147 12.24 6.29 -24.56
CA TYR A 147 11.65 7.41 -23.85
C TYR A 147 11.21 7.01 -22.43
N GLY A 148 11.44 7.89 -21.47
CA GLY A 148 11.12 7.64 -20.07
C GLY A 148 12.33 7.86 -19.17
N THR A 149 12.16 7.50 -17.90
CA THR A 149 13.22 7.70 -16.93
C THR A 149 14.43 6.84 -17.33
N PRO A 150 15.59 7.49 -17.58
CA PRO A 150 16.76 6.67 -17.98
C PRO A 150 17.12 5.71 -16.86
N TRP A 151 17.80 4.61 -17.20
CA TRP A 151 18.25 3.65 -16.20
C TRP A 151 19.12 4.32 -15.16
N SER A 152 18.95 3.93 -13.91
CA SER A 152 19.79 4.46 -12.87
C SER A 152 21.23 3.96 -13.06
N HIS A 153 22.18 4.70 -12.47
CA HIS A 153 23.56 4.31 -12.50
C HIS A 153 23.77 2.89 -11.96
N GLN A 154 23.19 2.60 -10.78
CA GLN A 154 23.22 1.25 -10.21
C GLN A 154 22.65 0.16 -11.13
N ALA A 155 21.54 0.47 -11.82
CA ALA A 155 20.96 -0.46 -12.76
C ALA A 155 21.91 -0.70 -13.91
N ARG A 156 22.61 0.35 -14.37
CA ARG A 156 23.51 0.20 -15.53
C ARG A 156 24.71 -0.66 -15.20
N LEU A 157 25.23 -0.53 -13.99
CA LEU A 157 26.34 -1.33 -13.51
C LEU A 157 25.90 -2.80 -13.42
N SER A 158 24.67 -3.06 -12.99
CA SER A 158 24.17 -4.43 -12.97
C SER A 158 24.00 -4.98 -14.40
N GLN A 159 23.48 -4.15 -15.31
CA GLN A 159 23.35 -4.53 -16.70
C GLN A 159 24.66 -5.03 -17.32
N LEU A 160 25.72 -4.25 -17.13
CA LEU A 160 26.97 -4.53 -17.77
C LEU A 160 27.54 -5.87 -17.29
N LYS A 161 27.45 -6.15 -15.99
CA LYS A 161 27.84 -7.45 -15.48
C LYS A 161 27.01 -8.55 -16.11
N PHE A 162 25.70 -8.34 -16.21
CA PHE A 162 24.80 -9.29 -16.89
C PHE A 162 25.24 -9.58 -18.34
N TYR A 163 25.65 -8.54 -19.06
CA TYR A 163 26.01 -8.67 -20.47
C TYR A 163 27.27 -9.53 -20.62
N GLY A 164 28.25 -9.29 -19.74
CA GLY A 164 29.48 -10.10 -19.73
C GLY A 164 29.20 -11.57 -19.52
N LYS A 165 28.30 -11.88 -18.58
CA LYS A 165 27.94 -13.26 -18.30
C LYS A 165 27.21 -13.92 -19.47
N ASN A 166 26.46 -13.14 -20.25
CA ASN A 166 25.70 -13.68 -21.36
C ASN A 166 26.31 -13.42 -22.74
N LYS A 167 27.59 -13.04 -22.74
CA LYS A 167 28.37 -12.81 -23.96
C LYS A 167 27.74 -11.76 -24.87
N MET A 168 27.02 -10.78 -24.31
CA MET A 168 26.67 -9.61 -25.08
C MET A 168 27.85 -8.63 -25.04
N ASN A 169 28.27 -8.17 -26.20
CA ASN A 169 29.46 -7.35 -26.33
C ASN A 169 29.16 -5.90 -26.65
N THR A 170 27.89 -5.50 -26.56
CA THR A 170 27.50 -4.19 -27.03
C THR A 170 26.46 -3.55 -26.12
N TYR A 171 26.77 -2.32 -25.69
CA TYR A 171 25.83 -1.49 -24.91
C TYR A 171 25.83 -0.12 -25.52
N ILE A 172 24.72 0.27 -26.15
CA ILE A 172 24.62 1.59 -26.77
C ILE A 172 23.77 2.50 -25.88
N TYR A 173 24.46 3.49 -25.33
CA TYR A 173 23.90 4.47 -24.43
C TYR A 173 23.20 5.53 -25.24
N GLY A 174 21.87 5.64 -25.11
CA GLY A 174 21.08 6.61 -25.84
C GLY A 174 19.69 6.88 -25.31
N PRO A 175 19.54 7.04 -23.98
CA PRO A 175 18.24 7.37 -23.39
C PRO A 175 17.72 8.66 -23.97
N LYS A 176 16.58 8.59 -24.64
CA LYS A 176 16.01 9.76 -25.31
C LYS A 176 15.90 11.00 -24.42
N ASP A 177 15.67 10.79 -23.13
CA ASP A 177 15.37 11.89 -22.21
C ASP A 177 16.60 12.32 -21.41
N ASP A 178 17.81 11.86 -21.77
CA ASP A 178 19.05 12.42 -21.21
C ASP A 178 19.33 13.71 -21.98
N PRO A 179 19.30 14.87 -21.27
CA PRO A 179 19.42 16.12 -21.98
C PRO A 179 20.79 16.33 -22.64
N TYR A 180 21.82 15.60 -22.21
CA TYR A 180 23.16 15.71 -22.80
C TYR A 180 23.37 14.75 -23.95
N HIS A 181 22.35 13.90 -24.18
CA HIS A 181 22.29 13.04 -25.32
C HIS A 181 21.55 13.69 -26.46
N SER A 182 20.45 14.39 -26.15
CA SER A 182 19.54 14.87 -27.21
C SER A 182 19.44 16.43 -27.25
N ALA A 183 18.42 16.98 -27.93
CA ALA A 183 18.43 18.43 -28.22
C ALA A 183 17.86 19.16 -26.99
N PRO A 184 18.39 20.34 -26.61
CA PRO A 184 19.52 21.00 -27.30
C PRO A 184 20.88 20.78 -26.64
N ASN A 185 20.89 20.11 -25.48
CA ASN A 185 22.11 20.08 -24.71
C ASN A 185 23.08 18.97 -25.12
N TRP A 186 22.81 18.35 -26.25
CA TRP A 186 23.78 17.47 -26.88
C TRP A 186 25.09 18.20 -27.11
N ARG A 187 24.98 19.51 -27.30
CA ARG A 187 26.13 20.38 -27.47
C ARG A 187 27.05 20.54 -26.26
N LEU A 188 26.53 20.26 -25.07
CA LEU A 188 27.20 20.56 -23.80
C LEU A 188 27.88 19.34 -23.23
N PRO A 189 29.07 19.53 -22.61
CA PRO A 189 29.69 18.36 -21.99
C PRO A 189 28.83 17.96 -20.79
N TYR A 190 28.82 16.69 -20.43
CA TYR A 190 28.21 16.27 -19.19
C TYR A 190 28.80 17.00 -18.01
N PRO A 191 28.00 17.30 -16.99
CA PRO A 191 28.67 17.90 -15.84
C PRO A 191 29.43 16.87 -15.04
N ASP A 192 30.16 17.34 -14.04
CA ASP A 192 31.24 16.55 -13.43
C ASP A 192 30.73 15.22 -12.89
N LYS A 193 29.62 15.27 -12.16
CA LYS A 193 29.05 14.10 -11.51
C LYS A 193 28.68 12.98 -12.51
N GLU A 194 27.89 13.37 -13.50
CA GLU A 194 27.46 12.51 -14.56
C GLU A 194 28.67 11.94 -15.35
N ALA A 195 29.65 12.80 -15.61
CA ALA A 195 30.86 12.43 -16.31
C ALA A 195 31.62 11.36 -15.56
N ALA A 196 31.77 11.55 -14.26
CA ALA A 196 32.47 10.60 -13.40
C ALA A 196 31.72 9.25 -13.41
N GLN A 197 30.42 9.31 -13.47
CA GLN A 197 29.60 8.12 -13.50
C GLN A 197 29.80 7.38 -14.82
N LEU A 198 29.81 8.12 -15.93
CA LEU A 198 29.99 7.53 -17.25
C LEU A 198 31.41 6.93 -17.39
N GLN A 199 32.38 7.61 -16.78
CA GLN A 199 33.74 7.07 -16.70
C GLN A 199 33.74 5.70 -16.02
N GLU A 200 32.95 5.57 -14.95
CA GLU A 200 32.87 4.31 -14.22
C GLU A 200 32.21 3.27 -15.10
N LEU A 201 31.12 3.64 -15.76
CA LEU A 201 30.40 2.73 -16.61
C LEU A 201 31.34 2.16 -17.66
N VAL A 202 32.15 3.04 -18.25
CA VAL A 202 33.06 2.61 -19.27
C VAL A 202 34.08 1.59 -18.74
N ALA A 203 34.64 1.83 -17.55
CA ALA A 203 35.62 0.93 -16.95
C ALA A 203 35.00 -0.46 -16.64
N VAL A 204 33.79 -0.44 -16.11
CA VAL A 204 33.06 -1.65 -15.80
C VAL A 204 32.68 -2.41 -17.10
N ALA A 205 32.27 -1.69 -18.14
CA ALA A 205 32.04 -2.30 -19.43
C ALA A 205 33.31 -3.01 -19.93
N ASN A 206 34.44 -2.30 -19.92
CA ASN A 206 35.73 -2.89 -20.30
C ASN A 206 36.08 -4.17 -19.51
N GLU A 207 35.86 -4.16 -18.20
CA GLU A 207 36.07 -5.34 -17.35
C GLU A 207 35.14 -6.53 -17.67
N ASN A 208 34.01 -6.27 -18.33
CA ASN A 208 33.03 -7.30 -18.66
C ASN A 208 32.98 -7.58 -20.19
N GLU A 209 33.98 -7.05 -20.89
CA GLU A 209 34.15 -7.24 -22.32
C GLU A 209 32.95 -6.70 -23.10
N VAL A 210 32.41 -5.57 -22.65
CA VAL A 210 31.36 -4.90 -23.40
C VAL A 210 31.89 -3.59 -24.01
N ASP A 211 31.69 -3.40 -25.32
CA ASP A 211 31.85 -2.10 -25.96
C ASP A 211 30.78 -1.13 -25.45
N PHE A 212 31.20 -0.09 -24.74
CA PHE A 212 30.31 1.02 -24.40
C PHE A 212 30.23 1.93 -25.60
N VAL A 213 29.08 2.02 -26.24
CA VAL A 213 28.91 2.85 -27.41
C VAL A 213 28.10 4.07 -26.96
N TRP A 214 28.72 5.26 -26.97
CA TRP A 214 28.00 6.50 -26.59
C TRP A 214 27.34 7.11 -27.83
N ALA A 215 26.01 7.16 -27.83
CA ALA A 215 25.25 7.78 -28.92
C ALA A 215 24.91 9.26 -28.63
N ILE A 216 24.69 10.00 -29.71
CA ILE A 216 24.25 11.36 -29.68
C ILE A 216 23.10 11.51 -30.64
N HIS A 217 22.17 12.40 -30.32
CA HIS A 217 20.87 12.53 -30.96
C HIS A 217 20.61 14.00 -31.28
N PRO A 218 21.26 14.51 -32.35
CA PRO A 218 21.39 15.94 -32.52
C PRO A 218 20.46 16.47 -33.60
N GLY A 219 19.66 15.60 -34.16
CA GLY A 219 19.01 15.93 -35.41
C GLY A 219 17.88 16.93 -35.36
N GLN A 220 17.17 17.06 -34.25
CA GLN A 220 15.99 17.94 -34.23
C GLN A 220 16.35 19.41 -34.43
N ASP A 221 17.50 19.81 -33.93
CA ASP A 221 17.95 21.21 -34.06
C ASP A 221 19.34 21.38 -34.69
N ILE A 222 19.91 20.31 -35.27
CA ILE A 222 21.25 20.44 -35.82
C ILE A 222 21.25 21.45 -36.96
N LYS A 223 22.28 22.29 -37.01
CA LYS A 223 22.49 23.15 -38.15
C LYS A 223 23.56 22.48 -38.98
N TRP A 224 23.39 22.41 -40.29
CA TRP A 224 24.43 21.86 -41.16
C TRP A 224 25.46 22.93 -41.48
N ASN A 225 26.20 23.36 -40.44
CA ASN A 225 27.29 24.31 -40.56
C ASN A 225 28.46 23.80 -39.73
N LYS A 226 29.56 24.56 -39.81
CA LYS A 226 30.80 24.33 -39.08
C LYS A 226 30.59 24.30 -37.59
N GLU A 227 29.81 25.25 -37.10
CA GLU A 227 29.72 25.47 -35.68
C GLU A 227 29.13 24.21 -35.01
N ASP A 228 28.05 23.68 -35.57
CA ASP A 228 27.43 22.47 -34.97
C ASP A 228 28.28 21.20 -35.23
N ARG A 229 28.94 21.14 -36.39
CA ARG A 229 29.81 20.00 -36.68
C ARG A 229 30.94 19.98 -35.65
N ASP A 230 31.56 21.14 -35.42
CA ASP A 230 32.61 21.26 -34.41
C ASP A 230 32.12 20.89 -32.99
N LEU A 231 30.90 21.29 -32.62
CA LEU A 231 30.46 21.03 -31.27
C LEU A 231 30.25 19.55 -31.11
N LEU A 232 29.67 18.92 -32.13
CA LEU A 232 29.47 17.47 -32.09
C LEU A 232 30.80 16.74 -31.92
N LEU A 233 31.81 17.15 -32.68
CA LEU A 233 33.12 16.55 -32.59
C LEU A 233 33.78 16.80 -31.25
N ALA A 234 33.58 18.00 -30.70
CA ALA A 234 34.12 18.33 -29.38
C ALA A 234 33.46 17.50 -28.30
N LYS A 235 32.16 17.32 -28.39
CA LYS A 235 31.46 16.41 -27.45
C LYS A 235 32.01 14.98 -27.54
N PHE A 236 32.18 14.47 -28.75
CA PHE A 236 32.76 13.14 -28.95
C PHE A 236 34.17 13.05 -28.35
N GLU A 237 34.98 14.10 -28.54
CA GLU A 237 36.28 14.16 -27.92
C GLU A 237 36.21 14.11 -26.40
N LYS A 238 35.27 14.82 -25.78
CA LYS A 238 35.13 14.73 -24.33
C LYS A 238 34.75 13.33 -23.89
N MET A 239 33.88 12.69 -24.63
CA MET A 239 33.51 11.32 -24.28
C MET A 239 34.72 10.37 -24.39
N TYR A 240 35.54 10.58 -25.41
CA TYR A 240 36.77 9.79 -25.56
C TYR A 240 37.71 9.94 -24.34
N GLN A 241 37.87 11.19 -23.87
CA GLN A 241 38.63 11.47 -22.66
C GLN A 241 38.04 10.76 -21.45
N LEU A 242 36.75 10.49 -21.45
CA LEU A 242 36.13 9.67 -20.39
C LEU A 242 36.28 8.16 -20.61
N GLY A 243 36.85 7.76 -21.73
CA GLY A 243 37.18 6.35 -21.96
C GLY A 243 36.36 5.73 -23.09
N VAL A 244 35.41 6.49 -23.62
CA VAL A 244 34.54 5.94 -24.65
C VAL A 244 35.34 5.65 -25.91
N ARG A 245 35.14 4.46 -26.46
CA ARG A 245 35.85 4.03 -27.67
C ARG A 245 34.92 3.59 -28.83
N SER A 246 33.60 3.69 -28.67
CA SER A 246 32.66 3.47 -29.74
C SER A 246 31.59 4.56 -29.68
N PHE A 247 31.05 4.92 -30.84
CA PHE A 247 30.22 6.11 -31.01
C PHE A 247 29.07 5.89 -31.97
N ALA A 248 27.97 6.58 -31.72
CA ALA A 248 26.80 6.50 -32.58
C ALA A 248 26.17 7.87 -32.72
N VAL A 249 25.57 8.11 -33.88
CA VAL A 249 24.77 9.28 -34.14
C VAL A 249 23.38 8.79 -34.57
N PHE A 250 22.37 9.17 -33.79
CA PHE A 250 20.98 8.80 -34.07
C PHE A 250 20.17 9.93 -34.69
N PHE A 251 19.42 9.63 -35.74
CA PHE A 251 18.54 10.58 -36.41
C PHE A 251 17.05 10.16 -36.40
N ASP A 252 16.68 9.40 -35.37
CA ASP A 252 15.36 8.80 -35.27
C ASP A 252 14.40 9.80 -34.58
N ASP A 253 13.17 9.83 -35.09
CA ASP A 253 12.04 10.56 -34.48
C ASP A 253 12.30 12.05 -34.50
N ILE A 254 12.67 12.58 -35.67
CA ILE A 254 12.91 13.97 -35.88
C ILE A 254 12.24 14.46 -37.15
N SER A 255 12.06 15.77 -37.25
CA SER A 255 11.62 16.41 -38.48
C SER A 255 12.52 17.58 -38.78
N GLY A 256 12.45 18.07 -40.01
CA GLY A 256 13.22 19.24 -40.41
C GLY A 256 14.51 18.85 -41.11
N GLU A 257 15.42 19.81 -41.17
CA GLU A 257 16.62 19.72 -42.00
C GLU A 257 17.57 18.62 -41.58
N GLY A 258 17.51 18.29 -40.29
CA GLY A 258 18.24 17.17 -39.75
C GLY A 258 17.96 15.81 -40.37
N THR A 259 16.93 15.72 -41.21
CA THR A 259 16.51 14.44 -41.83
C THR A 259 17.13 14.26 -43.20
N ASN A 260 18.06 15.13 -43.57
CA ASN A 260 18.63 15.14 -44.91
C ASN A 260 19.68 14.03 -45.04
N PRO A 261 19.48 13.07 -45.97
CA PRO A 261 20.36 11.89 -45.99
C PRO A 261 21.82 12.22 -46.41
N GLN A 262 21.97 13.02 -47.46
CA GLN A 262 23.29 13.42 -47.92
C GLN A 262 24.08 14.13 -46.79
N LYS A 263 23.42 14.99 -46.03
CA LYS A 263 24.06 15.71 -44.94
C LYS A 263 24.42 14.79 -43.78
N GLN A 264 23.51 13.88 -43.46
CA GLN A 264 23.78 12.87 -42.44
C GLN A 264 24.98 12.04 -42.86
N ALA A 265 24.99 11.58 -44.11
CA ALA A 265 26.11 10.75 -44.59
C ALA A 265 27.41 11.55 -44.55
N GLU A 266 27.37 12.79 -45.01
CA GLU A 266 28.58 13.64 -44.95
C GLU A 266 29.09 13.85 -43.52
N LEU A 267 28.19 14.08 -42.57
CA LEU A 267 28.58 14.19 -41.17
C LEU A 267 29.25 12.94 -40.66
N LEU A 268 28.61 11.79 -40.87
CA LEU A 268 29.17 10.55 -40.33
C LEU A 268 30.52 10.21 -40.98
N ASN A 269 30.68 10.49 -42.26
CA ASN A 269 31.97 10.21 -42.90
C ASN A 269 33.06 11.18 -42.43
N TYR A 270 32.66 12.41 -42.12
CA TYR A 270 33.59 13.37 -41.51
C TYR A 270 34.04 12.85 -40.14
N ILE A 271 33.09 12.35 -39.31
CA ILE A 271 33.46 11.81 -37.99
C ILE A 271 34.42 10.64 -38.16
N ASP A 272 34.08 9.80 -39.12
CA ASP A 272 34.88 8.60 -39.48
C ASP A 272 36.31 8.96 -39.84
N GLU A 273 36.45 9.91 -40.75
CA GLU A 273 37.76 10.20 -41.33
C GLU A 273 38.61 11.15 -40.48
N LYS A 274 37.99 12.05 -39.74
CA LYS A 274 38.72 12.99 -38.86
C LYS A 274 38.83 12.57 -37.39
N PHE A 275 38.10 11.54 -36.98
CA PHE A 275 38.00 11.21 -35.56
C PHE A 275 38.17 9.70 -35.40
N ALA A 276 37.23 8.89 -35.89
CA ALA A 276 37.31 7.47 -35.68
C ALA A 276 38.59 6.86 -36.28
N GLN A 277 39.10 7.42 -37.37
CA GLN A 277 40.27 6.82 -38.05
C GLN A 277 41.54 7.51 -37.59
N VAL A 278 41.43 8.70 -37.01
CA VAL A 278 42.58 9.36 -36.42
C VAL A 278 42.96 8.73 -35.07
N LYS A 279 42.00 8.51 -34.18
CA LYS A 279 42.32 7.80 -32.92
C LYS A 279 42.94 6.41 -33.19
N PRO A 280 43.75 5.91 -32.25
CA PRO A 280 44.36 4.60 -32.46
C PRO A 280 43.39 3.41 -32.29
N ASP A 281 42.24 3.61 -31.65
CA ASP A 281 41.59 2.56 -30.89
C ASP A 281 40.03 2.73 -30.79
N ILE A 282 39.42 3.29 -31.83
CA ILE A 282 37.99 3.33 -31.92
C ILE A 282 37.44 2.10 -32.63
N ASN A 283 36.44 1.48 -31.99
CA ASN A 283 35.79 0.24 -32.47
C ASN A 283 34.55 0.49 -33.34
N GLN A 284 33.37 0.61 -32.73
CA GLN A 284 32.16 0.72 -33.52
C GLN A 284 31.82 2.18 -33.82
N LEU A 285 31.39 2.43 -35.05
CA LEU A 285 30.77 3.69 -35.44
C LEU A 285 29.44 3.34 -36.13
N VAL A 286 28.35 3.85 -35.56
CA VAL A 286 27.00 3.40 -35.84
C VAL A 286 26.07 4.59 -36.01
N MET A 287 25.17 4.53 -36.99
CA MET A 287 24.15 5.56 -37.13
C MET A 287 22.77 4.97 -37.19
N CYS A 288 21.78 5.73 -36.64
CA CYS A 288 20.37 5.35 -36.76
C CYS A 288 19.71 6.28 -37.74
N PRO A 289 19.21 5.74 -38.83
CA PRO A 289 18.61 6.58 -39.85
C PRO A 289 17.27 7.18 -39.42
N THR A 290 16.81 8.19 -40.15
CA THR A 290 15.49 8.76 -39.94
C THR A 290 14.39 7.82 -40.42
N GLU A 291 14.57 7.24 -41.61
CA GLU A 291 13.75 6.12 -42.05
C GLU A 291 14.36 4.81 -41.51
N TYR A 292 13.92 4.44 -40.30
CA TYR A 292 14.53 3.33 -39.59
C TYR A 292 13.72 2.05 -39.62
N ASN A 293 12.61 2.07 -40.34
CA ASN A 293 11.84 0.87 -40.62
C ASN A 293 11.11 1.04 -41.97
N LYS A 294 10.67 -0.07 -42.57
CA LYS A 294 10.12 -0.02 -43.93
C LYS A 294 8.86 0.85 -44.05
N SER A 295 7.97 0.77 -43.07
CA SER A 295 6.73 1.55 -43.11
C SER A 295 7.02 3.06 -43.10
N TRP A 296 8.10 3.46 -42.47
CA TRP A 296 8.44 4.87 -42.44
C TRP A 296 9.28 5.30 -43.65
N SER A 297 9.57 4.38 -44.57
CA SER A 297 10.45 4.67 -45.67
C SER A 297 9.62 5.10 -46.85
N ASN A 298 9.91 6.28 -47.39
CA ASN A 298 9.10 6.88 -48.43
C ASN A 298 9.65 6.53 -49.82
N PRO A 299 8.99 5.60 -50.54
CA PRO A 299 9.44 5.20 -51.86
C PRO A 299 9.38 6.30 -52.90
N ASN A 300 8.63 7.37 -52.64
CA ASN A 300 8.61 8.56 -53.53
C ASN A 300 9.96 9.34 -53.48
N GLY A 301 10.70 9.18 -52.39
CA GLY A 301 12.05 9.75 -52.28
C GLY A 301 13.13 8.68 -52.42
N ASN A 302 14.33 8.98 -51.92
CA ASN A 302 15.55 8.19 -52.18
C ASN A 302 16.45 8.08 -50.95
N TYR A 303 15.86 8.09 -49.76
CA TYR A 303 16.62 8.34 -48.55
C TYR A 303 17.62 7.19 -48.23
N LEU A 304 17.11 5.96 -48.28
CA LEU A 304 17.90 4.80 -47.86
C LEU A 304 19.01 4.51 -48.86
N THR A 305 18.73 4.61 -50.15
CA THR A 305 19.75 4.34 -51.16
C THR A 305 20.82 5.45 -51.16
N THR A 306 20.43 6.65 -50.71
CA THR A 306 21.39 7.74 -50.56
C THR A 306 22.34 7.42 -49.41
N LEU A 307 21.85 6.97 -48.27
CA LEU A 307 22.76 6.58 -47.18
C LEU A 307 23.65 5.43 -47.58
N GLY A 308 23.04 4.41 -48.19
CA GLY A 308 23.74 3.22 -48.55
C GLY A 308 24.90 3.47 -49.49
N ASP A 309 24.69 4.38 -50.45
CA ASP A 309 25.70 4.70 -51.45
C ASP A 309 26.75 5.68 -50.92
N LYS A 310 26.38 6.57 -50.01
CA LYS A 310 27.34 7.59 -49.56
C LYS A 310 28.04 7.26 -48.25
N LEU A 311 27.35 6.64 -47.32
CA LEU A 311 27.96 6.39 -46.01
C LEU A 311 29.15 5.44 -46.13
N ASN A 312 30.29 5.76 -45.51
CA ASN A 312 31.44 4.84 -45.59
C ASN A 312 31.03 3.45 -45.15
N PRO A 313 31.60 2.43 -45.80
CA PRO A 313 31.01 1.11 -45.57
C PRO A 313 31.25 0.52 -44.18
N SER A 314 32.30 0.91 -43.47
CA SER A 314 32.48 0.41 -42.12
C SER A 314 31.40 0.92 -41.15
N ILE A 315 30.65 1.94 -41.54
CA ILE A 315 29.69 2.53 -40.61
C ILE A 315 28.40 1.69 -40.63
N GLN A 316 27.91 1.33 -39.45
CA GLN A 316 26.68 0.51 -39.34
C GLN A 316 25.45 1.38 -39.49
N ILE A 317 24.38 0.79 -40.00
CA ILE A 317 23.11 1.51 -40.19
C ILE A 317 22.04 0.70 -39.50
N MET A 318 21.37 1.29 -38.52
CA MET A 318 20.38 0.56 -37.70
C MET A 318 19.01 0.47 -38.35
N TRP A 319 18.19 -0.46 -37.88
CA TRP A 319 16.96 -0.83 -38.59
C TRP A 319 16.10 -1.64 -37.62
N THR A 320 14.82 -1.27 -37.50
CA THR A 320 13.91 -1.93 -36.55
C THR A 320 12.99 -2.95 -37.22
N GLY A 321 13.17 -3.16 -38.52
CA GLY A 321 12.31 -4.08 -39.26
C GLY A 321 11.31 -3.43 -40.19
N ASP A 322 10.24 -4.16 -40.49
CA ASP A 322 9.24 -3.68 -41.43
C ASP A 322 8.38 -2.57 -40.83
N ARG A 323 8.35 -2.48 -39.50
CA ARG A 323 7.60 -1.44 -38.81
C ARG A 323 8.39 -1.00 -37.59
N VAL A 324 7.98 0.13 -36.98
CA VAL A 324 8.60 0.65 -35.76
C VAL A 324 8.74 -0.47 -34.74
N ILE A 325 7.69 -1.23 -34.52
CA ILE A 325 7.77 -2.39 -33.65
C ILE A 325 7.51 -3.58 -34.54
N SER A 326 8.56 -4.37 -34.77
CA SER A 326 8.46 -5.60 -35.58
C SER A 326 9.51 -6.63 -35.25
N ASP A 327 9.22 -7.87 -35.67
CA ASP A 327 10.21 -8.93 -35.56
C ASP A 327 10.90 -9.09 -36.91
N ILE A 328 12.15 -9.54 -36.91
CA ILE A 328 12.96 -9.52 -38.12
C ILE A 328 12.75 -10.81 -38.93
N THR A 329 12.41 -10.67 -40.21
CA THR A 329 12.19 -11.78 -41.11
C THR A 329 13.29 -11.82 -42.20
N ARG A 330 13.27 -12.89 -42.98
CA ARG A 330 14.21 -13.02 -44.06
C ARG A 330 13.94 -12.01 -45.15
N ASP A 331 12.69 -11.90 -45.58
CA ASP A 331 12.35 -10.98 -46.66
C ASP A 331 12.61 -9.51 -46.21
N GLY A 332 12.38 -9.22 -44.93
CA GLY A 332 12.56 -7.89 -44.36
C GLY A 332 14.01 -7.43 -44.33
N ILE A 333 14.91 -8.30 -43.86
CA ILE A 333 16.33 -7.97 -43.79
C ILE A 333 16.91 -7.90 -45.20
N SER A 334 16.43 -8.77 -46.08
CA SER A 334 16.75 -8.70 -47.49
C SER A 334 16.40 -7.36 -48.10
N TRP A 335 15.18 -6.90 -47.84
CA TRP A 335 14.67 -5.61 -48.34
C TRP A 335 15.54 -4.43 -47.95
N ILE A 336 15.87 -4.32 -46.66
CA ILE A 336 16.74 -3.22 -46.20
C ILE A 336 18.20 -3.32 -46.72
N ASN A 337 18.78 -4.52 -46.64
CA ASN A 337 20.16 -4.78 -47.07
C ASN A 337 20.45 -4.43 -48.51
N GLU A 338 19.49 -4.69 -49.39
CA GLU A 338 19.64 -4.29 -50.80
C GLU A 338 19.83 -2.78 -50.89
N ARG A 339 19.15 -2.03 -50.04
CA ARG A 339 19.14 -0.56 -50.16
C ARG A 339 20.33 0.11 -49.49
N ILE A 340 20.72 -0.35 -48.31
CA ILE A 340 21.84 0.25 -47.57
C ILE A 340 23.20 -0.38 -47.94
N LYS A 341 23.17 -1.40 -48.79
CA LYS A 341 24.38 -2.05 -49.36
C LYS A 341 25.35 -2.54 -48.30
N ARG A 342 24.78 -2.98 -47.18
CA ARG A 342 25.53 -3.61 -46.12
C ARG A 342 24.53 -4.34 -45.23
N PRO A 343 25.02 -5.24 -44.35
CA PRO A 343 24.08 -5.91 -43.49
C PRO A 343 23.61 -4.97 -42.37
N ALA A 344 22.30 -4.96 -42.18
CA ALA A 344 21.68 -4.06 -41.21
C ALA A 344 22.05 -4.45 -39.78
N TYR A 345 22.20 -3.42 -38.97
CA TYR A 345 22.43 -3.58 -37.55
C TYR A 345 21.07 -3.43 -36.87
N ILE A 346 20.52 -4.54 -36.41
CA ILE A 346 19.13 -4.51 -35.97
C ILE A 346 18.94 -3.81 -34.64
N TRP A 347 17.94 -2.94 -34.59
CA TRP A 347 17.49 -2.31 -33.36
C TRP A 347 16.10 -2.89 -33.11
N TRP A 348 16.00 -3.90 -32.24
CA TRP A 348 14.73 -4.60 -32.06
C TRP A 348 13.95 -3.93 -30.95
N ASN A 349 12.79 -3.38 -31.28
CA ASN A 349 12.01 -2.60 -30.30
C ASN A 349 11.12 -3.50 -29.43
N PHE A 350 11.76 -4.38 -28.66
CA PHE A 350 11.13 -5.19 -27.63
C PHE A 350 12.21 -5.55 -26.62
N PRO A 351 11.99 -5.43 -25.32
CA PRO A 351 10.68 -5.24 -24.67
C PRO A 351 10.25 -3.81 -24.38
N VAL A 352 10.84 -2.84 -25.10
CA VAL A 352 10.50 -1.42 -24.83
C VAL A 352 8.98 -1.25 -24.71
N SER A 353 8.57 -0.55 -23.66
CA SER A 353 7.15 -0.39 -23.27
C SER A 353 6.73 1.08 -23.14
N ASP A 354 7.52 1.96 -23.74
CA ASP A 354 7.40 3.39 -23.54
C ASP A 354 6.19 4.01 -24.24
N TYR A 355 5.48 3.19 -25.01
CA TYR A 355 4.20 3.55 -25.60
C TYR A 355 3.05 2.75 -25.00
N VAL A 356 3.34 1.79 -24.11
CA VAL A 356 2.33 1.09 -23.33
C VAL A 356 2.80 1.01 -21.87
N ARG A 357 3.05 2.17 -21.29
CA ARG A 357 3.76 2.24 -20.03
C ARG A 357 3.01 1.70 -18.84
N ASP A 358 1.74 1.36 -19.03
CA ASP A 358 0.93 0.76 -17.96
C ASP A 358 1.03 -0.77 -17.97
N HIS A 359 1.81 -1.32 -18.89
CA HIS A 359 2.05 -2.81 -18.97
C HIS A 359 3.52 -3.15 -18.74
N LEU A 360 3.79 -4.26 -18.06
CA LEU A 360 5.10 -4.87 -18.13
C LEU A 360 5.08 -5.91 -19.25
N LEU A 361 6.22 -6.04 -19.95
CA LEU A 361 6.36 -7.02 -21.03
C LEU A 361 7.41 -8.05 -20.67
N LEU A 362 6.95 -9.10 -20.00
CA LEU A 362 7.86 -10.05 -19.37
C LEU A 362 7.80 -11.42 -20.05
N GLY A 363 7.24 -11.47 -21.26
CA GLY A 363 7.11 -12.74 -21.98
C GLY A 363 8.39 -13.15 -22.70
N PRO A 364 8.37 -14.36 -23.28
CA PRO A 364 9.46 -14.83 -24.10
C PRO A 364 9.76 -13.94 -25.29
N VAL A 365 10.99 -14.09 -25.78
CA VAL A 365 11.46 -13.45 -26.98
C VAL A 365 11.27 -14.36 -28.16
N TYR A 366 10.47 -13.93 -29.12
CA TYR A 366 10.22 -14.74 -30.28
C TYR A 366 9.78 -13.93 -31.47
N GLY A 367 9.83 -14.58 -32.62
CA GLY A 367 9.37 -14.01 -33.89
C GLY A 367 10.48 -13.65 -34.88
N ASN A 368 11.72 -13.57 -34.40
CA ASN A 368 12.85 -13.19 -35.25
C ASN A 368 13.41 -14.46 -35.93
N ASP A 369 13.57 -14.41 -37.24
CA ASP A 369 14.00 -15.59 -38.03
C ASP A 369 15.36 -15.99 -37.54
N THR A 370 15.56 -17.29 -37.41
CA THR A 370 16.70 -17.87 -36.73
C THR A 370 17.77 -18.29 -37.75
N THR A 371 17.56 -18.05 -39.05
CA THR A 371 18.48 -18.49 -40.09
C THR A 371 19.23 -17.36 -40.81
N ILE A 372 19.12 -16.14 -40.31
CA ILE A 372 19.51 -14.96 -41.10
C ILE A 372 20.68 -14.22 -40.44
N ALA A 373 21.40 -14.93 -39.57
CA ALA A 373 22.54 -14.41 -38.86
C ALA A 373 23.59 -13.79 -39.80
N LYS A 374 23.88 -14.44 -40.92
CA LYS A 374 24.82 -13.83 -41.87
C LYS A 374 24.31 -12.49 -42.42
N GLU A 375 23.01 -12.21 -42.33
CA GLU A 375 22.42 -11.05 -42.99
C GLU A 375 22.36 -9.81 -42.08
N MET A 376 22.85 -9.93 -40.84
CA MET A 376 22.86 -8.83 -39.90
C MET A 376 24.25 -8.54 -39.35
N SER A 377 24.56 -7.25 -39.23
CA SER A 377 25.84 -6.85 -38.69
C SER A 377 25.78 -6.90 -37.19
N GLY A 378 24.57 -6.69 -36.66
CA GLY A 378 24.39 -6.61 -35.23
C GLY A 378 22.94 -6.83 -34.86
N PHE A 379 22.73 -7.12 -33.59
CA PHE A 379 21.37 -7.23 -33.00
C PHE A 379 21.40 -6.72 -31.59
N VAL A 380 20.61 -5.68 -31.33
CA VAL A 380 20.49 -5.15 -29.98
C VAL A 380 19.01 -4.94 -29.69
N THR A 381 18.68 -5.10 -28.41
CA THR A 381 17.34 -4.88 -27.93
C THR A 381 17.22 -3.54 -27.24
N ASN A 382 16.10 -2.84 -27.53
CA ASN A 382 15.64 -1.66 -26.82
C ASN A 382 14.66 -2.09 -25.73
N PRO A 383 15.04 -1.99 -24.46
CA PRO A 383 14.33 -2.60 -23.35
C PRO A 383 13.33 -1.61 -22.73
N MET A 384 12.71 -2.05 -21.62
CA MET A 384 11.80 -1.23 -20.81
C MET A 384 12.68 -0.32 -19.97
N GLU A 385 12.11 0.78 -19.51
CA GLU A 385 12.80 1.58 -18.50
C GLU A 385 12.98 0.82 -17.22
N HIS A 386 12.25 -0.30 -17.05
CA HIS A 386 12.46 -1.18 -15.93
C HIS A 386 13.63 -2.14 -16.27
N ALA A 387 14.80 -1.84 -15.71
CA ALA A 387 16.06 -2.46 -16.10
C ALA A 387 16.10 -3.94 -15.70
N GLU A 388 15.82 -4.24 -14.42
CA GLU A 388 15.96 -5.61 -13.96
C GLU A 388 14.94 -6.46 -14.67
N SER A 389 13.70 -5.96 -14.80
CA SER A 389 12.62 -6.70 -15.45
C SER A 389 12.92 -7.00 -16.92
N SER A 390 13.72 -6.14 -17.55
CA SER A 390 14.17 -6.33 -18.94
C SER A 390 15.15 -7.47 -19.14
N LYS A 391 15.71 -8.00 -18.04
CA LYS A 391 16.75 -9.00 -18.11
C LYS A 391 16.19 -10.32 -18.69
N ILE A 392 14.86 -10.53 -18.62
CA ILE A 392 14.25 -11.74 -19.21
C ILE A 392 14.42 -11.71 -20.73
N ALA A 393 14.07 -10.57 -21.34
CA ALA A 393 14.23 -10.37 -22.76
C ALA A 393 15.69 -10.22 -23.16
N ILE A 394 16.49 -9.57 -22.34
CA ILE A 394 17.90 -9.36 -22.66
C ILE A 394 18.72 -10.66 -22.69
N TYR A 395 18.59 -11.45 -21.63
CA TYR A 395 19.08 -12.83 -21.57
C TYR A 395 18.71 -13.64 -22.81
N SER A 396 17.49 -13.47 -23.29
CA SER A 396 16.98 -14.30 -24.39
C SER A 396 17.53 -13.85 -25.74
N VAL A 397 17.62 -12.55 -25.91
CA VAL A 397 18.23 -11.97 -27.08
C VAL A 397 19.71 -12.37 -27.15
N ALA A 398 20.40 -12.34 -26.01
CA ALA A 398 21.78 -12.82 -25.94
C ALA A 398 21.91 -14.24 -26.48
N SER A 399 20.99 -15.10 -26.07
CA SER A 399 21.04 -16.51 -26.49
C SER A 399 20.77 -16.60 -27.99
N TYR A 400 19.76 -15.84 -28.42
CA TYR A 400 19.37 -15.85 -29.81
C TYR A 400 20.50 -15.36 -30.67
N ALA A 401 21.11 -14.24 -30.28
CA ALA A 401 22.06 -13.58 -31.12
C ALA A 401 23.34 -14.40 -31.27
N TRP A 402 23.75 -15.03 -30.18
CA TRP A 402 24.93 -15.84 -30.19
C TRP A 402 24.75 -17.13 -31.04
N ASN A 403 23.67 -17.85 -30.78
CA ASN A 403 23.43 -19.09 -31.52
C ASN A 403 21.99 -19.18 -32.01
N PRO A 404 21.67 -18.45 -33.08
CA PRO A 404 20.23 -18.43 -33.43
C PRO A 404 19.72 -19.79 -33.93
N ALA A 405 20.59 -20.60 -34.54
CA ALA A 405 20.20 -21.92 -35.05
C ALA A 405 19.67 -22.87 -33.96
N LYS A 406 20.13 -22.71 -32.73
CA LYS A 406 19.64 -23.52 -31.60
C LYS A 406 18.72 -22.71 -30.67
N TYR A 407 18.16 -21.60 -31.13
CA TYR A 407 17.37 -20.77 -30.26
C TYR A 407 16.06 -21.42 -29.86
N ASP A 408 15.88 -21.56 -28.54
CA ASP A 408 14.77 -22.24 -27.94
C ASP A 408 14.07 -21.19 -27.08
N THR A 409 12.96 -20.69 -27.61
CA THR A 409 12.25 -19.56 -27.07
C THR A 409 11.89 -19.79 -25.61
N TRP A 410 11.13 -20.88 -25.38
CA TRP A 410 10.58 -21.16 -24.09
C TRP A 410 11.62 -21.58 -23.07
N GLN A 411 12.52 -22.47 -23.42
CA GLN A 411 13.55 -22.86 -22.44
C GLN A 411 14.46 -21.70 -22.00
N THR A 412 14.80 -20.85 -22.95
CA THR A 412 15.62 -19.66 -22.70
C THR A 412 14.89 -18.70 -21.72
N TRP A 413 13.59 -18.51 -21.91
CA TRP A 413 12.77 -17.69 -21.02
C TRP A 413 12.78 -18.26 -19.62
N LYS A 414 12.49 -19.56 -19.50
CA LYS A 414 12.58 -20.22 -18.23
C LYS A 414 13.97 -20.12 -17.59
N ASP A 415 15.01 -20.30 -18.39
CA ASP A 415 16.38 -20.20 -17.88
C ASP A 415 16.72 -18.80 -17.42
N ALA A 416 16.26 -17.80 -18.16
CA ALA A 416 16.42 -16.36 -17.78
C ALA A 416 15.79 -16.09 -16.41
N ILE A 417 14.56 -16.53 -16.23
CA ILE A 417 13.85 -16.31 -14.99
C ILE A 417 14.54 -16.99 -13.80
N ARG A 418 15.00 -18.22 -14.03
CA ARG A 418 15.75 -18.96 -13.03
C ARG A 418 17.11 -18.35 -12.69
N THR A 419 17.68 -17.63 -13.65
CA THR A 419 18.92 -16.92 -13.42
C THR A 419 18.71 -15.66 -12.60
N ILE A 420 17.70 -14.88 -12.98
CA ILE A 420 17.39 -13.60 -12.38
C ILE A 420 16.84 -13.77 -10.95
N LEU A 421 16.06 -14.83 -10.69
CA LEU A 421 15.40 -15.00 -9.38
C LEU A 421 15.32 -16.47 -8.96
N PRO A 422 16.48 -17.06 -8.62
CA PRO A 422 16.52 -18.51 -8.39
C PRO A 422 15.65 -18.89 -7.21
N SER A 423 15.53 -18.01 -6.21
CA SER A 423 14.76 -18.33 -4.98
C SER A 423 13.26 -18.43 -5.23
N ALA A 424 12.78 -17.90 -6.35
CA ALA A 424 11.35 -17.82 -6.61
C ALA A 424 11.05 -17.81 -8.12
N ALA A 425 11.72 -18.70 -8.84
CA ALA A 425 11.59 -18.76 -10.29
C ALA A 425 10.18 -19.15 -10.73
N GLU A 426 9.59 -20.14 -10.07
CA GLU A 426 8.23 -20.55 -10.43
C GLU A 426 7.21 -19.40 -10.21
N GLU A 427 7.41 -18.64 -9.14
CA GLU A 427 6.53 -17.49 -8.83
C GLU A 427 6.70 -16.37 -9.89
N LEU A 428 7.94 -16.20 -10.37
CA LEU A 428 8.20 -15.22 -11.42
C LEU A 428 7.68 -15.68 -12.77
N GLU A 429 7.78 -17.00 -13.05
CA GLU A 429 7.22 -17.56 -14.26
C GLU A 429 5.74 -17.32 -14.28
N CYS A 430 5.09 -17.64 -13.17
CA CYS A 430 3.64 -17.39 -13.03
C CYS A 430 3.33 -15.93 -13.33
N PHE A 431 4.02 -15.04 -12.67
CA PHE A 431 3.74 -13.62 -12.87
C PHE A 431 4.03 -13.18 -14.34
N ALA A 432 5.17 -13.63 -14.87
CA ALA A 432 5.55 -13.27 -16.21
C ALA A 432 4.62 -13.80 -17.32
N MET A 433 4.12 -15.03 -17.17
N MET A 433 4.19 -15.05 -17.17
CA MET A 433 3.26 -15.63 -18.21
CA MET A 433 3.21 -15.69 -18.07
C MET A 433 1.95 -14.87 -18.41
C MET A 433 2.03 -14.78 -18.42
N HIS A 434 1.53 -14.15 -17.37
CA HIS A 434 0.31 -13.35 -17.42
C HIS A 434 0.61 -11.84 -17.43
N ASN A 435 1.83 -11.49 -17.83
CA ASN A 435 2.24 -10.10 -17.97
C ASN A 435 3.16 -10.00 -19.16
N SER A 436 2.64 -10.31 -20.34
CA SER A 436 3.47 -10.36 -21.57
C SER A 436 2.83 -9.61 -22.74
N ASP A 437 1.51 -9.50 -22.79
CA ASP A 437 0.86 -8.78 -23.87
C ASP A 437 0.94 -7.25 -23.61
N LEU A 438 0.89 -6.49 -24.69
CA LEU A 438 0.98 -5.05 -24.64
C LEU A 438 -0.39 -4.40 -24.52
N GLY A 439 -1.45 -5.16 -24.79
CA GLY A 439 -2.78 -4.57 -24.95
C GLY A 439 -2.86 -3.75 -26.24
N PRO A 440 -4.02 -3.17 -26.52
CA PRO A 440 -4.14 -2.43 -27.78
C PRO A 440 -3.22 -1.19 -27.84
N ASN A 441 -2.71 -0.93 -29.03
CA ASN A 441 -1.75 0.18 -29.24
C ASN A 441 -1.65 0.63 -30.67
N GLY A 442 -1.09 1.83 -30.89
CA GLY A 442 -1.06 2.44 -32.20
C GLY A 442 -0.20 1.67 -33.21
N HIS A 443 0.73 0.85 -32.73
CA HIS A 443 1.62 0.08 -33.60
C HIS A 443 1.00 -1.23 -34.01
N GLY A 444 -0.08 -1.64 -33.34
CA GLY A 444 -0.67 -2.98 -33.54
C GLY A 444 0.19 -4.18 -33.18
N TYR A 445 1.20 -3.98 -32.34
CA TYR A 445 2.11 -5.07 -31.96
C TYR A 445 1.59 -5.73 -30.71
N ARG A 446 1.46 -7.04 -30.76
CA ARG A 446 0.86 -7.80 -29.66
C ARG A 446 1.73 -8.97 -29.34
N ARG A 447 1.64 -9.48 -28.12
CA ARG A 447 2.31 -10.72 -27.75
C ARG A 447 1.28 -11.68 -27.14
N GLU A 448 1.59 -12.98 -27.17
CA GLU A 448 0.73 -13.96 -26.51
C GLU A 448 0.79 -13.74 -25.02
N GLU A 449 -0.20 -14.29 -24.34
CA GLU A 449 -0.28 -14.22 -22.89
C GLU A 449 -1.21 -15.30 -22.38
N SER A 450 -0.88 -15.87 -21.23
CA SER A 450 -1.77 -16.78 -20.52
C SER A 450 -2.24 -17.88 -21.47
N MET A 451 -1.31 -18.33 -22.33
N MET A 451 -1.38 -18.33 -22.38
CA MET A 451 -1.60 -19.30 -23.39
CA MET A 451 -1.82 -19.29 -23.40
C MET A 451 -2.10 -20.64 -22.79
C MET A 451 -2.15 -20.68 -22.78
N ASP A 452 -1.48 -21.05 -21.69
CA ASP A 452 -1.78 -22.28 -20.94
C ASP A 452 -3.27 -22.46 -20.62
N ILE A 453 -3.87 -21.38 -20.14
CA ILE A 453 -5.23 -21.44 -19.59
C ILE A 453 -6.32 -20.90 -20.54
N GLN A 454 -5.92 -20.39 -21.71
N GLN A 454 -5.93 -20.28 -21.66
CA GLN A 454 -6.80 -19.63 -22.62
CA GLN A 454 -6.88 -19.67 -22.61
C GLN A 454 -7.86 -20.50 -23.35
C GLN A 454 -7.97 -20.63 -23.06
N PRO A 455 -7.58 -21.81 -23.57
CA PRO A 455 -8.66 -22.68 -24.05
C PRO A 455 -9.73 -23.02 -23.00
N ALA A 456 -9.32 -23.28 -21.76
CA ALA A 456 -10.26 -23.57 -20.66
C ALA A 456 -11.08 -22.33 -20.26
N ALA A 457 -10.43 -21.17 -20.25
CA ALA A 457 -11.11 -19.91 -20.10
C ALA A 457 -12.18 -19.69 -21.17
N GLU A 458 -11.82 -19.87 -22.43
CA GLU A 458 -12.76 -19.67 -23.54
C GLU A 458 -13.91 -20.69 -23.62
N ARG A 459 -13.64 -21.96 -23.35
CA ARG A 459 -14.72 -22.93 -23.25
C ARG A 459 -15.69 -22.62 -22.10
N PHE A 460 -15.14 -22.26 -20.94
CA PHE A 460 -15.97 -22.00 -19.77
C PHE A 460 -16.94 -20.87 -20.08
N LEU A 461 -16.44 -19.81 -20.70
CA LEU A 461 -17.20 -18.55 -20.79
C LEU A 461 -18.31 -18.69 -21.81
N LYS A 462 -17.99 -19.32 -22.94
CA LYS A 462 -18.97 -19.64 -23.97
C LYS A 462 -20.11 -20.50 -23.45
N ALA A 463 -19.79 -21.49 -22.61
CA ALA A 463 -20.80 -22.37 -22.04
C ALA A 463 -21.66 -21.65 -21.02
N PHE A 464 -20.98 -21.02 -20.07
CA PHE A 464 -21.68 -20.28 -19.02
C PHE A 464 -22.68 -19.28 -19.64
N LYS A 465 -22.19 -18.55 -20.64
CA LYS A 465 -23.00 -17.56 -21.36
C LYS A 465 -24.19 -18.18 -22.05
N GLU A 466 -23.97 -19.30 -22.73
CA GLU A 466 -25.05 -19.99 -23.42
C GLU A 466 -26.02 -20.72 -22.51
N GLY A 467 -25.71 -20.84 -21.22
CA GLY A 467 -26.51 -21.66 -20.30
C GLY A 467 -26.29 -23.14 -20.49
N LYS A 468 -25.11 -23.52 -20.96
CA LYS A 468 -24.72 -24.92 -20.98
C LYS A 468 -23.76 -25.19 -19.84
N ASN A 469 -23.64 -26.47 -19.50
CA ASN A 469 -22.78 -26.93 -18.43
C ASN A 469 -21.32 -26.75 -18.79
N TYR A 470 -20.60 -25.93 -18.04
CA TYR A 470 -19.15 -25.81 -18.26
C TYR A 470 -18.50 -27.14 -17.86
N ASP A 471 -17.40 -27.50 -18.52
CA ASP A 471 -16.60 -28.63 -18.07
C ASP A 471 -16.01 -28.30 -16.69
N LYS A 472 -16.19 -29.23 -15.74
CA LYS A 472 -15.65 -29.11 -14.40
C LYS A 472 -14.16 -28.81 -14.40
N ALA A 473 -13.42 -29.54 -15.23
CA ALA A 473 -12.00 -29.42 -15.27
C ALA A 473 -11.61 -28.00 -15.64
N ASP A 474 -12.36 -27.37 -16.56
CA ASP A 474 -12.09 -25.97 -16.91
C ASP A 474 -12.26 -25.05 -15.71
N PHE A 475 -13.31 -25.28 -14.93
CA PHE A 475 -13.56 -24.50 -13.72
C PHE A 475 -12.39 -24.60 -12.72
N GLU A 476 -11.89 -25.80 -12.55
CA GLU A 476 -10.81 -26.09 -11.62
C GLU A 476 -9.47 -25.54 -12.04
N THR A 477 -9.21 -25.54 -13.35
CA THR A 477 -8.02 -24.92 -13.92
C THR A 477 -8.02 -23.43 -13.57
N LEU A 478 -9.21 -22.83 -13.62
CA LEU A 478 -9.33 -21.42 -13.38
C LEU A 478 -9.09 -21.12 -11.88
N GLN A 479 -9.69 -21.94 -11.03
CA GLN A 479 -9.47 -21.88 -9.58
C GLN A 479 -7.99 -21.98 -9.24
N TYR A 480 -7.31 -23.00 -9.78
CA TYR A 480 -5.88 -23.24 -9.54
C TYR A 480 -5.04 -22.02 -9.92
N THR A 481 -5.36 -21.47 -11.08
CA THR A 481 -4.67 -20.35 -11.64
C THR A 481 -4.75 -19.18 -10.71
N PHE A 482 -5.95 -18.89 -10.19
CA PHE A 482 -6.09 -17.73 -9.31
C PHE A 482 -5.37 -17.98 -8.00
N GLU A 483 -5.44 -19.21 -7.50
CA GLU A 483 -4.69 -19.59 -6.32
C GLU A 483 -3.17 -19.39 -6.49
N ARG A 484 -2.62 -19.93 -7.57
CA ARG A 484 -1.18 -19.82 -7.84
C ARG A 484 -0.73 -18.38 -7.96
N MET A 485 -1.52 -17.58 -8.68
CA MET A 485 -1.30 -16.14 -8.80
C MET A 485 -1.17 -15.46 -7.44
N LYS A 486 -2.04 -15.83 -6.48
CA LYS A 486 -1.99 -15.22 -5.13
C LYS A 486 -0.70 -15.60 -4.43
N GLU A 487 -0.37 -16.88 -4.49
CA GLU A 487 0.88 -17.33 -3.91
C GLU A 487 2.07 -16.59 -4.55
N SER A 488 2.08 -16.45 -5.88
CA SER A 488 3.23 -15.92 -6.58
C SER A 488 3.37 -14.44 -6.22
N ALA A 489 2.24 -13.73 -6.15
CA ALA A 489 2.24 -12.30 -5.84
C ALA A 489 2.81 -12.03 -4.45
N ASP A 490 2.30 -12.77 -3.49
CA ASP A 490 2.71 -12.60 -2.11
C ASP A 490 4.17 -12.96 -1.90
N ILE A 491 4.62 -14.02 -2.55
CA ILE A 491 6.04 -14.45 -2.44
C ILE A 491 6.98 -13.44 -3.07
N LEU A 492 6.57 -12.94 -4.22
CA LEU A 492 7.40 -11.99 -4.95
C LEU A 492 7.56 -10.66 -4.20
N LEU A 493 6.49 -10.21 -3.57
CA LEU A 493 6.55 -8.97 -2.79
C LEU A 493 7.61 -8.99 -1.72
N MET A 494 7.83 -10.14 -1.10
CA MET A 494 8.71 -10.23 0.05
C MET A 494 10.08 -10.81 -0.29
N ASN A 495 10.38 -11.00 -1.57
CA ASN A 495 11.62 -11.65 -1.96
C ASN A 495 12.77 -10.64 -1.84
N THR A 496 13.87 -10.98 -1.16
CA THR A 496 14.99 -10.07 -0.95
C THR A 496 16.21 -10.41 -1.77
N GLU A 497 16.08 -11.38 -2.69
CA GLU A 497 17.20 -11.79 -3.53
C GLU A 497 17.48 -10.78 -4.61
N ASN A 498 16.43 -10.28 -5.25
CA ASN A 498 16.58 -9.21 -6.21
C ASN A 498 15.64 -8.04 -5.86
N LYS A 499 16.09 -7.25 -4.91
CA LYS A 499 15.33 -6.09 -4.46
C LYS A 499 15.04 -5.09 -5.57
N PRO A 500 16.01 -4.84 -6.46
CA PRO A 500 15.64 -3.84 -7.45
C PRO A 500 14.58 -4.33 -8.44
N LEU A 501 14.57 -5.63 -8.73
CA LEU A 501 13.49 -6.21 -9.55
C LEU A 501 12.14 -6.00 -8.86
N ILE A 502 12.10 -6.34 -7.59
CA ILE A 502 10.87 -6.30 -6.85
C ILE A 502 10.34 -4.84 -6.74
N VAL A 503 11.21 -3.87 -6.49
CA VAL A 503 10.84 -2.45 -6.55
C VAL A 503 10.17 -2.10 -7.86
N GLU A 504 10.75 -2.54 -8.98
CA GLU A 504 10.18 -2.27 -10.30
C GLU A 504 8.76 -2.80 -10.48
N ILE A 505 8.56 -4.06 -10.13
CA ILE A 505 7.31 -4.73 -10.45
C ILE A 505 6.22 -4.63 -9.37
N THR A 506 6.56 -4.17 -8.16
CA THR A 506 5.61 -4.19 -7.02
C THR A 506 4.20 -3.66 -7.35
N PRO A 507 4.10 -2.50 -8.01
CA PRO A 507 2.73 -2.05 -8.26
C PRO A 507 1.89 -3.08 -9.04
N TRP A 508 2.50 -3.70 -10.04
CA TRP A 508 1.84 -4.68 -10.90
C TRP A 508 1.58 -5.95 -10.08
N VAL A 509 2.52 -6.33 -9.21
CA VAL A 509 2.32 -7.47 -8.32
C VAL A 509 1.11 -7.25 -7.41
N HIS A 510 0.94 -6.03 -6.90
CA HIS A 510 -0.28 -5.71 -6.13
C HIS A 510 -1.55 -5.86 -6.95
N GLN A 511 -1.53 -5.33 -8.16
CA GLN A 511 -2.69 -5.39 -9.05
C GLN A 511 -3.03 -6.84 -9.46
N PHE A 512 -1.99 -7.63 -9.57
CA PHE A 512 -2.06 -9.01 -10.01
C PHE A 512 -2.71 -9.81 -8.93
N LYS A 513 -2.31 -9.58 -7.69
CA LYS A 513 -2.95 -10.23 -6.58
C LYS A 513 -4.45 -9.88 -6.48
N LEU A 514 -4.81 -8.61 -6.62
CA LEU A 514 -6.22 -8.21 -6.67
C LEU A 514 -6.98 -8.90 -7.81
N THR A 515 -6.36 -8.98 -8.98
CA THR A 515 -6.95 -9.66 -10.12
C THR A 515 -7.31 -11.10 -9.72
N ALA A 516 -6.37 -11.76 -9.04
CA ALA A 516 -6.59 -13.14 -8.63
C ALA A 516 -7.68 -13.27 -7.58
N GLU A 517 -7.64 -12.39 -6.60
CA GLU A 517 -8.70 -12.39 -5.56
C GLU A 517 -10.09 -12.17 -6.14
N MET A 518 -10.15 -11.24 -7.08
CA MET A 518 -11.37 -10.97 -7.80
C MET A 518 -11.86 -12.18 -8.58
N GLY A 519 -10.96 -12.84 -9.31
CA GLY A 519 -11.28 -14.08 -10.01
C GLY A 519 -11.89 -15.15 -9.13
N GLU A 520 -11.30 -15.36 -7.95
CA GLU A 520 -11.79 -16.33 -6.97
C GLU A 520 -13.20 -16.03 -6.53
N GLU A 521 -13.45 -14.77 -6.20
CA GLU A 521 -14.75 -14.36 -5.69
C GLU A 521 -15.82 -14.43 -6.77
N VAL A 522 -15.45 -14.10 -8.00
CA VAL A 522 -16.38 -14.24 -9.11
C VAL A 522 -16.74 -15.74 -9.35
N LEU A 523 -15.76 -16.64 -9.25
CA LEU A 523 -16.03 -18.10 -9.40
C LEU A 523 -16.97 -18.59 -8.30
N LYS A 524 -16.83 -18.03 -7.11
CA LYS A 524 -17.79 -18.34 -6.03
C LYS A 524 -19.18 -17.83 -6.31
N MET A 525 -19.28 -16.68 -6.97
CA MET A 525 -20.57 -16.20 -7.43
C MET A 525 -21.21 -17.18 -8.44
N VAL A 526 -20.40 -17.79 -9.29
CA VAL A 526 -20.89 -18.79 -10.28
C VAL A 526 -21.46 -20.05 -9.61
N GLU A 527 -20.75 -20.48 -8.60
CA GLU A 527 -20.93 -21.72 -7.88
C GLU A 527 -22.00 -21.50 -6.84
N GLY A 528 -22.08 -20.25 -6.39
CA GLY A 528 -22.98 -19.81 -5.34
C GLY A 528 -24.35 -20.44 -5.42
N ARG A 529 -24.84 -20.86 -4.27
CA ARG A 529 -26.08 -21.56 -4.19
C ARG A 529 -27.01 -20.94 -3.15
N ASN A 530 -26.70 -19.77 -2.61
CA ASN A 530 -27.78 -18.98 -2.02
C ASN A 530 -27.55 -17.49 -2.12
N GLU A 531 -28.68 -16.81 -2.02
CA GLU A 531 -28.78 -15.39 -2.27
C GLU A 531 -27.81 -14.58 -1.38
N SER A 532 -27.78 -14.94 -0.11
CA SER A 532 -27.02 -14.20 0.88
C SER A 532 -25.49 -14.29 0.62
N TYR A 533 -25.05 -15.49 0.34
CA TYR A 533 -23.68 -15.76 0.04
C TYR A 533 -23.28 -15.06 -1.25
N PHE A 534 -24.13 -15.17 -2.27
CA PHE A 534 -23.87 -14.50 -3.53
C PHE A 534 -23.66 -13.00 -3.30
N LEU A 535 -24.52 -12.39 -2.47
CA LEU A 535 -24.45 -10.96 -2.21
C LEU A 535 -23.15 -10.53 -1.50
N ARG A 536 -22.75 -11.30 -0.51
CA ARG A 536 -21.42 -11.12 0.10
C ARG A 536 -20.29 -11.13 -0.96
N LYS A 537 -20.34 -12.04 -1.91
CA LYS A 537 -19.29 -12.16 -2.90
C LYS A 537 -19.36 -10.98 -3.85
N TYR A 538 -20.57 -10.61 -4.23
CA TYR A 538 -20.80 -9.41 -5.06
C TYR A 538 -20.22 -8.14 -4.44
N ASN A 539 -20.56 -7.89 -3.19
CA ASN A 539 -20.00 -6.76 -2.44
C ASN A 539 -18.49 -6.78 -2.37
N HIS A 540 -17.93 -7.96 -2.13
CA HIS A 540 -16.49 -8.11 -2.08
C HIS A 540 -15.86 -7.80 -3.45
N VAL A 541 -16.42 -8.34 -4.53
CA VAL A 541 -15.91 -8.03 -5.86
C VAL A 541 -15.91 -6.51 -6.07
N LYS A 542 -17.01 -5.83 -5.76
CA LYS A 542 -17.09 -4.37 -5.95
C LYS A 542 -15.94 -3.62 -5.25
N ALA A 543 -15.64 -4.04 -4.02
CA ALA A 543 -14.61 -3.43 -3.22
C ALA A 543 -13.26 -3.70 -3.79
N LEU A 544 -13.06 -4.91 -4.31
CA LEU A 544 -11.81 -5.24 -4.98
C LEU A 544 -11.62 -4.40 -6.24
N GLN A 545 -12.70 -4.19 -6.99
CA GLN A 545 -12.63 -3.29 -8.16
C GLN A 545 -12.16 -1.90 -7.73
N GLN A 546 -12.65 -1.45 -6.57
CA GLN A 546 -12.26 -0.14 -6.04
C GLN A 546 -10.81 -0.09 -5.65
N GLN A 547 -10.33 -1.16 -5.05
CA GLN A 547 -8.90 -1.27 -4.77
C GLN A 547 -8.03 -1.24 -6.03
N MET A 548 -8.42 -1.94 -7.08
CA MET A 548 -7.71 -1.86 -8.36
C MET A 548 -7.70 -0.43 -8.93
N PHE A 549 -8.80 0.29 -8.77
CA PHE A 549 -8.87 1.66 -9.25
C PHE A 549 -7.86 2.52 -8.51
N TYR A 550 -7.89 2.40 -7.19
CA TYR A 550 -6.92 3.05 -6.32
C TYR A 550 -5.46 2.84 -6.77
N ILE A 551 -5.06 1.59 -6.98
CA ILE A 551 -3.69 1.32 -7.43
C ILE A 551 -3.45 1.90 -8.80
N ASP A 552 -4.46 1.83 -9.67
CA ASP A 552 -4.38 2.42 -11.00
C ASP A 552 -4.20 3.99 -11.00
N GLN A 553 -4.61 4.63 -9.91
CA GLN A 553 -4.59 6.07 -9.81
C GLN A 553 -3.43 6.51 -8.95
N THR A 554 -2.75 5.60 -8.24
CA THR A 554 -1.69 6.05 -7.33
C THR A 554 -0.28 5.51 -7.63
N SER A 555 -0.19 4.50 -8.49
CA SER A 555 1.07 3.92 -8.91
C SER A 555 1.39 4.23 -10.37
N ASN A 556 2.68 4.36 -10.68
CA ASN A 556 3.13 4.51 -12.06
C ASN A 556 2.36 5.64 -12.73
N GLN A 557 2.30 6.79 -12.09
CA GLN A 557 1.56 7.92 -12.66
C GLN A 557 2.44 8.74 -13.63
N ASN A 558 2.84 8.11 -14.72
CA ASN A 558 3.54 8.79 -15.78
C ASN A 558 2.56 9.60 -16.63
N PRO A 559 3.09 10.49 -17.48
CA PRO A 559 2.19 11.35 -18.25
C PRO A 559 1.48 10.71 -19.45
N TYR A 560 1.84 9.50 -19.85
CA TYR A 560 1.40 9.01 -21.16
C TYR A 560 0.38 7.86 -21.03
N GLN A 561 0.75 6.81 -20.33
CA GLN A 561 -0.16 5.72 -20.04
C GLN A 561 -0.01 5.40 -18.55
N PRO A 562 -0.64 6.24 -17.68
CA PRO A 562 -0.49 6.08 -16.25
C PRO A 562 -1.20 4.85 -15.73
N GLY A 563 -0.72 4.37 -14.60
CA GLY A 563 -1.39 3.32 -13.89
C GLY A 563 -0.82 1.96 -14.17
N VAL A 564 -1.60 0.93 -13.86
CA VAL A 564 -1.06 -0.41 -13.68
C VAL A 564 -2.10 -1.39 -14.26
N LYS A 565 -1.77 -1.99 -15.40
CA LYS A 565 -2.59 -3.05 -16.00
C LYS A 565 -1.86 -4.38 -16.01
N THR A 566 -2.58 -5.47 -15.72
CA THR A 566 -1.97 -6.78 -15.58
C THR A 566 -2.96 -7.84 -16.01
N ALA A 567 -2.44 -8.93 -16.54
CA ALA A 567 -3.25 -10.06 -16.98
C ALA A 567 -4.38 -9.64 -17.88
N THR A 568 -4.06 -8.81 -18.86
CA THR A 568 -5.08 -8.14 -19.68
C THR A 568 -5.61 -8.96 -20.85
N ARG A 569 -4.83 -9.91 -21.36
CA ARG A 569 -5.19 -10.48 -22.64
C ARG A 569 -6.35 -11.43 -22.46
N VAL A 570 -6.24 -12.28 -21.44
CA VAL A 570 -7.19 -13.37 -21.26
C VAL A 570 -7.93 -13.28 -19.91
N ILE A 571 -7.17 -13.08 -18.83
CA ILE A 571 -7.74 -13.29 -17.50
C ILE A 571 -8.70 -12.14 -17.07
N LYS A 572 -8.31 -10.88 -17.24
N LYS A 572 -8.29 -10.89 -17.24
CA LYS A 572 -9.23 -9.80 -16.84
CA LYS A 572 -9.19 -9.77 -16.91
C LYS A 572 -10.52 -9.81 -17.68
C LYS A 572 -10.50 -9.84 -17.69
N PRO A 573 -10.43 -10.00 -19.01
CA PRO A 573 -11.66 -10.22 -19.79
C PRO A 573 -12.51 -11.39 -19.27
N LEU A 574 -11.84 -12.48 -18.92
CA LEU A 574 -12.60 -13.64 -18.49
C LEU A 574 -13.41 -13.25 -17.24
N ILE A 575 -12.72 -12.67 -16.29
CA ILE A 575 -13.33 -12.34 -15.01
C ILE A 575 -14.46 -11.31 -15.24
N ASP A 576 -14.16 -10.25 -15.99
CA ASP A 576 -15.15 -9.19 -16.26
C ASP A 576 -16.44 -9.77 -16.85
N ARG A 577 -16.31 -10.63 -17.87
CA ARG A 577 -17.45 -11.11 -18.64
C ARG A 577 -18.25 -12.14 -17.85
N THR A 578 -17.54 -12.85 -16.99
CA THR A 578 -18.13 -13.82 -16.10
C THR A 578 -18.93 -13.11 -14.99
N PHE A 579 -18.33 -12.09 -14.40
CA PHE A 579 -19.04 -11.25 -13.45
C PHE A 579 -20.31 -10.65 -14.05
N ALA A 580 -20.18 -10.06 -15.24
CA ALA A 580 -21.29 -9.38 -15.88
C ALA A 580 -22.42 -10.35 -16.16
N THR A 581 -22.03 -11.52 -16.64
CA THR A 581 -22.97 -12.58 -16.99
C THR A 581 -23.71 -13.11 -15.77
N VAL A 582 -22.98 -13.42 -14.70
CA VAL A 582 -23.60 -13.99 -13.53
C VAL A 582 -24.46 -12.98 -12.71
N VAL A 583 -24.09 -11.71 -12.76
CA VAL A 583 -24.94 -10.67 -12.25
C VAL A 583 -26.21 -10.58 -13.07
N LYS A 584 -26.10 -10.67 -14.38
CA LYS A 584 -27.29 -10.69 -15.21
C LYS A 584 -28.24 -11.85 -14.82
N PHE A 585 -27.68 -13.03 -14.55
CA PHE A 585 -28.49 -14.19 -14.21
C PHE A 585 -29.10 -14.03 -12.82
N PHE A 586 -28.36 -13.44 -11.89
CA PHE A 586 -28.93 -13.19 -10.56
C PHE A 586 -30.15 -12.26 -10.66
N ASN A 587 -30.02 -11.25 -11.50
CA ASN A 587 -31.00 -10.18 -11.63
C ASN A 587 -32.27 -10.72 -12.26
N GLN A 588 -32.10 -11.55 -13.30
CA GLN A 588 -33.22 -12.26 -13.88
C GLN A 588 -33.89 -13.12 -12.84
N LYS A 589 -33.08 -13.85 -12.10
CA LYS A 589 -33.59 -14.84 -11.19
C LYS A 589 -34.38 -14.22 -10.04
N PHE A 590 -33.82 -13.18 -9.43
CA PHE A 590 -34.42 -12.59 -8.24
C PHE A 590 -35.15 -11.29 -8.57
N ASN A 591 -35.31 -11.01 -9.85
CA ASN A 591 -35.88 -9.76 -10.31
C ASN A 591 -35.18 -8.61 -9.60
N ALA A 592 -33.86 -8.63 -9.60
CA ALA A 592 -33.08 -7.68 -8.86
C ALA A 592 -32.36 -6.77 -9.85
N HIS A 593 -31.69 -5.74 -9.34
CA HIS A 593 -31.02 -4.76 -10.19
C HIS A 593 -29.63 -4.48 -9.67
N LEU A 594 -28.85 -5.55 -9.48
CA LEU A 594 -27.42 -5.40 -9.19
C LEU A 594 -26.74 -4.81 -10.38
N ASP A 595 -25.82 -3.91 -10.07
CA ASP A 595 -25.03 -3.26 -11.07
C ASP A 595 -23.96 -4.25 -11.53
N ALA A 596 -23.80 -4.39 -12.86
CA ALA A 596 -22.84 -5.33 -13.45
C ALA A 596 -21.58 -4.71 -14.08
N THR A 597 -21.38 -3.41 -13.89
CA THR A 597 -20.16 -2.74 -14.25
C THR A 597 -18.96 -3.47 -13.69
N THR A 598 -17.89 -3.51 -14.46
CA THR A 598 -16.71 -4.30 -14.12
C THR A 598 -15.44 -3.50 -13.71
N ASP A 599 -15.48 -2.17 -13.87
CA ASP A 599 -14.42 -1.28 -13.38
C ASP A 599 -15.03 -0.12 -12.56
N TYR A 600 -14.49 0.09 -11.35
CA TYR A 600 -14.98 1.11 -10.45
C TYR A 600 -14.82 2.48 -11.09
N MET A 601 -15.85 3.29 -10.99
CA MET A 601 -15.80 4.65 -11.49
C MET A 601 -16.50 5.57 -10.50
N PRO A 602 -15.75 6.47 -9.83
CA PRO A 602 -16.41 7.33 -8.85
C PRO A 602 -17.35 8.36 -9.46
N HIS A 603 -17.15 8.70 -10.73
CA HIS A 603 -18.01 9.66 -11.41
C HIS A 603 -19.10 8.92 -12.15
N LYS A 604 -20.10 9.65 -12.64
CA LYS A 604 -21.20 9.05 -13.41
C LYS A 604 -21.34 9.72 -14.77
N MET A 605 -21.86 9.01 -15.75
CA MET A 605 -22.17 9.59 -17.05
C MET A 605 -23.37 8.92 -17.68
N ILE A 606 -24.55 9.26 -17.17
CA ILE A 606 -25.83 8.96 -17.83
C ILE A 606 -26.06 9.95 -18.98
N SER A 607 -26.40 9.47 -20.18
CA SER A 607 -26.30 10.33 -21.38
C SER A 607 -26.89 9.77 -22.66
N ASN A 608 -27.36 10.65 -23.53
CA ASN A 608 -27.74 10.29 -24.90
C ASN A 608 -26.54 9.88 -25.76
N VAL A 609 -26.81 9.09 -26.80
CA VAL A 609 -25.89 8.89 -27.94
C VAL A 609 -24.56 8.25 -27.53
N LYS A 613 -22.54 6.85 -24.92
CA LYS A 613 -23.72 6.27 -24.28
C LYS A 613 -23.35 5.14 -23.33
N ASN A 614 -22.90 4.00 -23.87
CA ASN A 614 -22.48 2.84 -23.05
C ASN A 614 -20.98 2.83 -22.74
N LEU A 615 -20.33 3.95 -23.03
CA LEU A 615 -18.89 4.06 -22.89
C LEU A 615 -18.55 4.28 -21.42
N PRO A 616 -17.58 3.51 -20.89
CA PRO A 616 -17.11 3.82 -19.54
C PRO A 616 -16.44 5.20 -19.51
N LEU A 617 -16.58 5.88 -18.39
CA LEU A 617 -15.67 6.96 -18.07
C LEU A 617 -14.32 6.37 -17.70
N GLN A 618 -13.26 7.15 -17.85
CA GLN A 618 -11.97 6.83 -17.23
C GLN A 618 -11.43 8.06 -16.52
N VAL A 619 -10.67 7.81 -15.45
CA VAL A 619 -9.86 8.82 -14.80
C VAL A 619 -8.38 8.59 -15.16
N LYS A 620 -7.76 9.62 -15.72
CA LYS A 620 -6.32 9.56 -15.97
C LYS A 620 -5.69 10.82 -15.42
N ALA A 621 -4.92 10.66 -14.36
CA ALA A 621 -4.38 11.79 -13.62
C ALA A 621 -5.54 12.70 -13.16
N ASN A 622 -5.52 13.97 -13.60
CA ASN A 622 -6.53 14.95 -13.25
C ASN A 622 -7.49 15.14 -14.40
N ARG A 623 -7.57 14.15 -15.28
CA ARG A 623 -8.56 14.16 -16.34
C ARG A 623 -9.71 13.19 -16.06
N VAL A 624 -10.91 13.56 -16.50
CA VAL A 624 -12.05 12.64 -16.58
C VAL A 624 -12.52 12.61 -18.02
N LEU A 625 -12.54 11.43 -18.62
CA LEU A 625 -12.77 11.31 -20.05
C LEU A 625 -13.75 10.17 -20.38
N ILE A 626 -14.48 10.33 -21.48
CA ILE A 626 -15.35 9.28 -21.97
C ILE A 626 -14.49 8.34 -22.84
N SER A 627 -14.59 7.03 -22.62
CA SER A 627 -13.81 6.09 -23.43
C SER A 627 -14.12 6.39 -24.89
N PRO A 628 -13.10 6.64 -25.72
CA PRO A 628 -13.41 6.64 -27.15
C PRO A 628 -13.80 5.24 -27.64
N ALA A 629 -14.90 5.12 -28.36
CA ALA A 629 -15.29 3.85 -28.99
C ALA A 629 -15.43 4.04 -30.50
N ASN A 630 -15.59 2.92 -31.21
CA ASN A 630 -15.27 2.87 -32.63
C ASN A 630 -16.41 3.23 -33.59
N GLU A 631 -17.65 3.29 -33.10
CA GLU A 631 -18.77 3.75 -33.94
C GLU A 631 -19.05 5.24 -33.78
N VAL A 641 -25.85 14.09 -23.26
CA VAL A 641 -24.50 13.81 -22.75
C VAL A 641 -24.13 14.56 -21.46
N GLU A 642 -24.40 13.94 -20.30
CA GLU A 642 -24.10 14.55 -18.99
C GLU A 642 -23.20 13.71 -18.05
N ILE A 643 -22.01 14.26 -17.75
CA ILE A 643 -21.09 13.76 -16.73
C ILE A 643 -21.36 14.42 -15.37
N GLU A 644 -21.48 13.63 -14.30
CA GLU A 644 -21.49 14.15 -12.93
C GLU A 644 -20.28 13.65 -12.18
N LEU A 645 -19.48 14.57 -11.64
CA LEU A 645 -18.33 14.18 -10.84
C LEU A 645 -18.75 13.87 -9.42
N ASP A 646 -17.84 13.30 -8.64
CA ASP A 646 -18.14 12.86 -7.28
C ASP A 646 -18.06 14.02 -6.30
N ALA A 647 -17.54 15.17 -6.75
CA ALA A 647 -17.41 16.35 -5.91
C ALA A 647 -17.36 17.60 -6.80
N ILE A 648 -17.24 18.74 -6.17
CA ILE A 648 -16.98 19.99 -6.89
C ILE A 648 -15.48 20.18 -6.93
N TYR A 649 -14.94 20.38 -8.13
CA TYR A 649 -13.50 20.71 -8.33
C TYR A 649 -13.33 21.99 -9.16
N PRO A 650 -12.17 22.66 -9.03
CA PRO A 650 -11.91 23.74 -9.98
C PRO A 650 -11.65 23.17 -11.36
N GLY A 651 -12.31 23.70 -12.38
CA GLY A 651 -12.05 23.25 -13.76
C GLY A 651 -10.85 23.92 -14.43
N GLU A 652 -10.12 23.16 -15.24
CA GLU A 652 -9.08 23.70 -16.13
C GLU A 652 -9.62 23.86 -17.54
N ASN A 653 -10.02 22.77 -18.18
CA ASN A 653 -10.55 22.86 -19.54
C ASN A 653 -11.36 21.65 -19.94
N ILE A 654 -12.05 21.78 -21.07
CA ILE A 654 -12.78 20.69 -21.69
C ILE A 654 -12.35 20.59 -23.15
N GLN A 655 -12.01 19.39 -23.58
CA GLN A 655 -11.68 19.11 -24.99
C GLN A 655 -12.48 17.93 -25.51
N ILE A 656 -13.05 18.09 -26.70
CA ILE A 656 -14.00 17.15 -27.28
C ILE A 656 -13.57 16.87 -28.73
N ASN A 657 -13.90 15.69 -29.27
CA ASN A 657 -13.59 15.38 -30.69
C ASN A 657 -14.72 14.83 -31.63
N PHE A 658 -14.77 13.51 -31.87
CA PHE A 658 -15.51 12.99 -33.04
C PHE A 658 -16.18 11.62 -32.82
N GLY A 659 -17.04 11.25 -33.77
CA GLY A 659 -17.49 9.86 -33.98
C GLY A 659 -19.01 9.68 -34.03
N LYS A 660 -19.71 10.65 -34.60
CA LYS A 660 -21.09 10.91 -34.19
C LYS A 660 -22.03 11.18 -35.35
N ASP A 661 -23.27 10.69 -35.24
CA ASP A 661 -24.33 11.03 -36.17
C ASP A 661 -25.14 12.25 -35.67
N ALA A 662 -25.81 12.10 -34.53
CA ALA A 662 -27.01 12.92 -34.21
C ALA A 662 -26.71 14.44 -34.20
N PRO A 663 -27.51 15.24 -34.93
CA PRO A 663 -27.37 16.70 -34.80
C PRO A 663 -27.96 17.23 -33.49
N GLY A 667 -25.72 20.71 -30.65
CA GLY A 667 -25.00 20.30 -29.44
C GLY A 667 -24.43 21.50 -28.70
N ARG A 668 -24.51 21.48 -27.36
CA ARG A 668 -24.48 22.73 -26.58
C ARG A 668 -23.94 22.51 -25.16
N LEU A 669 -22.76 23.08 -24.87
CA LEU A 669 -21.95 22.75 -23.70
C LEU A 669 -22.25 23.67 -22.51
N GLU A 670 -22.40 23.08 -21.32
CA GLU A 670 -22.65 23.85 -20.09
C GLU A 670 -21.97 23.21 -18.88
N ILE A 671 -22.06 23.88 -17.74
CA ILE A 671 -21.32 23.50 -16.55
C ILE A 671 -22.09 23.90 -15.30
N SER A 672 -21.96 23.12 -14.23
CA SER A 672 -22.73 23.37 -13.02
C SER A 672 -22.12 22.68 -11.81
N THR A 673 -22.52 23.18 -10.64
CA THR A 673 -22.08 22.64 -9.35
C THR A 673 -23.20 21.85 -8.67
N ASP A 674 -24.44 22.24 -8.92
CA ASP A 674 -25.62 21.56 -8.35
C ASP A 674 -26.47 20.87 -9.42
N GLY A 675 -26.08 21.01 -10.68
CA GLY A 675 -26.88 20.48 -11.77
C GLY A 675 -28.26 21.09 -11.81
N LYS A 676 -28.37 22.34 -11.39
CA LYS A 676 -29.60 23.09 -11.43
C LYS A 676 -29.37 24.36 -12.23
N GLU A 677 -28.39 25.15 -11.79
CA GLU A 677 -28.01 26.37 -12.48
C GLU A 677 -26.81 26.04 -13.35
N TRP A 678 -26.86 26.49 -14.60
CA TRP A 678 -25.90 26.09 -15.63
C TRP A 678 -25.27 27.30 -16.29
N LYS A 679 -23.94 27.38 -16.28
CA LYS A 679 -23.19 28.32 -17.11
C LYS A 679 -22.79 27.64 -18.41
N THR A 680 -23.26 28.18 -19.53
CA THR A 680 -22.74 27.81 -20.85
C THR A 680 -21.27 28.15 -20.95
N VAL A 681 -20.53 27.29 -21.64
CA VAL A 681 -19.11 27.48 -21.89
C VAL A 681 -18.88 27.48 -23.41
N ASP A 682 -17.96 28.34 -23.86
CA ASP A 682 -17.73 28.56 -25.31
C ASP A 682 -16.91 27.41 -25.87
N LEU A 683 -16.62 27.46 -27.18
CA LEU A 683 -15.69 26.50 -27.82
C LEU A 683 -14.98 27.16 -29.01
N SER A 691 -12.18 22.81 -27.95
CA SER A 691 -11.43 23.30 -26.77
C SER A 691 -12.13 24.47 -26.06
N ALA A 692 -11.97 24.55 -24.73
CA ALA A 692 -12.59 25.61 -23.90
C ALA A 692 -11.94 25.68 -22.51
N GLY A 693 -11.43 26.85 -22.17
CA GLY A 693 -10.91 27.10 -20.82
C GLY A 693 -12.02 27.25 -19.80
N LEU A 694 -11.75 26.82 -18.56
CA LEU A 694 -12.70 26.94 -17.44
C LEU A 694 -12.31 27.94 -16.34
N GLN A 695 -11.05 28.37 -16.32
CA GLN A 695 -10.60 29.45 -15.46
C GLN A 695 -10.84 29.16 -13.98
N LYS A 696 -10.65 27.89 -13.61
CA LYS A 696 -10.78 27.44 -12.23
C LYS A 696 -12.21 27.52 -11.63
N ALA A 697 -13.21 27.71 -12.48
CA ALA A 697 -14.60 27.80 -12.04
C ALA A 697 -15.02 26.46 -11.41
N PRO A 698 -15.80 26.51 -10.31
CA PRO A 698 -16.18 25.22 -9.73
C PRO A 698 -16.99 24.37 -10.71
N VAL A 699 -16.69 23.09 -10.80
CA VAL A 699 -17.42 22.14 -11.66
C VAL A 699 -17.77 20.90 -10.89
N LYS A 700 -19.03 20.49 -11.01
CA LYS A 700 -19.45 19.12 -10.73
C LYS A 700 -20.12 18.43 -11.93
N PHE A 701 -20.84 19.18 -12.76
CA PHE A 701 -21.57 18.61 -13.88
C PHE A 701 -21.12 19.24 -15.16
N VAL A 702 -20.99 18.42 -16.20
CA VAL A 702 -20.80 18.88 -17.58
C VAL A 702 -21.94 18.29 -18.40
N ARG A 703 -22.50 19.08 -19.31
CA ARG A 703 -23.65 18.65 -20.09
C ARG A 703 -23.45 19.04 -21.55
N PHE A 704 -24.00 18.22 -22.45
CA PHE A 704 -23.88 18.41 -23.89
C PHE A 704 -24.98 17.60 -24.61
N THR A 705 -26.24 18.00 -24.45
CA THR A 705 -27.40 17.42 -25.14
C THR A 705 -27.45 15.88 -25.11
N PHE A 719 -13.63 13.48 -25.75
CA PHE A 719 -14.41 14.10 -24.70
C PHE A 719 -13.69 14.03 -23.35
N VAL A 720 -13.01 15.11 -22.96
CA VAL A 720 -12.19 15.13 -21.74
C VAL A 720 -12.35 16.41 -20.94
N LEU A 721 -12.68 16.27 -19.65
CA LEU A 721 -12.62 17.37 -18.68
C LEU A 721 -11.33 17.24 -17.86
N THR A 722 -10.54 18.30 -17.83
CA THR A 722 -9.43 18.43 -16.88
C THR A 722 -9.81 19.34 -15.70
N ILE A 723 -9.47 18.90 -14.50
CA ILE A 723 -9.77 19.63 -13.29
C ILE A 723 -8.50 19.79 -12.46
N GLU A 724 -8.56 20.67 -11.47
CA GLU A 724 -7.41 20.91 -10.62
C GLU A 724 -7.39 19.88 -9.50
N LYS A 725 -6.23 19.31 -9.23
CA LYS A 725 -5.90 18.80 -7.89
C LYS A 725 -5.26 19.88 -7.05
N ASN B 12 -40.02 -2.27 17.38
CA ASN B 12 -39.28 -2.25 16.07
C ASN B 12 -38.06 -1.33 16.06
N VAL B 13 -38.23 -0.09 16.56
CA VAL B 13 -37.14 0.91 16.62
C VAL B 13 -36.30 0.74 17.90
N SER B 14 -34.99 0.43 17.76
CA SER B 14 -34.06 0.47 18.92
C SER B 14 -33.58 1.90 19.21
N LEU B 15 -34.45 2.65 19.86
CA LEU B 15 -34.10 3.92 20.46
C LEU B 15 -32.89 3.92 21.39
N GLN B 16 -32.02 4.93 21.24
CA GLN B 16 -30.76 4.98 21.97
C GLN B 16 -30.43 6.43 22.30
N PRO B 17 -30.21 6.72 23.58
CA PRO B 17 -30.50 5.81 24.69
C PRO B 17 -32.00 5.40 24.80
N PRO B 18 -32.24 4.28 25.45
CA PRO B 18 -33.63 3.90 25.57
C PRO B 18 -34.35 4.74 26.65
N PRO B 19 -35.56 5.21 26.32
CA PRO B 19 -36.23 6.14 27.23
C PRO B 19 -36.67 5.50 28.53
N GLN B 20 -36.87 6.31 29.56
CA GLN B 20 -37.27 5.81 30.87
C GLN B 20 -38.62 5.12 30.77
N GLN B 21 -39.55 5.71 30.03
CA GLN B 21 -40.90 5.12 29.87
C GLN B 21 -41.36 5.22 28.44
N LEU B 22 -41.97 4.17 27.95
CA LEU B 22 -42.31 4.06 26.57
C LEU B 22 -43.53 3.17 26.39
N ILE B 23 -44.56 3.67 25.73
CA ILE B 23 -45.70 2.88 25.38
C ILE B 23 -45.89 2.97 23.88
N VAL B 24 -45.91 1.80 23.25
CA VAL B 24 -45.96 1.73 21.81
C VAL B 24 -47.27 1.09 21.46
N GLN B 25 -47.99 1.68 20.51
CA GLN B 25 -49.13 1.02 19.91
C GLN B 25 -48.62 0.35 18.64
N ASN B 26 -49.27 -0.70 18.21
CA ASN B 26 -48.92 -1.32 16.94
C ASN B 26 -49.67 -0.64 15.81
N LYS B 27 -49.42 0.66 15.66
CA LYS B 27 -50.03 1.48 14.63
C LYS B 27 -48.95 2.32 14.01
N THR B 28 -49.27 2.89 12.86
CA THR B 28 -48.31 3.62 12.06
C THR B 28 -48.95 4.90 11.52
N ILE B 29 -48.20 5.98 11.58
CA ILE B 29 -48.64 7.27 11.05
C ILE B 29 -47.70 7.62 9.91
N ASP B 30 -48.22 8.15 8.81
CA ASP B 30 -47.37 8.79 7.80
C ASP B 30 -46.85 10.09 8.35
N LEU B 31 -45.55 10.35 8.21
CA LEU B 31 -45.02 11.70 8.45
C LEU B 31 -45.80 12.68 7.57
N PRO B 32 -46.38 13.73 8.18
CA PRO B 32 -47.39 14.53 7.49
C PRO B 32 -46.84 15.38 6.35
N ALA B 33 -47.39 15.20 5.15
CA ALA B 33 -46.98 15.96 3.98
C ALA B 33 -47.42 17.42 4.07
N VAL B 34 -48.46 17.68 4.85
CA VAL B 34 -48.86 19.03 5.20
C VAL B 34 -49.04 19.06 6.73
N TYR B 35 -48.38 19.98 7.42
CA TYR B 35 -48.48 20.07 8.89
C TYR B 35 -48.70 21.52 9.40
N GLN B 36 -49.20 21.63 10.62
CA GLN B 36 -49.29 22.90 11.32
C GLN B 36 -48.32 22.85 12.47
N LEU B 37 -47.54 23.91 12.67
CA LEU B 37 -46.60 23.97 13.78
C LEU B 37 -47.05 24.96 14.83
N ASN B 38 -46.91 24.56 16.08
CA ASN B 38 -47.34 25.33 17.21
C ASN B 38 -46.19 25.45 18.20
N GLY B 39 -45.66 26.68 18.36
CA GLY B 39 -44.59 26.95 19.32
C GLY B 39 -43.17 27.08 18.73
N GLY B 40 -43.08 27.24 17.42
CA GLY B 40 -41.79 27.47 16.75
C GLY B 40 -41.09 28.74 17.25
N GLU B 41 -41.87 29.77 17.59
CA GLU B 41 -41.33 31.01 18.16
C GLU B 41 -40.99 30.95 19.67
N GLU B 42 -41.41 29.91 20.37
CA GLU B 42 -41.30 29.85 21.84
C GLU B 42 -40.28 28.81 22.32
N ALA B 43 -40.13 27.75 21.54
CA ALA B 43 -39.37 26.59 21.92
C ALA B 43 -37.87 26.83 21.67
N ASN B 44 -37.02 26.01 22.28
CA ASN B 44 -35.55 26.00 22.00
C ASN B 44 -35.27 26.06 20.51
N PRO B 45 -34.66 27.18 20.04
CA PRO B 45 -34.31 27.32 18.63
C PRO B 45 -33.49 26.15 18.09
N HIS B 46 -32.64 25.55 18.91
CA HIS B 46 -31.84 24.43 18.44
C HIS B 46 -32.76 23.23 18.18
N ALA B 47 -33.79 23.09 19.01
CA ALA B 47 -34.75 22.02 18.80
C ALA B 47 -35.62 22.30 17.57
N VAL B 48 -36.03 23.55 17.37
CA VAL B 48 -36.89 23.90 16.24
C VAL B 48 -36.17 23.65 14.91
N LYS B 49 -34.84 23.83 14.91
CA LYS B 49 -34.05 23.63 13.70
C LYS B 49 -33.99 22.12 13.30
N VAL B 50 -33.71 21.27 14.26
CA VAL B 50 -33.83 19.82 14.02
C VAL B 50 -35.21 19.50 13.43
N LEU B 51 -36.26 20.05 14.02
CA LEU B 51 -37.59 19.70 13.60
C LEU B 51 -37.75 20.09 12.16
N LYS B 52 -37.44 21.34 11.83
CA LYS B 52 -37.70 21.82 10.50
C LYS B 52 -36.78 21.17 9.49
N GLU B 53 -35.61 20.72 9.93
CA GLU B 53 -34.75 19.87 9.10
C GLU B 53 -35.44 18.52 8.82
N LEU B 54 -36.05 17.91 9.83
CA LEU B 54 -36.75 16.63 9.65
C LEU B 54 -37.99 16.67 8.75
N LEU B 55 -38.66 17.82 8.70
CA LEU B 55 -39.86 18.02 7.87
C LEU B 55 -39.48 18.76 6.60
N SER B 56 -40.02 18.33 5.48
CA SER B 56 -39.99 19.11 4.25
C SER B 56 -41.31 18.94 3.50
N GLY B 57 -42.31 18.43 4.20
CA GLY B 57 -43.68 18.80 3.92
C GLY B 57 -43.83 20.30 4.07
N LYS B 58 -44.88 20.83 3.44
CA LYS B 58 -45.23 22.24 3.52
C LYS B 58 -45.86 22.56 4.88
N GLN B 59 -45.58 23.75 5.40
CA GLN B 59 -46.27 24.21 6.61
C GLN B 59 -47.55 24.92 6.25
N SER B 60 -48.57 24.67 7.06
CA SER B 60 -49.89 25.24 6.87
C SER B 60 -50.48 25.65 8.21
N SER B 61 -51.07 26.83 8.23
CA SER B 61 -51.94 27.24 9.33
C SER B 61 -53.33 26.58 9.22
N LYS B 62 -53.65 26.06 8.03
CA LYS B 62 -54.93 25.45 7.78
C LYS B 62 -54.82 23.92 7.90
N LYS B 63 -54.46 23.27 6.80
CA LYS B 63 -54.86 21.88 6.56
C LYS B 63 -54.17 20.83 7.43
N GLY B 64 -52.99 21.11 7.99
CA GLY B 64 -52.09 20.03 8.43
C GLY B 64 -52.42 19.29 9.73
N MET B 65 -51.65 18.24 10.01
CA MET B 65 -51.54 17.66 11.35
C MET B 65 -50.83 18.66 12.28
N LEU B 66 -51.25 18.72 13.54
CA LEU B 66 -50.70 19.65 14.49
C LEU B 66 -49.48 19.05 15.12
N ILE B 67 -48.39 19.82 15.13
CA ILE B 67 -47.18 19.47 15.84
C ILE B 67 -46.92 20.56 16.88
N SER B 68 -46.87 20.16 18.14
CA SER B 68 -46.60 21.12 19.21
C SER B 68 -45.19 20.96 19.79
N ILE B 69 -44.44 22.06 19.85
CA ILE B 69 -43.09 22.02 20.41
C ILE B 69 -42.92 23.14 21.42
N GLY B 70 -42.30 22.83 22.55
CA GLY B 70 -42.00 23.88 23.54
C GLY B 70 -41.52 23.28 24.83
N GLU B 71 -41.19 24.16 25.76
CA GLU B 71 -40.78 23.82 27.12
C GLU B 71 -41.97 24.07 28.10
N LYS B 72 -41.98 23.36 29.24
CA LYS B 72 -42.85 23.66 30.35
C LYS B 72 -42.85 25.16 30.64
N GLY B 73 -44.04 25.76 30.68
CA GLY B 73 -44.19 27.19 30.75
C GLY B 73 -44.64 27.81 29.45
N ASP B 74 -44.29 27.22 28.32
CA ASP B 74 -44.69 27.78 27.02
C ASP B 74 -46.17 27.51 26.78
N LYS B 75 -46.87 28.45 26.16
CA LYS B 75 -48.29 28.28 25.83
C LYS B 75 -48.47 27.09 24.88
N SER B 76 -47.48 26.86 24.02
CA SER B 76 -47.54 25.81 22.99
C SER B 76 -47.75 24.40 23.56
N VAL B 77 -47.22 24.15 24.76
CA VAL B 77 -47.34 22.84 25.39
C VAL B 77 -48.09 22.84 26.71
N ARG B 78 -48.82 23.92 27.01
CA ARG B 78 -49.68 24.01 28.20
C ARG B 78 -50.56 22.74 28.42
N LYS B 79 -51.27 22.35 27.37
CA LYS B 79 -52.11 21.17 27.39
C LYS B 79 -51.42 19.95 28.00
N TYR B 80 -50.14 19.76 27.70
CA TYR B 80 -49.42 18.53 28.07
C TYR B 80 -48.50 18.72 29.26
N SER B 81 -48.65 19.83 29.98
CA SER B 81 -47.62 20.23 30.91
C SER B 81 -47.53 19.30 32.10
N ARG B 82 -48.61 18.59 32.40
CA ARG B 82 -48.59 17.64 33.50
C ARG B 82 -48.01 16.26 33.08
N GLN B 83 -47.87 16.03 31.78
CA GLN B 83 -47.14 14.86 31.23
C GLN B 83 -45.60 15.03 31.29
N ILE B 84 -45.13 16.28 31.39
CA ILE B 84 -43.70 16.53 31.22
C ILE B 84 -42.98 16.12 32.48
N PRO B 85 -42.00 15.19 32.39
CA PRO B 85 -41.35 14.83 33.67
C PRO B 85 -40.68 16.02 34.33
N ASP B 86 -40.70 16.04 35.66
CA ASP B 86 -40.17 17.14 36.45
C ASP B 86 -38.71 16.82 36.81
N HIS B 87 -37.89 16.77 35.76
CA HIS B 87 -36.47 16.37 35.84
C HIS B 87 -35.73 17.28 34.88
N LYS B 88 -34.63 17.82 35.33
CA LYS B 88 -33.68 18.46 34.40
C LYS B 88 -33.40 17.56 33.16
N GLU B 89 -33.63 18.10 31.97
CA GLU B 89 -33.39 17.45 30.68
C GLU B 89 -34.47 16.41 30.33
N GLY B 90 -35.59 16.49 31.04
CA GLY B 90 -36.70 15.60 30.81
C GLY B 90 -37.55 16.08 29.66
N TYR B 91 -38.37 15.17 29.11
CA TYR B 91 -39.30 15.56 28.08
C TYR B 91 -40.46 14.55 27.98
N TYR B 92 -41.58 15.04 27.41
CA TYR B 92 -42.65 14.17 26.99
C TYR B 92 -42.72 14.22 25.48
N LEU B 93 -42.91 13.07 24.87
CA LEU B 93 -43.08 12.98 23.42
C LEU B 93 -44.31 12.09 23.15
N SER B 94 -45.10 12.46 22.15
CA SER B 94 -46.29 11.68 21.78
C SER B 94 -46.48 11.76 20.27
N VAL B 95 -46.81 10.62 19.67
CA VAL B 95 -47.24 10.59 18.30
C VAL B 95 -48.53 9.82 18.30
N ASN B 96 -49.55 10.38 17.68
CA ASN B 96 -50.74 9.63 17.35
C ASN B 96 -51.33 10.16 16.05
N GLU B 97 -52.51 9.68 15.71
CA GLU B 97 -53.17 10.08 14.46
C GLU B 97 -53.51 11.59 14.38
N LYS B 98 -53.64 12.23 15.54
CA LYS B 98 -54.22 13.58 15.66
C LYS B 98 -53.09 14.63 15.68
N GLU B 99 -52.02 14.32 16.42
CA GLU B 99 -50.99 15.28 16.73
C GLU B 99 -49.69 14.66 17.23
N ILE B 100 -48.63 15.45 17.09
CA ILE B 100 -47.31 15.13 17.62
C ILE B 100 -46.95 16.16 18.68
N VAL B 101 -46.41 15.69 19.79
CA VAL B 101 -46.07 16.55 20.90
C VAL B 101 -44.60 16.35 21.26
N LEU B 102 -43.86 17.47 21.31
CA LEU B 102 -42.48 17.44 21.72
C LEU B 102 -42.25 18.51 22.78
N ALA B 103 -42.24 18.08 24.05
CA ALA B 103 -42.35 19.00 25.16
C ALA B 103 -41.24 18.77 26.21
N GLY B 104 -40.30 19.70 26.27
CA GLY B 104 -39.25 19.64 27.27
C GLY B 104 -39.62 20.13 28.64
N ASN B 105 -39.02 19.58 29.68
CA ASN B 105 -39.07 20.24 30.96
C ASN B 105 -38.27 21.57 30.95
N ASP B 106 -37.24 21.64 30.14
CA ASP B 106 -36.38 22.83 30.00
C ASP B 106 -35.87 22.74 28.55
N GLU B 107 -35.14 23.74 28.09
CA GLU B 107 -34.82 23.79 26.65
C GLU B 107 -34.01 22.60 26.16
N ARG B 108 -33.15 22.05 27.01
CA ARG B 108 -32.35 20.94 26.56
C ARG B 108 -33.22 19.67 26.42
N GLY B 109 -34.19 19.52 27.32
CA GLY B 109 -35.19 18.46 27.24
C GLY B 109 -35.94 18.50 25.92
N THR B 110 -36.23 19.69 25.42
CA THR B 110 -36.91 19.78 24.14
C THR B 110 -36.03 19.30 22.99
N TYR B 111 -34.76 19.68 23.03
CA TYR B 111 -33.79 19.19 22.07
C TYR B 111 -33.70 17.66 22.13
N TYR B 112 -33.68 17.12 23.33
CA TYR B 112 -33.59 15.69 23.51
C TYR B 112 -34.84 14.99 23.01
N ALA B 113 -36.00 15.64 23.12
CA ALA B 113 -37.22 15.08 22.56
C ALA B 113 -37.07 14.94 21.05
N LEU B 114 -36.51 15.95 20.41
CA LEU B 114 -36.28 15.89 18.97
C LEU B 114 -35.25 14.78 18.53
N GLN B 115 -34.27 14.47 19.37
CA GLN B 115 -33.30 13.43 19.02
C GLN B 115 -33.95 12.03 19.14
N THR B 116 -34.92 11.88 20.04
CA THR B 116 -35.71 10.65 20.08
C THR B 116 -36.62 10.60 18.87
N PHE B 117 -37.30 11.70 18.61
CA PHE B 117 -38.21 11.79 17.47
C PHE B 117 -37.51 11.49 16.14
N ALA B 118 -36.30 12.03 15.94
CA ALA B 118 -35.55 11.71 14.71
C ALA B 118 -35.35 10.20 14.48
N GLN B 119 -35.13 9.46 15.56
CA GLN B 119 -34.92 8.02 15.49
C GLN B 119 -36.20 7.24 15.21
N LEU B 120 -37.36 7.80 15.58
CA LEU B 120 -38.67 7.15 15.32
C LEU B 120 -38.98 7.15 13.83
N LEU B 121 -38.49 8.17 13.14
CA LEU B 121 -38.91 8.48 11.78
C LEU B 121 -38.24 7.54 10.78
N LYS B 122 -38.97 6.52 10.31
CA LYS B 122 -38.44 5.51 9.37
C LYS B 122 -39.31 5.39 8.12
N ASP B 123 -38.71 5.55 6.94
CA ASP B 123 -39.41 5.40 5.67
C ASP B 123 -40.61 6.34 5.58
N GLY B 124 -40.41 7.55 6.07
CA GLY B 124 -41.43 8.59 6.04
C GLY B 124 -42.59 8.30 6.96
N LYS B 125 -42.37 7.48 7.98
CA LYS B 125 -43.44 6.94 8.80
C LYS B 125 -43.01 6.97 10.24
N LEU B 126 -43.99 7.04 11.14
CA LEU B 126 -43.75 7.07 12.57
C LEU B 126 -44.63 6.05 13.29
N PRO B 127 -44.13 5.49 14.40
CA PRO B 127 -44.98 4.65 15.21
C PRO B 127 -45.81 5.51 16.16
N GLU B 128 -47.03 5.08 16.39
CA GLU B 128 -47.84 5.68 17.40
C GLU B 128 -47.27 5.35 18.80
N VAL B 129 -46.82 6.38 19.53
CA VAL B 129 -46.01 6.18 20.72
C VAL B 129 -46.23 7.27 21.80
N GLU B 130 -45.94 6.91 23.04
CA GLU B 130 -45.93 7.88 24.11
C GLU B 130 -44.70 7.65 24.98
N ILE B 131 -43.93 8.70 25.22
CA ILE B 131 -42.66 8.60 25.93
C ILE B 131 -42.57 9.65 27.03
N LYS B 132 -42.17 9.20 28.22
CA LYS B 132 -41.66 10.07 29.26
C LYS B 132 -40.21 9.70 29.58
N ASP B 133 -39.33 10.70 29.47
CA ASP B 133 -37.90 10.44 29.46
C ASP B 133 -37.11 11.53 30.18
N TYR B 134 -35.98 11.10 30.74
CA TYR B 134 -35.08 11.95 31.49
C TYR B 134 -33.84 11.12 31.82
N PRO B 135 -32.72 11.77 32.16
CA PRO B 135 -31.49 11.04 32.38
C PRO B 135 -31.38 10.52 33.80
N SER B 136 -30.85 9.32 33.99
CA SER B 136 -30.52 8.85 35.33
C SER B 136 -29.28 9.50 35.96
N VAL B 137 -28.35 9.98 35.14
CA VAL B 137 -27.07 10.54 35.62
C VAL B 137 -26.93 11.99 35.11
N ARG B 138 -26.63 12.93 36.00
CA ARG B 138 -26.77 14.37 35.65
C ARG B 138 -25.83 14.81 34.50
N TYR B 139 -24.58 14.40 34.62
CA TYR B 139 -23.54 14.70 33.56
C TYR B 139 -23.02 13.48 32.84
N ARG B 140 -23.08 13.51 31.51
CA ARG B 140 -22.80 12.37 30.68
C ARG B 140 -22.02 12.83 29.45
N GLY B 141 -20.90 12.18 29.15
CA GLY B 141 -20.18 12.59 27.99
C GLY B 141 -18.76 12.02 27.89
N VAL B 142 -17.85 12.88 27.42
CA VAL B 142 -16.50 12.49 26.99
C VAL B 142 -15.49 13.42 27.64
N VAL B 143 -14.42 12.84 28.22
CA VAL B 143 -13.23 13.62 28.54
C VAL B 143 -12.10 13.27 27.55
N GLU B 144 -11.66 14.27 26.79
CA GLU B 144 -10.53 14.07 25.89
C GLU B 144 -9.33 14.27 26.76
N GLY B 145 -8.93 13.19 27.42
CA GLY B 145 -8.02 13.25 28.57
C GLY B 145 -6.80 12.33 28.45
N PHE B 146 -6.49 11.98 27.21
CA PHE B 146 -5.49 10.94 26.90
C PHE B 146 -4.14 11.53 26.49
N TYR B 147 -3.09 10.69 26.56
CA TYR B 147 -1.79 10.96 26.03
C TYR B 147 -1.80 10.57 24.57
N GLY B 148 -1.22 11.42 23.73
CA GLY B 148 -0.99 11.08 22.32
C GLY B 148 -1.48 12.22 21.46
N THR B 149 -1.61 11.99 20.16
CA THR B 149 -2.06 13.03 19.27
C THR B 149 -3.49 13.48 19.64
N PRO B 150 -3.61 14.75 20.08
CA PRO B 150 -4.94 15.32 20.36
C PRO B 150 -5.82 15.22 19.14
N TRP B 151 -7.11 14.98 19.38
CA TRP B 151 -8.13 15.02 18.34
C TRP B 151 -7.96 16.22 17.43
N SER B 152 -8.14 16.00 16.12
CA SER B 152 -8.15 17.10 15.19
C SER B 152 -9.38 17.99 15.42
N HIS B 153 -9.29 19.22 14.94
CA HIS B 153 -10.39 20.14 15.00
C HIS B 153 -11.64 19.56 14.29
N GLN B 154 -11.46 19.01 13.09
CA GLN B 154 -12.56 18.34 12.38
C GLN B 154 -13.15 17.20 13.19
N ALA B 155 -12.29 16.39 13.81
CA ALA B 155 -12.71 15.27 14.60
C ALA B 155 -13.60 15.77 15.76
N ARG B 156 -13.18 16.85 16.41
CA ARG B 156 -13.92 17.41 17.54
C ARG B 156 -15.28 17.95 17.11
N LEU B 157 -15.35 18.60 15.94
CA LEU B 157 -16.65 19.07 15.42
C LEU B 157 -17.66 17.91 15.25
N SER B 158 -17.18 16.82 14.68
CA SER B 158 -17.95 15.59 14.50
C SER B 158 -18.35 14.95 15.84
N GLN B 159 -17.44 14.96 16.80
CA GLN B 159 -17.76 14.50 18.13
C GLN B 159 -18.96 15.26 18.76
N LEU B 160 -18.91 16.59 18.78
CA LEU B 160 -19.95 17.36 19.43
C LEU B 160 -21.31 17.09 18.79
N LYS B 161 -21.35 16.94 17.47
CA LYS B 161 -22.61 16.62 16.81
C LYS B 161 -23.12 15.25 17.29
N PHE B 162 -22.22 14.28 17.33
CA PHE B 162 -22.53 12.94 17.84
C PHE B 162 -23.09 12.99 19.27
N TYR B 163 -22.48 13.81 20.11
CA TYR B 163 -22.88 13.87 21.50
C TYR B 163 -24.34 14.37 21.64
N GLY B 164 -24.70 15.43 20.92
CA GLY B 164 -26.07 15.99 20.99
C GLY B 164 -27.07 14.91 20.58
N LYS B 165 -26.70 14.13 19.56
CA LYS B 165 -27.60 13.12 19.06
C LYS B 165 -27.83 12.03 20.10
N ASN B 166 -26.85 11.76 20.95
CA ASN B 166 -26.93 10.68 21.90
C ASN B 166 -27.12 11.17 23.32
N LYS B 167 -27.52 12.45 23.44
CA LYS B 167 -27.88 13.06 24.70
C LYS B 167 -26.75 13.11 25.69
N MET B 168 -25.52 13.23 25.19
CA MET B 168 -24.41 13.44 26.08
C MET B 168 -24.25 14.95 26.24
N ASN B 169 -24.24 15.43 27.47
CA ASN B 169 -24.35 16.86 27.71
C ASN B 169 -22.99 17.45 28.12
N THR B 170 -21.90 16.67 28.00
CA THR B 170 -20.62 17.04 28.55
C THR B 170 -19.43 16.62 27.66
N TYR B 171 -18.58 17.61 27.35
CA TYR B 171 -17.30 17.39 26.68
C TYR B 171 -16.22 18.13 27.43
N ILE B 172 -15.32 17.36 28.05
CA ILE B 172 -14.24 17.93 28.83
C ILE B 172 -12.95 17.88 28.00
N TYR B 173 -12.53 19.06 27.55
CA TYR B 173 -11.30 19.25 26.81
C TYR B 173 -10.13 19.16 27.77
N GLY B 174 -9.32 18.10 27.62
CA GLY B 174 -8.03 18.03 28.31
C GLY B 174 -6.92 17.11 27.76
N PRO B 175 -6.58 17.22 26.44
CA PRO B 175 -5.53 16.36 25.86
C PRO B 175 -4.23 16.60 26.59
N LYS B 176 -3.72 15.54 27.20
CA LYS B 176 -2.47 15.65 27.95
C LYS B 176 -1.33 16.35 27.19
N ASP B 177 -1.31 16.22 25.87
CA ASP B 177 -0.18 16.68 25.07
C ASP B 177 -0.45 18.03 24.41
N ASP B 178 -1.54 18.71 24.79
CA ASP B 178 -1.77 20.10 24.40
C ASP B 178 -0.94 20.98 25.31
N PRO B 179 0.05 21.69 24.74
CA PRO B 179 0.95 22.41 25.65
C PRO B 179 0.32 23.62 26.33
N TYR B 180 -0.80 24.12 25.79
CA TYR B 180 -1.59 25.17 26.48
C TYR B 180 -2.59 24.61 27.49
N HIS B 181 -2.73 23.28 27.53
CA HIS B 181 -3.55 22.60 28.55
C HIS B 181 -2.67 22.26 29.73
N SER B 182 -1.46 21.73 29.45
CA SER B 182 -0.62 21.23 30.53
C SER B 182 0.71 21.92 30.58
N ALA B 183 1.72 21.18 31.04
CA ALA B 183 3.10 21.64 30.99
C ALA B 183 3.57 21.71 29.52
N PRO B 184 4.27 22.78 29.17
CA PRO B 184 4.73 23.83 30.12
C PRO B 184 3.90 25.13 30.10
N ASN B 185 3.01 25.30 29.12
CA ASN B 185 2.44 26.59 28.78
C ASN B 185 0.96 26.76 29.11
N TRP B 186 0.51 26.06 30.14
CA TRP B 186 -0.81 26.28 30.70
C TRP B 186 -1.02 27.74 31.11
N ARG B 187 0.08 28.44 31.41
CA ARG B 187 0.01 29.85 31.80
C ARG B 187 -0.30 30.81 30.65
N LEU B 188 -0.09 30.36 29.42
CA LEU B 188 -0.23 31.25 28.28
C LEU B 188 -1.58 31.10 27.59
N PRO B 189 -2.11 32.20 27.07
CA PRO B 189 -3.32 32.10 26.24
C PRO B 189 -3.04 31.30 24.97
N TYR B 190 -4.05 30.67 24.40
CA TYR B 190 -3.89 29.98 23.14
C TYR B 190 -3.50 31.00 22.08
N PRO B 191 -2.61 30.63 21.15
CA PRO B 191 -2.43 31.52 20.02
C PRO B 191 -3.70 31.71 19.16
N ASP B 192 -3.67 32.69 18.27
CA ASP B 192 -4.89 33.13 17.57
C ASP B 192 -5.64 32.00 16.83
N LYS B 193 -4.88 31.16 16.13
CA LYS B 193 -5.48 30.11 15.33
C LYS B 193 -6.25 29.11 16.20
N GLU B 194 -5.63 28.65 17.27
CA GLU B 194 -6.20 27.67 18.12
C GLU B 194 -7.36 28.31 18.92
N ALA B 195 -7.25 29.59 19.22
CA ALA B 195 -8.30 30.33 19.95
C ALA B 195 -9.59 30.45 19.14
N ALA B 196 -9.45 30.81 17.87
CA ALA B 196 -10.56 30.84 16.92
C ALA B 196 -11.18 29.44 16.75
N GLN B 197 -10.37 28.39 16.70
CA GLN B 197 -10.90 27.04 16.59
C GLN B 197 -11.70 26.66 17.86
N LEU B 198 -11.13 26.92 19.02
CA LEU B 198 -11.80 26.70 20.28
C LEU B 198 -13.12 27.49 20.44
N GLN B 199 -13.12 28.73 20.02
CA GLN B 199 -14.34 29.53 19.95
C GLN B 199 -15.39 28.81 19.08
N GLU B 200 -14.96 28.28 17.93
CA GLU B 200 -15.89 27.56 17.06
C GLU B 200 -16.40 26.33 17.79
N LEU B 201 -15.55 25.64 18.52
CA LEU B 201 -15.96 24.42 19.15
C LEU B 201 -17.05 24.73 20.17
N VAL B 202 -16.86 25.84 20.91
CA VAL B 202 -17.82 26.25 21.92
C VAL B 202 -19.15 26.59 21.26
N ALA B 203 -19.13 27.28 20.13
CA ALA B 203 -20.39 27.63 19.46
C ALA B 203 -21.11 26.34 19.01
N VAL B 204 -20.35 25.38 18.51
CA VAL B 204 -20.93 24.12 18.05
C VAL B 204 -21.43 23.29 19.21
N ALA B 205 -20.68 23.25 20.30
CA ALA B 205 -21.13 22.57 21.48
C ALA B 205 -22.46 23.17 21.96
N ASN B 206 -22.55 24.49 22.00
CA ASN B 206 -23.78 25.12 22.44
C ASN B 206 -24.96 24.76 21.54
N GLU B 207 -24.75 24.77 20.21
CA GLU B 207 -25.78 24.38 19.23
C GLU B 207 -26.25 22.92 19.43
N ASN B 208 -25.41 22.08 20.01
CA ASN B 208 -25.76 20.64 20.20
C ASN B 208 -26.00 20.30 21.67
N GLU B 209 -26.24 21.36 22.48
CA GLU B 209 -26.66 21.26 23.88
C GLU B 209 -25.61 20.50 24.68
N VAL B 210 -24.32 20.69 24.31
CA VAL B 210 -23.20 20.13 25.07
C VAL B 210 -22.49 21.21 25.87
N ASP B 211 -22.26 20.98 27.16
CA ASP B 211 -21.42 21.86 27.94
C ASP B 211 -19.95 21.60 27.60
N PHE B 212 -19.29 22.62 27.02
CA PHE B 212 -17.85 22.54 26.73
C PHE B 212 -17.14 22.91 28.00
N VAL B 213 -16.44 21.95 28.60
CA VAL B 213 -15.73 22.13 29.85
C VAL B 213 -14.22 22.22 29.48
N TRP B 214 -13.61 23.40 29.68
CA TRP B 214 -12.18 23.51 29.47
C TRP B 214 -11.42 23.16 30.74
N ALA B 215 -10.56 22.14 30.64
CA ALA B 215 -9.69 21.74 31.75
C ALA B 215 -8.28 22.34 31.61
N ILE B 216 -7.66 22.59 32.75
CA ILE B 216 -6.30 23.01 32.84
C ILE B 216 -5.56 22.01 33.76
N HIS B 217 -4.30 21.74 33.43
CA HIS B 217 -3.49 20.69 34.06
C HIS B 217 -2.15 21.32 34.50
N PRO B 218 -2.15 22.04 35.64
CA PRO B 218 -1.03 22.92 35.94
C PRO B 218 -0.10 22.37 36.99
N GLY B 219 -0.42 21.21 37.53
CA GLY B 219 0.18 20.82 38.79
C GLY B 219 1.63 20.36 38.75
N GLN B 220 2.16 19.97 37.60
CA GLN B 220 3.58 19.56 37.60
C GLN B 220 4.51 20.68 38.06
N ASP B 221 4.19 21.91 37.69
CA ASP B 221 5.11 23.04 38.01
C ASP B 221 4.39 24.19 38.69
N ILE B 222 3.14 23.98 39.15
CA ILE B 222 2.42 25.06 39.80
C ILE B 222 3.19 25.48 41.05
N LYS B 223 3.29 26.77 41.28
CA LYS B 223 3.75 27.29 42.57
C LYS B 223 2.51 27.69 43.36
N TRP B 224 2.51 27.47 44.67
CA TRP B 224 1.37 27.89 45.48
C TRP B 224 1.58 29.31 45.92
N ASN B 225 1.60 30.23 44.95
CA ASN B 225 1.66 31.68 45.24
C ASN B 225 0.64 32.48 44.43
N LYS B 226 0.60 33.79 44.70
CA LYS B 226 -0.22 34.75 43.96
C LYS B 226 0.06 34.75 42.46
N GLU B 227 1.33 34.71 42.09
CA GLU B 227 1.68 34.77 40.67
C GLU B 227 0.94 33.68 39.84
N ASP B 228 1.05 32.43 40.28
CA ASP B 228 0.48 31.31 39.51
C ASP B 228 -1.04 31.20 39.65
N ARG B 229 -1.57 31.59 40.81
CA ARG B 229 -3.02 31.64 41.00
C ARG B 229 -3.65 32.63 40.03
N ASP B 230 -3.10 33.85 40.01
CA ASP B 230 -3.54 34.87 39.06
C ASP B 230 -3.38 34.47 37.62
N LEU B 231 -2.26 33.82 37.25
CA LEU B 231 -2.08 33.34 35.88
C LEU B 231 -3.15 32.30 35.51
N LEU B 232 -3.46 31.40 36.43
CA LEU B 232 -4.51 30.37 36.17
C LEU B 232 -5.85 31.07 35.98
N LEU B 233 -6.17 32.02 36.84
CA LEU B 233 -7.43 32.75 36.68
C LEU B 233 -7.46 33.64 35.46
N ALA B 234 -6.31 34.18 35.05
CA ALA B 234 -6.24 34.93 33.79
C ALA B 234 -6.49 34.07 32.57
N LYS B 235 -5.95 32.85 32.58
CA LYS B 235 -6.20 31.89 31.52
C LYS B 235 -7.68 31.49 31.44
N PHE B 236 -8.28 31.25 32.60
CA PHE B 236 -9.72 30.96 32.68
C PHE B 236 -10.52 32.12 32.11
N GLU B 237 -10.13 33.34 32.48
CA GLU B 237 -10.82 34.52 31.94
C GLU B 237 -10.70 34.58 30.40
N LYS B 238 -9.53 34.25 29.83
CA LYS B 238 -9.40 34.22 28.37
C LYS B 238 -10.31 33.17 27.76
N MET B 239 -10.37 32.00 28.38
CA MET B 239 -11.25 30.95 27.86
C MET B 239 -12.75 31.38 27.95
N TYR B 240 -13.11 32.04 29.04
CA TYR B 240 -14.48 32.63 29.18
C TYR B 240 -14.78 33.58 28.03
N GLN B 241 -13.77 34.36 27.61
CA GLN B 241 -13.94 35.28 26.47
C GLN B 241 -14.14 34.59 25.15
N LEU B 242 -13.62 33.40 25.02
CA LEU B 242 -13.89 32.56 23.83
C LEU B 242 -15.24 31.82 23.89
N GLY B 243 -16.00 32.00 25.00
CA GLY B 243 -17.32 31.43 25.15
C GLY B 243 -17.39 30.33 26.19
N VAL B 244 -16.27 29.97 26.81
CA VAL B 244 -16.25 28.82 27.69
C VAL B 244 -17.04 29.14 28.99
N ARG B 245 -17.90 28.21 29.40
CA ARG B 245 -18.73 28.44 30.60
C ARG B 245 -18.70 27.31 31.62
N SER B 246 -17.89 26.28 31.41
CA SER B 246 -17.60 25.29 32.43
C SER B 246 -16.08 25.02 32.45
N PHE B 247 -15.56 24.77 33.64
CA PHE B 247 -14.13 24.74 33.88
C PHE B 247 -13.72 23.56 34.75
N ALA B 248 -12.51 23.07 34.48
CA ALA B 248 -11.93 22.03 35.32
C ALA B 248 -10.46 22.26 35.55
N VAL B 249 -9.98 21.72 36.68
CA VAL B 249 -8.57 21.71 37.02
C VAL B 249 -8.25 20.26 37.32
N PHE B 250 -7.29 19.72 36.57
CA PHE B 250 -6.80 18.34 36.76
C PHE B 250 -5.46 18.31 37.45
N PHE B 251 -5.32 17.43 38.43
CA PHE B 251 -4.08 17.20 39.13
C PHE B 251 -3.58 15.73 39.01
N ASP B 252 -3.91 15.08 37.90
CA ASP B 252 -3.58 13.69 37.69
C ASP B 252 -2.19 13.48 37.03
N ASP B 253 -1.48 12.44 37.46
CA ASP B 253 -0.19 12.01 36.90
C ASP B 253 0.86 13.13 37.04
N ILE B 254 1.01 13.62 38.26
CA ILE B 254 1.99 14.65 38.59
C ILE B 254 2.63 14.30 39.91
N SER B 255 3.80 14.85 40.13
CA SER B 255 4.46 14.66 41.37
C SER B 255 4.90 16.02 41.89
N GLY B 256 5.31 16.04 43.14
CA GLY B 256 5.85 17.23 43.77
C GLY B 256 4.74 18.04 44.40
N GLU B 257 5.02 19.32 44.53
CA GLU B 257 4.27 20.20 45.41
C GLU B 257 2.82 20.35 44.98
N GLY B 258 2.57 20.21 43.69
CA GLY B 258 1.23 20.34 43.16
C GLY B 258 0.24 19.26 43.64
N THR B 259 0.76 18.24 44.33
CA THR B 259 -0.07 17.11 44.79
C THR B 259 -0.70 17.41 46.14
N ASN B 260 -0.41 18.60 46.67
CA ASN B 260 -0.90 19.00 47.99
C ASN B 260 -2.41 19.17 48.03
N PRO B 261 -3.12 18.34 48.82
CA PRO B 261 -4.59 18.37 48.80
C PRO B 261 -5.23 19.67 49.32
N GLN B 262 -4.72 20.16 50.44
CA GLN B 262 -5.20 21.40 51.02
C GLN B 262 -5.11 22.56 50.01
N LYS B 263 -3.98 22.62 49.31
CA LYS B 263 -3.71 23.71 48.38
C LYS B 263 -4.54 23.58 47.14
N GLN B 264 -4.76 22.33 46.73
CA GLN B 264 -5.65 22.05 45.62
C GLN B 264 -7.07 22.54 45.97
N ALA B 265 -7.52 22.21 47.17
CA ALA B 265 -8.87 22.56 47.59
C ALA B 265 -8.97 24.08 47.67
N GLU B 266 -7.94 24.69 48.27
CA GLU B 266 -7.94 26.14 48.45
C GLU B 266 -8.01 26.83 47.10
N LEU B 267 -7.30 26.29 46.13
CA LEU B 267 -7.31 26.86 44.78
C LEU B 267 -8.67 26.70 44.11
N LEU B 268 -9.28 25.52 44.23
CA LEU B 268 -10.61 25.34 43.64
C LEU B 268 -11.71 26.19 44.29
N ASN B 269 -11.67 26.32 45.61
CA ASN B 269 -12.65 27.17 46.30
C ASN B 269 -12.48 28.65 45.90
N TYR B 270 -11.24 29.05 45.73
CA TYR B 270 -10.91 30.40 45.27
C TYR B 270 -11.51 30.59 43.87
N ILE B 271 -11.27 29.63 42.97
CA ILE B 271 -11.83 29.74 41.62
C ILE B 271 -13.34 29.83 41.75
N ASP B 272 -13.90 28.97 42.60
CA ASP B 272 -15.35 28.94 42.79
C ASP B 272 -15.89 30.30 43.30
N GLU B 273 -15.30 30.82 44.36
CA GLU B 273 -15.85 32.02 45.00
C GLU B 273 -15.55 33.29 44.19
N LYS B 274 -14.36 33.37 43.57
CA LYS B 274 -13.93 34.61 42.90
C LYS B 274 -14.23 34.67 41.38
N PHE B 275 -14.66 33.55 40.80
CA PHE B 275 -14.81 33.41 39.35
C PHE B 275 -16.12 32.68 39.04
N ALA B 276 -16.25 31.42 39.43
CA ALA B 276 -17.47 30.69 39.13
C ALA B 276 -18.74 31.38 39.66
N GLN B 277 -18.68 31.94 40.86
CA GLN B 277 -19.84 32.62 41.46
C GLN B 277 -19.98 34.09 41.08
N VAL B 278 -18.95 34.67 40.49
CA VAL B 278 -19.00 36.07 40.14
C VAL B 278 -19.51 36.28 38.71
N LYS B 279 -19.15 35.39 37.79
CA LYS B 279 -19.79 35.42 36.47
C LYS B 279 -21.27 35.01 36.62
N PRO B 280 -22.13 35.47 35.68
CA PRO B 280 -23.57 35.18 35.79
C PRO B 280 -23.98 33.75 35.39
N ASP B 281 -23.11 33.01 34.67
CA ASP B 281 -23.52 31.93 33.77
C ASP B 281 -22.49 30.78 33.63
N ILE B 282 -21.73 30.52 34.68
CA ILE B 282 -20.87 29.36 34.74
C ILE B 282 -21.65 28.12 35.23
N ASN B 283 -21.45 27.00 34.54
CA ASN B 283 -22.12 25.73 34.86
C ASN B 283 -21.26 24.79 35.71
N GLN B 284 -20.48 23.91 35.09
CA GLN B 284 -19.73 22.94 35.89
C GLN B 284 -18.39 23.51 36.38
N LEU B 285 -18.08 23.23 37.63
CA LEU B 285 -16.72 23.31 38.11
C LEU B 285 -16.28 21.96 38.67
N VAL B 286 -15.24 21.40 38.05
CA VAL B 286 -14.83 20.00 38.18
C VAL B 286 -13.33 19.90 38.43
N MET B 287 -12.91 19.08 39.39
CA MET B 287 -11.50 18.75 39.55
C MET B 287 -11.22 17.25 39.43
N CYS B 288 -10.03 16.93 38.91
CA CYS B 288 -9.47 15.59 38.97
C CYS B 288 -8.38 15.54 40.03
N PRO B 289 -8.60 14.70 41.04
CA PRO B 289 -7.60 14.62 42.08
C PRO B 289 -6.32 13.90 41.59
N THR B 290 -5.25 14.03 42.38
CA THR B 290 -4.02 13.31 42.13
C THR B 290 -4.15 11.79 42.42
N GLU B 291 -4.69 11.44 43.58
CA GLU B 291 -5.15 10.08 43.86
C GLU B 291 -6.55 9.91 43.27
N TYR B 292 -6.61 9.41 42.04
CA TYR B 292 -7.85 9.38 41.30
C TYR B 292 -8.43 7.97 41.18
N ASN B 293 -7.76 6.99 41.78
CA ASN B 293 -8.30 5.62 41.92
C ASN B 293 -7.87 5.02 43.23
N LYS B 294 -8.54 3.93 43.62
CA LYS B 294 -8.41 3.42 44.98
C LYS B 294 -7.01 2.89 45.24
N SER B 295 -6.50 2.09 44.31
CA SER B 295 -5.25 1.36 44.51
C SER B 295 -4.03 2.25 44.40
N TRP B 296 -4.25 3.53 44.06
CA TRP B 296 -3.19 4.53 44.04
C TRP B 296 -3.33 5.50 45.20
N SER B 297 -4.37 5.35 46.02
CA SER B 297 -4.62 6.35 47.03
C SER B 297 -3.87 5.96 48.30
N ASN B 298 -3.65 6.95 49.17
CA ASN B 298 -2.86 6.71 50.39
C ASN B 298 -3.63 5.83 51.34
N PRO B 299 -3.01 4.72 51.79
CA PRO B 299 -3.73 3.83 52.70
C PRO B 299 -4.23 4.53 53.96
N ASN B 300 -3.39 5.42 54.50
CA ASN B 300 -3.51 5.87 55.89
C ASN B 300 -3.81 7.38 55.92
N GLY B 301 -2.75 8.22 55.99
CA GLY B 301 -2.86 9.67 55.99
C GLY B 301 -3.65 10.07 54.76
N ASN B 302 -4.42 11.16 54.84
CA ASN B 302 -5.53 11.24 53.90
C ASN B 302 -5.77 12.46 53.03
N TYR B 303 -5.33 12.27 51.80
CA TYR B 303 -5.55 13.14 50.69
C TYR B 303 -7.05 13.25 50.36
N LEU B 304 -7.72 12.10 50.27
CA LEU B 304 -9.08 12.08 49.76
C LEU B 304 -10.05 12.69 50.75
N THR B 305 -9.87 12.44 52.05
CA THR B 305 -10.79 13.02 53.02
C THR B 305 -10.53 14.51 53.22
N THR B 306 -9.29 14.97 52.92
CA THR B 306 -8.97 16.41 52.93
C THR B 306 -9.77 17.13 51.84
N LEU B 307 -9.76 16.60 50.62
CA LEU B 307 -10.59 17.12 49.52
C LEU B 307 -12.08 17.07 49.86
N GLY B 308 -12.52 15.93 50.38
CA GLY B 308 -13.91 15.78 50.73
C GLY B 308 -14.36 16.79 51.74
N ASP B 309 -13.54 17.00 52.77
CA ASP B 309 -13.89 17.96 53.80
C ASP B 309 -13.72 19.42 53.33
N LYS B 310 -12.64 19.70 52.60
CA LYS B 310 -12.25 21.09 52.27
C LYS B 310 -12.91 21.67 51.01
N LEU B 311 -13.17 20.85 50.01
CA LEU B 311 -13.66 21.35 48.73
C LEU B 311 -15.13 21.78 48.84
N ASN B 312 -15.43 23.03 48.46
CA ASN B 312 -16.82 23.51 48.42
C ASN B 312 -17.74 22.43 47.82
N PRO B 313 -18.96 22.32 48.39
CA PRO B 313 -19.91 21.26 48.01
C PRO B 313 -20.31 21.24 46.52
N SER B 314 -20.29 22.37 45.81
CA SER B 314 -20.69 22.38 44.40
C SER B 314 -19.64 21.78 43.45
N ILE B 315 -18.41 21.59 43.94
CA ILE B 315 -17.31 21.29 43.05
C ILE B 315 -17.26 19.75 42.89
N GLN B 316 -17.22 19.27 41.67
CA GLN B 316 -17.20 17.80 41.42
C GLN B 316 -15.78 17.23 41.57
N ILE B 317 -15.68 16.00 42.02
CA ILE B 317 -14.39 15.30 42.13
C ILE B 317 -14.43 14.04 41.26
N MET B 318 -13.48 13.96 40.32
CA MET B 318 -13.38 12.82 39.39
C MET B 318 -12.66 11.62 39.98
N TRP B 319 -12.97 10.45 39.43
CA TRP B 319 -12.58 9.14 39.99
C TRP B 319 -12.64 8.07 38.89
N THR B 320 -11.61 7.23 38.76
CA THR B 320 -11.54 6.25 37.67
C THR B 320 -11.92 4.83 38.10
N GLY B 321 -12.18 4.66 39.41
CA GLY B 321 -12.59 3.39 39.94
C GLY B 321 -11.61 2.86 40.96
N ASP B 322 -11.61 1.55 41.13
CA ASP B 322 -10.67 0.91 42.05
C ASP B 322 -9.20 0.90 41.55
N ARG B 323 -9.01 1.06 40.24
CA ARG B 323 -7.69 1.05 39.59
C ARG B 323 -7.75 2.00 38.42
N VAL B 324 -6.60 2.25 37.79
CA VAL B 324 -6.50 3.24 36.72
C VAL B 324 -7.46 2.89 35.61
N ILE B 325 -7.49 1.61 35.28
CA ILE B 325 -8.42 1.10 34.30
C ILE B 325 -9.28 0.16 35.08
N SER B 326 -10.53 0.56 35.32
CA SER B 326 -11.44 -0.32 36.06
C SER B 326 -12.87 -0.04 35.77
N ASP B 327 -13.69 -0.99 36.12
CA ASP B 327 -15.11 -0.86 35.91
C ASP B 327 -15.71 -0.49 37.26
N ILE B 328 -16.80 0.25 37.22
CA ILE B 328 -17.32 0.93 38.41
C ILE B 328 -18.34 -0.01 39.02
N THR B 329 -18.10 -0.42 40.26
CA THR B 329 -18.99 -1.34 41.00
C THR B 329 -19.69 -0.61 42.15
N ARG B 330 -20.63 -1.26 42.81
CA ARG B 330 -21.34 -0.65 43.92
C ARG B 330 -20.43 -0.43 45.11
N ASP B 331 -19.63 -1.44 45.47
CA ASP B 331 -18.69 -1.33 46.59
C ASP B 331 -17.57 -0.30 46.32
N GLY B 332 -17.21 -0.17 45.06
CA GLY B 332 -16.16 0.76 44.66
C GLY B 332 -16.63 2.19 44.71
N ILE B 333 -17.84 2.44 44.21
CA ILE B 333 -18.37 3.80 44.31
C ILE B 333 -18.73 4.20 45.75
N SER B 334 -19.13 3.25 46.61
CA SER B 334 -19.41 3.64 48.01
C SER B 334 -18.11 3.97 48.70
N TRP B 335 -17.06 3.23 48.34
CA TRP B 335 -15.76 3.45 48.97
C TRP B 335 -15.28 4.90 48.75
N ILE B 336 -15.34 5.40 47.52
CA ILE B 336 -14.91 6.78 47.23
C ILE B 336 -15.90 7.82 47.78
N ASN B 337 -17.20 7.56 47.65
CA ASN B 337 -18.21 8.53 48.09
C ASN B 337 -18.12 8.87 49.57
N GLU B 338 -17.84 7.90 50.42
CA GLU B 338 -17.74 8.16 51.85
C GLU B 338 -16.47 8.95 52.17
N ARG B 339 -15.49 8.95 51.28
CA ARG B 339 -14.31 9.77 51.53
C ARG B 339 -14.47 11.19 50.99
N ILE B 340 -14.93 11.34 49.76
CA ILE B 340 -15.04 12.67 49.16
C ILE B 340 -16.33 13.43 49.52
N LYS B 341 -17.24 12.80 50.28
CA LYS B 341 -18.43 13.45 50.87
C LYS B 341 -19.43 13.93 49.83
N ARG B 342 -19.45 13.25 48.70
CA ARG B 342 -20.29 13.61 47.57
C ARG B 342 -20.26 12.48 46.54
N PRO B 343 -21.21 12.47 45.59
CA PRO B 343 -21.11 11.42 44.56
C PRO B 343 -20.01 11.70 43.57
N ALA B 344 -19.19 10.68 43.33
CA ALA B 344 -18.07 10.80 42.41
C ALA B 344 -18.53 11.08 40.98
N TYR B 345 -17.69 11.79 40.24
CA TYR B 345 -17.91 12.09 38.85
C TYR B 345 -16.94 11.18 38.10
N ILE B 346 -17.48 10.09 37.54
CA ILE B 346 -16.61 9.01 37.04
C ILE B 346 -15.91 9.43 35.79
N TRP B 347 -14.62 9.14 35.77
CA TRP B 347 -13.79 9.25 34.57
C TRP B 347 -13.42 7.85 34.25
N TRP B 348 -14.08 7.25 33.24
CA TRP B 348 -13.89 5.84 32.95
C TRP B 348 -12.85 5.66 31.84
N ASN B 349 -11.74 5.01 32.18
CA ASN B 349 -10.57 4.86 31.26
C ASN B 349 -10.74 3.73 30.26
N PHE B 350 -11.77 3.86 29.43
CA PHE B 350 -12.03 2.97 28.32
C PHE B 350 -12.87 3.78 27.37
N PRO B 351 -12.59 3.80 26.08
CA PRO B 351 -11.66 2.88 25.36
C PRO B 351 -10.20 3.35 25.18
N VAL B 352 -9.80 4.38 25.94
CA VAL B 352 -8.44 4.96 25.82
C VAL B 352 -7.40 3.83 25.66
N SER B 353 -6.54 4.00 24.67
CA SER B 353 -5.59 2.97 24.29
C SER B 353 -4.13 3.48 24.32
N ASP B 354 -3.88 4.53 25.08
CA ASP B 354 -2.58 5.19 25.06
C ASP B 354 -1.47 4.39 25.75
N TYR B 355 -1.82 3.21 26.28
CA TYR B 355 -0.85 2.33 26.89
C TYR B 355 -0.83 0.96 26.20
N VAL B 356 -1.69 0.80 25.21
CA VAL B 356 -1.65 -0.33 24.29
C VAL B 356 -1.88 0.21 22.89
N ARG B 357 -0.99 1.11 22.44
CA ARG B 357 -1.23 1.90 21.24
C ARG B 357 -1.17 1.10 19.94
N ASP B 358 -0.65 -0.12 20.04
CA ASP B 358 -0.67 -1.06 18.90
C ASP B 358 -1.98 -1.86 18.75
N HIS B 359 -2.95 -1.58 19.63
CA HIS B 359 -4.30 -2.19 19.60
C HIS B 359 -5.42 -1.14 19.41
N LEU B 360 -6.41 -1.47 18.60
CA LEU B 360 -7.70 -0.81 18.64
C LEU B 360 -8.61 -1.57 19.62
N LEU B 361 -9.41 -0.79 20.36
CA LEU B 361 -10.36 -1.30 21.37
C LEU B 361 -11.77 -0.95 20.93
N LEU B 362 -12.36 -1.85 20.13
CA LEU B 362 -13.62 -1.57 19.42
C LEU B 362 -14.79 -2.41 19.93
N GLY B 363 -14.59 -3.11 21.05
CA GLY B 363 -15.62 -4.00 21.60
C GLY B 363 -16.69 -3.23 22.38
N PRO B 364 -17.66 -3.96 22.92
CA PRO B 364 -18.74 -3.37 23.70
C PRO B 364 -18.25 -2.82 25.03
N VAL B 365 -19.08 -1.93 25.54
CA VAL B 365 -18.93 -1.34 26.84
C VAL B 365 -19.68 -2.15 27.84
N TYR B 366 -18.95 -2.67 28.82
CA TYR B 366 -19.58 -3.50 29.84
C TYR B 366 -18.78 -3.43 31.11
N GLY B 367 -19.36 -3.97 32.18
CA GLY B 367 -18.68 -4.14 33.45
C GLY B 367 -19.12 -3.18 34.52
N ASN B 368 -19.78 -2.09 34.13
CA ASN B 368 -20.13 -1.01 35.06
C ASN B 368 -21.51 -1.33 35.61
N ASP B 369 -21.62 -1.29 36.92
CA ASP B 369 -22.86 -1.64 37.64
C ASP B 369 -24.04 -0.76 37.11
N THR B 370 -25.18 -1.37 36.84
CA THR B 370 -26.29 -0.66 36.20
C THR B 370 -27.30 -0.11 37.22
N THR B 371 -27.04 -0.24 38.53
CA THR B 371 -27.99 0.15 39.57
C THR B 371 -27.49 1.33 40.42
N ILE B 372 -26.41 1.98 40.01
CA ILE B 372 -25.74 2.93 40.89
C ILE B 372 -25.80 4.35 40.34
N ALA B 373 -26.74 4.63 39.44
CA ALA B 373 -26.98 6.02 38.98
C ALA B 373 -27.01 7.07 40.11
N LYS B 374 -27.70 6.79 41.20
CA LYS B 374 -27.82 7.77 42.26
C LYS B 374 -26.49 8.04 42.93
N GLU B 375 -25.52 7.15 42.72
CA GLU B 375 -24.26 7.21 43.43
C GLU B 375 -23.19 7.99 42.67
N MET B 376 -23.49 8.46 41.45
CA MET B 376 -22.54 9.19 40.61
C MET B 376 -23.10 10.55 40.12
N SER B 377 -22.30 11.60 40.28
CA SER B 377 -22.65 12.91 39.74
C SER B 377 -22.57 12.92 38.25
N GLY B 378 -21.62 12.17 37.69
CA GLY B 378 -21.38 12.22 36.27
C GLY B 378 -20.67 10.95 35.82
N PHE B 379 -20.61 10.75 34.52
CA PHE B 379 -19.94 9.63 33.94
C PHE B 379 -19.46 10.03 32.57
N VAL B 380 -18.13 10.13 32.42
CA VAL B 380 -17.49 10.44 31.14
C VAL B 380 -16.46 9.33 30.80
N THR B 381 -16.33 9.08 29.49
CA THR B 381 -15.36 8.18 28.94
C THR B 381 -14.15 8.94 28.37
N ASN B 382 -12.95 8.44 28.72
CA ASN B 382 -11.66 8.80 28.13
C ASN B 382 -11.39 7.85 26.98
N PRO B 383 -11.48 8.36 25.76
CA PRO B 383 -11.43 7.54 24.55
C PRO B 383 -10.02 7.37 23.99
N MET B 384 -9.96 6.69 22.85
CA MET B 384 -8.71 6.53 22.09
C MET B 384 -8.41 7.84 21.40
N GLU B 385 -7.17 7.96 20.97
CA GLU B 385 -6.78 9.09 20.15
C GLU B 385 -7.42 8.95 18.78
N HIS B 386 -7.95 7.76 18.46
CA HIS B 386 -8.74 7.59 17.24
C HIS B 386 -10.20 7.97 17.53
N ALA B 387 -10.61 9.15 17.07
CA ALA B 387 -11.86 9.77 17.49
C ALA B 387 -13.08 9.02 16.95
N GLU B 388 -13.13 8.78 15.64
CA GLU B 388 -14.26 8.10 15.04
C GLU B 388 -14.39 6.69 15.55
N SER B 389 -13.27 5.98 15.66
CA SER B 389 -13.27 4.60 16.17
C SER B 389 -13.82 4.52 17.60
N SER B 390 -13.64 5.62 18.35
CA SER B 390 -14.09 5.70 19.75
C SER B 390 -15.61 5.85 19.85
N LYS B 391 -16.27 6.16 18.74
CA LYS B 391 -17.71 6.42 18.76
C LYS B 391 -18.52 5.16 19.14
N ILE B 392 -17.94 3.97 18.97
CA ILE B 392 -18.63 2.70 19.35
C ILE B 392 -18.79 2.71 20.86
N ALA B 393 -17.68 3.00 21.56
CA ALA B 393 -17.76 3.07 23.01
C ALA B 393 -18.53 4.28 23.53
N ILE B 394 -18.34 5.43 22.87
CA ILE B 394 -18.98 6.66 23.27
C ILE B 394 -20.53 6.56 23.17
N TYR B 395 -21.03 6.11 22.03
CA TYR B 395 -22.44 5.83 21.85
C TYR B 395 -23.01 4.92 22.96
N SER B 396 -22.22 3.91 23.32
CA SER B 396 -22.58 2.96 24.36
C SER B 396 -22.57 3.57 25.78
N VAL B 397 -21.56 4.37 26.10
CA VAL B 397 -21.55 5.07 27.41
C VAL B 397 -22.74 6.03 27.54
N ALA B 398 -23.13 6.66 26.44
CA ALA B 398 -24.24 7.59 26.44
C ALA B 398 -25.52 6.85 26.79
N SER B 399 -25.70 5.67 26.19
CA SER B 399 -26.85 4.81 26.47
C SER B 399 -26.83 4.39 27.95
N TYR B 400 -25.68 3.91 28.41
CA TYR B 400 -25.51 3.47 29.80
C TYR B 400 -25.83 4.62 30.79
N ALA B 401 -25.29 5.78 30.56
CA ALA B 401 -25.41 6.87 31.51
C ALA B 401 -26.83 7.45 31.55
N TRP B 402 -27.50 7.49 30.39
CA TRP B 402 -28.84 8.00 30.33
C TRP B 402 -29.82 7.03 31.02
N ASN B 403 -29.72 5.75 30.65
CA ASN B 403 -30.65 4.74 31.19
C ASN B 403 -29.95 3.44 31.59
N PRO B 404 -29.23 3.46 32.71
CA PRO B 404 -28.38 2.29 33.01
C PRO B 404 -29.20 1.08 33.39
N ALA B 405 -30.39 1.31 33.95
CA ALA B 405 -31.30 0.20 34.31
C ALA B 405 -31.65 -0.62 33.10
N LYS B 406 -31.71 -0.01 31.94
CA LYS B 406 -32.08 -0.72 30.73
C LYS B 406 -30.86 -1.01 29.86
N TYR B 407 -29.67 -0.87 30.42
CA TYR B 407 -28.49 -0.96 29.61
C TYR B 407 -28.27 -2.37 29.02
N ASP B 408 -28.23 -2.44 27.68
CA ASP B 408 -28.04 -3.66 26.96
C ASP B 408 -26.73 -3.59 26.17
N THR B 409 -25.70 -4.21 26.72
CA THR B 409 -24.34 -4.11 26.18
C THR B 409 -24.28 -4.42 24.70
N TRP B 410 -24.71 -5.61 24.35
CA TRP B 410 -24.57 -6.11 23.02
C TRP B 410 -25.46 -5.45 21.99
N GLN B 411 -26.73 -5.25 22.30
CA GLN B 411 -27.62 -4.50 21.40
C GLN B 411 -27.08 -3.08 21.16
N THR B 412 -26.52 -2.46 22.18
CA THR B 412 -26.01 -1.09 22.06
C THR B 412 -24.74 -1.04 21.19
N TRP B 413 -23.88 -2.02 21.35
CA TRP B 413 -22.72 -2.19 20.50
C TRP B 413 -23.11 -2.28 19.03
N LYS B 414 -24.06 -3.16 18.74
CA LYS B 414 -24.55 -3.31 17.38
C LYS B 414 -25.19 -2.01 16.88
N ASP B 415 -26.04 -1.38 17.70
CA ASP B 415 -26.70 -0.15 17.27
C ASP B 415 -25.65 0.94 17.01
N ALA B 416 -24.62 1.02 17.84
CA ALA B 416 -23.56 2.02 17.63
C ALA B 416 -22.91 1.85 16.24
N ILE B 417 -22.54 0.61 15.95
CA ILE B 417 -21.86 0.28 14.69
C ILE B 417 -22.76 0.57 13.48
N ARG B 418 -24.04 0.22 13.58
CA ARG B 418 -25.05 0.54 12.54
C ARG B 418 -25.25 2.02 12.32
N THR B 419 -25.14 2.81 13.38
CA THR B 419 -25.25 4.25 13.29
C THR B 419 -24.01 4.87 12.67
N ILE B 420 -22.85 4.42 13.12
CA ILE B 420 -21.59 4.93 12.66
C ILE B 420 -21.27 4.54 11.21
N LEU B 421 -21.60 3.33 10.77
CA LEU B 421 -21.30 2.98 9.39
C LEU B 421 -22.42 2.14 8.79
N PRO B 422 -23.58 2.77 8.53
CA PRO B 422 -24.73 1.98 8.05
C PRO B 422 -24.46 1.28 6.71
N SER B 423 -23.61 1.83 5.86
CA SER B 423 -23.38 1.21 4.54
C SER B 423 -22.54 -0.04 4.64
N ALA B 424 -21.87 -0.28 5.76
CA ALA B 424 -21.09 -1.50 5.94
C ALA B 424 -21.04 -1.99 7.41
N ALA B 425 -22.22 -2.10 8.02
CA ALA B 425 -22.30 -2.38 9.44
C ALA B 425 -21.79 -3.77 9.77
N GLU B 426 -22.21 -4.77 9.01
CA GLU B 426 -21.82 -6.13 9.30
C GLU B 426 -20.29 -6.30 9.18
N GLU B 427 -19.72 -5.61 8.19
CA GLU B 427 -18.25 -5.59 7.99
C GLU B 427 -17.53 -4.95 9.18
N LEU B 428 -18.07 -3.83 9.71
CA LEU B 428 -17.47 -3.19 10.90
C LEU B 428 -17.66 -4.04 12.15
N GLU B 429 -18.81 -4.71 12.28
CA GLU B 429 -19.02 -5.65 13.38
C GLU B 429 -17.98 -6.73 13.38
N CYS B 430 -17.81 -7.37 12.22
CA CYS B 430 -16.78 -8.40 12.05
C CYS B 430 -15.36 -7.87 12.45
N PHE B 431 -14.98 -6.73 11.89
CA PHE B 431 -13.69 -6.13 12.28
C PHE B 431 -13.63 -5.89 13.78
N ALA B 432 -14.70 -5.28 14.33
CA ALA B 432 -14.71 -4.89 15.73
C ALA B 432 -14.74 -6.04 16.71
N MET B 433 -15.44 -7.14 16.37
CA MET B 433 -15.53 -8.37 17.20
C MET B 433 -14.15 -8.99 17.49
N HIS B 434 -13.24 -8.83 16.53
CA HIS B 434 -11.89 -9.39 16.66
C HIS B 434 -10.83 -8.31 16.87
N ASN B 435 -11.28 -7.11 17.26
CA ASN B 435 -10.39 -6.04 17.68
C ASN B 435 -10.92 -5.37 18.94
N SER B 436 -10.85 -6.09 20.05
CA SER B 436 -11.52 -5.66 21.28
C SER B 436 -10.66 -5.90 22.52
N ASP B 437 -9.82 -6.91 22.49
CA ASP B 437 -8.96 -7.16 23.62
C ASP B 437 -7.71 -6.27 23.57
N LEU B 438 -7.11 -6.07 24.73
CA LEU B 438 -6.00 -5.15 24.87
C LEU B 438 -4.66 -5.86 24.73
N GLY B 439 -4.64 -7.18 24.89
CA GLY B 439 -3.37 -7.90 25.02
C GLY B 439 -2.80 -7.65 26.39
N PRO B 440 -1.69 -8.32 26.74
CA PRO B 440 -1.16 -8.05 28.07
C PRO B 440 -0.64 -6.62 28.20
N ASN B 441 -0.82 -6.08 29.40
CA ASN B 441 -0.48 -4.69 29.72
C ASN B 441 -0.23 -4.54 31.20
N GLY B 442 0.41 -3.45 31.61
CA GLY B 442 0.77 -3.26 33.01
C GLY B 442 -0.46 -3.03 33.93
N HIS B 443 -1.60 -2.70 33.37
CA HIS B 443 -2.82 -2.54 34.20
C HIS B 443 -3.57 -3.82 34.43
N GLY B 444 -3.22 -4.87 33.71
CA GLY B 444 -3.94 -6.14 33.81
C GLY B 444 -5.38 -6.10 33.30
N TYR B 445 -5.76 -5.07 32.54
CA TYR B 445 -7.16 -4.90 32.10
C TYR B 445 -7.33 -5.53 30.74
N ARG B 446 -8.25 -6.50 30.65
CA ARG B 446 -8.51 -7.26 29.43
C ARG B 446 -10.00 -7.13 29.03
N ARG B 447 -10.29 -7.31 27.74
CA ARG B 447 -11.66 -7.43 27.24
C ARG B 447 -11.82 -8.72 26.44
N GLU B 448 -13.04 -9.22 26.40
CA GLU B 448 -13.34 -10.43 25.61
C GLU B 448 -13.16 -10.09 24.12
N GLU B 449 -12.90 -11.13 23.33
CA GLU B 449 -12.68 -10.99 21.91
C GLU B 449 -12.99 -12.29 21.24
N SER B 450 -13.57 -12.23 20.05
CA SER B 450 -13.82 -13.43 19.25
C SER B 450 -14.57 -14.52 20.02
N MET B 451 -15.41 -14.14 20.97
CA MET B 451 -16.14 -15.12 21.80
C MET B 451 -16.95 -16.10 20.96
N ASP B 452 -17.57 -15.59 19.89
CA ASP B 452 -18.35 -16.39 18.93
C ASP B 452 -17.62 -17.69 18.48
N ILE B 453 -16.39 -17.53 18.01
CA ILE B 453 -15.69 -18.65 17.39
C ILE B 453 -14.78 -19.40 18.35
N GLN B 454 -14.62 -18.88 19.56
CA GLN B 454 -13.74 -19.49 20.60
C GLN B 454 -14.05 -20.96 20.82
N PRO B 455 -15.34 -21.35 20.85
CA PRO B 455 -15.51 -22.76 21.18
C PRO B 455 -14.98 -23.68 20.09
N ALA B 456 -15.34 -23.35 18.84
CA ALA B 456 -14.90 -24.09 17.66
C ALA B 456 -13.38 -24.11 17.56
N ALA B 457 -12.78 -22.93 17.77
CA ALA B 457 -11.33 -22.77 17.77
C ALA B 457 -10.70 -23.67 18.81
N GLU B 458 -11.23 -23.65 20.02
CA GLU B 458 -10.66 -24.48 21.09
C GLU B 458 -10.90 -26.00 20.90
N ARG B 459 -12.03 -26.41 20.32
CA ARG B 459 -12.24 -27.85 19.93
C ARG B 459 -11.34 -28.29 18.79
N PHE B 460 -11.11 -27.37 17.86
CA PHE B 460 -10.28 -27.67 16.69
C PHE B 460 -8.86 -28.00 17.14
N LEU B 461 -8.35 -27.10 17.97
CA LEU B 461 -7.02 -27.16 18.52
C LEU B 461 -6.87 -28.35 19.42
N LYS B 462 -7.91 -28.66 20.19
CA LYS B 462 -7.91 -29.81 21.10
C LYS B 462 -7.65 -31.09 20.32
N ALA B 463 -8.44 -31.30 19.26
CA ALA B 463 -8.28 -32.48 18.41
C ALA B 463 -6.86 -32.60 17.84
N PHE B 464 -6.18 -31.48 17.64
CA PHE B 464 -4.79 -31.49 17.19
C PHE B 464 -3.78 -31.81 18.29
N GLU B 466 -2.65 -33.24 20.81
CA GLU B 466 -3.52 -34.39 20.58
C GLU B 466 -3.49 -34.77 19.09
N GLY B 467 -4.11 -35.89 18.75
CA GLY B 467 -4.18 -36.33 17.37
C GLY B 467 -5.50 -36.99 17.05
N LYS B 468 -6.60 -36.37 17.48
CA LYS B 468 -7.94 -36.87 17.18
C LYS B 468 -8.53 -36.10 15.99
N ASN B 469 -9.55 -36.66 15.33
CA ASN B 469 -10.17 -36.01 14.17
C ASN B 469 -10.90 -34.76 14.60
N TYR B 470 -10.68 -33.64 13.90
CA TYR B 470 -11.44 -32.40 14.19
C TYR B 470 -12.85 -32.52 13.63
N ASP B 471 -13.78 -31.77 14.19
CA ASP B 471 -15.14 -31.64 13.69
C ASP B 471 -15.23 -30.84 12.40
N LYS B 472 -15.91 -31.41 11.39
CA LYS B 472 -16.13 -30.78 10.09
C LYS B 472 -16.79 -29.39 10.20
N ALA B 473 -17.75 -29.26 11.12
CA ALA B 473 -18.43 -28.01 11.35
C ALA B 473 -17.47 -26.96 11.90
N ASP B 474 -16.49 -27.36 12.71
CA ASP B 474 -15.53 -26.38 13.29
C ASP B 474 -14.55 -25.85 12.23
N PHE B 475 -14.04 -26.76 11.41
CA PHE B 475 -13.26 -26.39 10.24
C PHE B 475 -14.04 -25.40 9.37
N GLU B 476 -15.31 -25.71 9.13
CA GLU B 476 -16.14 -24.87 8.27
C GLU B 476 -16.42 -23.49 8.87
N THR B 477 -16.67 -23.47 10.18
CA THR B 477 -16.71 -22.24 10.98
C THR B 477 -15.44 -21.39 10.80
N LEU B 478 -14.28 -22.04 10.86
CA LEU B 478 -13.03 -21.28 10.83
C LEU B 478 -12.77 -20.73 9.43
N GLN B 479 -13.06 -21.58 8.47
CA GLN B 479 -13.08 -21.22 7.07
C GLN B 479 -14.03 -20.02 6.82
N TYR B 480 -15.28 -20.14 7.29
CA TYR B 480 -16.27 -19.07 7.11
C TYR B 480 -15.76 -17.77 7.73
N THR B 481 -15.16 -17.89 8.90
CA THR B 481 -14.64 -16.72 9.62
C THR B 481 -13.54 -15.97 8.85
N PHE B 482 -12.56 -16.72 8.37
CA PHE B 482 -11.47 -16.12 7.61
C PHE B 482 -12.00 -15.47 6.34
N GLU B 483 -12.92 -16.16 5.68
CA GLU B 483 -13.56 -15.60 4.51
C GLU B 483 -14.27 -14.29 4.83
N ARG B 484 -15.04 -14.27 5.91
CA ARG B 484 -15.76 -13.05 6.26
C ARG B 484 -14.81 -11.90 6.57
N MET B 485 -13.74 -12.20 7.29
CA MET B 485 -12.76 -11.19 7.67
C MET B 485 -12.13 -10.53 6.42
N LYS B 486 -11.90 -11.30 5.36
CA LYS B 486 -11.36 -10.79 4.11
C LYS B 486 -12.36 -9.89 3.45
N GLU B 487 -13.59 -10.37 3.33
CA GLU B 487 -14.67 -9.54 2.80
C GLU B 487 -14.69 -8.21 3.54
N SER B 488 -14.69 -8.27 4.87
CA SER B 488 -14.90 -7.07 5.68
C SER B 488 -13.72 -6.13 5.57
N ALA B 489 -12.50 -6.67 5.53
CA ALA B 489 -11.32 -5.80 5.36
C ALA B 489 -11.36 -5.05 4.03
N ASP B 490 -11.60 -5.77 2.95
CA ASP B 490 -11.66 -5.14 1.63
C ASP B 490 -12.75 -4.09 1.46
N ILE B 491 -13.91 -4.32 2.07
CA ILE B 491 -15.04 -3.39 1.97
C ILE B 491 -14.78 -2.15 2.82
N LEU B 492 -14.27 -2.38 4.02
CA LEU B 492 -13.94 -1.30 4.92
C LEU B 492 -12.86 -0.41 4.30
N LEU B 493 -11.84 -1.05 3.73
CA LEU B 493 -10.72 -0.28 3.14
C LEU B 493 -11.19 0.76 2.15
N MET B 494 -12.23 0.44 1.39
CA MET B 494 -12.72 1.29 0.31
C MET B 494 -13.98 2.08 0.66
N ASN B 495 -14.44 1.99 1.89
CA ASN B 495 -15.67 2.65 2.27
C ASN B 495 -15.47 4.15 2.30
N THR B 496 -16.38 4.89 1.68
CA THR B 496 -16.31 6.35 1.63
C THR B 496 -17.39 7.08 2.46
N GLU B 497 -18.13 6.37 3.30
CA GLU B 497 -19.16 7.02 4.11
C GLU B 497 -18.54 7.70 5.31
N ASN B 498 -17.58 7.04 5.94
CA ASN B 498 -16.80 7.69 6.99
C ASN B 498 -15.30 7.52 6.67
N LYS B 499 -14.82 8.39 5.79
CA LYS B 499 -13.40 8.48 5.49
C LYS B 499 -12.50 8.64 6.71
N PRO B 500 -12.88 9.52 7.67
CA PRO B 500 -11.92 9.61 8.80
C PRO B 500 -11.82 8.32 9.60
N LEU B 501 -12.92 7.61 9.73
CA LEU B 501 -12.87 6.32 10.40
C LEU B 501 -11.89 5.38 9.69
N ILE B 502 -12.00 5.31 8.38
CA ILE B 502 -11.23 4.36 7.60
C ILE B 502 -9.77 4.75 7.64
N VAL B 503 -9.46 6.06 7.56
CA VAL B 503 -8.10 6.52 7.75
C VAL B 503 -7.56 6.03 9.09
N GLU B 504 -8.31 6.13 10.18
CA GLU B 504 -7.81 5.73 11.50
C GLU B 504 -7.45 4.25 11.56
N ILE B 505 -8.35 3.41 11.03
CA ILE B 505 -8.20 1.97 11.18
C ILE B 505 -7.40 1.26 10.08
N THR B 506 -7.02 1.97 9.02
CA THR B 506 -6.54 1.31 7.82
C THR B 506 -5.30 0.37 8.07
N PRO B 507 -4.31 0.82 8.90
CA PRO B 507 -3.22 -0.09 9.16
C PRO B 507 -3.64 -1.45 9.76
N TRP B 508 -4.57 -1.43 10.71
CA TRP B 508 -5.10 -2.66 11.36
C TRP B 508 -5.95 -3.46 10.39
N VAL B 509 -6.66 -2.76 9.51
CA VAL B 509 -7.43 -3.44 8.47
C VAL B 509 -6.52 -4.25 7.51
N HIS B 510 -5.37 -3.68 7.14
CA HIS B 510 -4.40 -4.41 6.33
C HIS B 510 -3.93 -5.66 7.07
N GLN B 511 -3.61 -5.47 8.35
CA GLN B 511 -3.08 -6.54 9.17
C GLN B 511 -4.12 -7.67 9.42
N PHE B 512 -5.36 -7.25 9.56
CA PHE B 512 -6.52 -8.10 9.73
C PHE B 512 -6.73 -8.94 8.49
N LYS B 513 -6.67 -8.34 7.31
CA LYS B 513 -6.80 -9.08 6.08
C LYS B 513 -5.71 -10.16 5.92
N LEU B 514 -4.48 -9.75 6.19
CA LEU B 514 -3.37 -10.70 6.15
C LEU B 514 -3.60 -11.86 7.13
N THR B 515 -4.10 -11.54 8.32
CA THR B 515 -4.39 -12.56 9.33
C THR B 515 -5.38 -13.58 8.77
N ALA B 516 -6.40 -13.09 8.10
CA ALA B 516 -7.42 -13.94 7.49
C ALA B 516 -6.88 -14.78 6.38
N GLU B 517 -6.06 -14.17 5.52
CA GLU B 517 -5.37 -14.91 4.44
C GLU B 517 -4.47 -16.02 4.95
N MET B 518 -3.70 -15.69 5.97
CA MET B 518 -2.85 -16.69 6.62
C MET B 518 -3.70 -17.87 7.14
N GLY B 519 -4.85 -17.57 7.73
CA GLY B 519 -5.70 -18.60 8.31
C GLY B 519 -6.26 -19.53 7.24
N GLU B 520 -6.72 -18.96 6.12
CA GLU B 520 -7.16 -19.78 5.00
C GLU B 520 -6.12 -20.75 4.52
N GLU B 521 -4.89 -20.25 4.30
CA GLU B 521 -3.79 -21.07 3.79
C GLU B 521 -3.37 -22.15 4.78
N VAL B 522 -3.38 -21.81 6.07
CA VAL B 522 -3.05 -22.78 7.12
C VAL B 522 -4.13 -23.89 7.19
N LEU B 523 -5.39 -23.52 6.97
CA LEU B 523 -6.46 -24.52 6.90
C LEU B 523 -6.29 -25.43 5.68
N LYS B 524 -5.84 -24.86 4.56
CA LYS B 524 -5.44 -25.66 3.41
C LYS B 524 -4.24 -26.58 3.69
N MET B 525 -3.30 -26.11 4.50
CA MET B 525 -2.20 -27.00 4.89
C MET B 525 -2.76 -28.18 5.66
N VAL B 526 -3.72 -27.90 6.54
CA VAL B 526 -4.30 -28.94 7.39
C VAL B 526 -4.98 -30.00 6.54
N GLU B 527 -5.82 -29.56 5.61
CA GLU B 527 -6.43 -30.43 4.61
C GLU B 527 -5.40 -31.15 3.78
N GLY B 528 -4.33 -30.43 3.43
CA GLY B 528 -3.12 -30.96 2.78
C GLY B 528 -3.40 -32.15 1.91
N ARG B 529 -3.42 -31.94 0.59
CA ARG B 529 -3.87 -32.97 -0.36
C ARG B 529 -2.70 -33.84 -0.83
N ASN B 530 -1.58 -33.19 -1.08
CA ASN B 530 -0.34 -33.87 -1.35
C ASN B 530 0.81 -32.97 -0.97
N GLU B 531 2.02 -33.50 -1.10
CA GLU B 531 3.23 -32.88 -0.59
C GLU B 531 3.56 -31.54 -1.27
N SER B 532 3.49 -31.50 -2.60
CA SER B 532 3.78 -30.27 -3.33
C SER B 532 2.76 -29.18 -3.02
N TYR B 533 1.50 -29.58 -2.80
CA TYR B 533 0.46 -28.61 -2.51
C TYR B 533 0.69 -28.08 -1.12
N PHE B 534 1.04 -28.97 -0.21
CA PHE B 534 1.39 -28.54 1.14
C PHE B 534 2.48 -27.46 1.08
N LEU B 535 3.56 -27.76 0.33
CA LEU B 535 4.73 -26.90 0.26
C LEU B 535 4.42 -25.52 -0.30
N ARG B 536 3.56 -25.47 -1.31
CA ARG B 536 3.04 -24.18 -1.83
C ARG B 536 2.31 -23.41 -0.77
N LYS B 537 1.48 -24.07 0.02
CA LYS B 537 0.74 -23.36 1.07
C LYS B 537 1.71 -22.91 2.16
N TYR B 538 2.66 -23.77 2.51
CA TYR B 538 3.70 -23.39 3.46
C TYR B 538 4.44 -22.13 3.04
N ASN B 539 4.87 -22.08 1.78
CA ASN B 539 5.62 -20.96 1.24
C ASN B 539 4.80 -19.68 1.20
N HIS B 540 3.51 -19.83 0.90
CA HIS B 540 2.64 -18.68 0.86
C HIS B 540 2.51 -18.13 2.27
N VAL B 541 2.30 -19.04 3.24
CA VAL B 541 2.19 -18.64 4.64
C VAL B 541 3.44 -17.89 5.09
N LYS B 542 4.63 -18.38 4.73
CA LYS B 542 5.89 -17.70 5.09
C LYS B 542 5.91 -16.27 4.62
N ALA B 543 5.47 -16.06 3.38
CA ALA B 543 5.39 -14.73 2.79
C ALA B 543 4.38 -13.87 3.46
N LEU B 544 3.26 -14.45 3.90
CA LEU B 544 2.25 -13.69 4.61
C LEU B 544 2.75 -13.28 6.00
N GLN B 545 3.54 -14.16 6.63
CA GLN B 545 4.15 -13.84 7.92
C GLN B 545 5.06 -12.62 7.77
N GLN B 546 5.72 -12.56 6.62
CA GLN B 546 6.67 -11.50 6.31
C GLN B 546 5.97 -10.21 6.08
N GLN B 547 4.87 -10.24 5.33
CA GLN B 547 4.08 -9.04 5.15
C GLN B 547 3.53 -8.47 6.46
N MET B 548 3.16 -9.35 7.38
CA MET B 548 2.69 -8.88 8.69
C MET B 548 3.80 -8.26 9.53
N PHE B 549 4.98 -8.86 9.47
CA PHE B 549 6.20 -8.26 10.04
C PHE B 549 6.45 -6.85 9.53
N TYR B 550 6.44 -6.69 8.20
N TYR B 550 6.37 -6.66 8.22
CA TYR B 550 6.59 -5.37 7.57
CA TYR B 550 6.67 -5.35 7.67
C TYR B 550 5.61 -4.37 8.15
C TYR B 550 5.56 -4.30 7.94
N ILE B 551 4.32 -4.73 8.16
CA ILE B 551 3.29 -3.79 8.64
C ILE B 551 3.53 -3.43 10.09
N ASP B 552 3.91 -4.42 10.88
CA ASP B 552 4.15 -4.22 12.31
C ASP B 552 5.36 -3.34 12.58
N GLN B 553 6.32 -3.35 11.65
CA GLN B 553 7.55 -2.61 11.82
C GLN B 553 7.47 -1.25 11.17
N THR B 554 6.50 -1.01 10.29
CA THR B 554 6.50 0.23 9.52
C THR B 554 5.25 1.10 9.65
N SER B 555 4.16 0.58 10.22
CA SER B 555 2.98 1.41 10.54
C SER B 555 2.92 1.70 12.01
N ASN B 556 2.34 2.86 12.33
CA ASN B 556 2.10 3.24 13.71
C ASN B 556 3.35 3.09 14.59
N GLN B 557 4.47 3.58 14.10
CA GLN B 557 5.73 3.39 14.78
C GLN B 557 5.88 4.48 15.83
N ASN B 558 5.10 4.40 16.88
CA ASN B 558 5.15 5.39 17.95
C ASN B 558 6.15 4.88 19.00
N PRO B 559 6.52 5.73 19.99
CA PRO B 559 7.64 5.40 20.89
C PRO B 559 7.28 4.42 21.99
N TYR B 560 6.00 4.15 22.17
CA TYR B 560 5.58 3.46 23.37
C TYR B 560 5.19 2.00 23.07
N GLN B 561 4.20 1.79 22.19
CA GLN B 561 3.79 0.43 21.78
C GLN B 561 3.67 0.46 20.26
N PRO B 562 4.81 0.28 19.55
CA PRO B 562 4.85 0.46 18.11
C PRO B 562 4.16 -0.69 17.40
N GLY B 563 3.63 -0.40 16.23
CA GLY B 563 3.09 -1.46 15.37
C GLY B 563 1.58 -1.61 15.38
N VAL B 564 1.17 -2.77 14.88
CA VAL B 564 -0.21 -3.01 14.53
C VAL B 564 -0.56 -4.47 14.91
N LYS B 565 -1.27 -4.64 16.01
CA LYS B 565 -1.73 -5.98 16.43
C LYS B 565 -3.24 -6.13 16.26
N THR B 566 -3.70 -7.31 15.83
CA THR B 566 -5.11 -7.47 15.51
C THR B 566 -5.53 -8.93 15.65
N ALA B 567 -6.74 -9.15 16.17
CA ALA B 567 -7.27 -10.51 16.36
C ALA B 567 -6.32 -11.35 17.22
N THR B 568 -5.87 -10.73 18.31
CA THR B 568 -4.78 -11.28 19.11
C THR B 568 -5.22 -12.33 20.13
N ARG B 569 -6.45 -12.28 20.62
CA ARG B 569 -6.81 -13.10 21.78
C ARG B 569 -7.02 -14.53 21.39
N VAL B 570 -7.76 -14.74 20.31
CA VAL B 570 -8.15 -16.07 19.87
C VAL B 570 -7.58 -16.41 18.49
N ILE B 571 -7.72 -15.50 17.51
CA ILE B 571 -7.52 -15.89 16.13
C ILE B 571 -6.04 -16.13 15.76
N LYS B 572 -5.18 -15.18 16.09
CA LYS B 572 -3.74 -15.30 15.78
C LYS B 572 -3.08 -16.49 16.51
N PRO B 573 -3.40 -16.71 17.80
CA PRO B 573 -2.87 -17.90 18.45
C PRO B 573 -3.29 -19.23 17.79
N LEU B 574 -4.55 -19.33 17.39
CA LEU B 574 -5.03 -20.55 16.73
C LEU B 574 -4.26 -20.78 15.41
N ILE B 575 -4.11 -19.72 14.63
CA ILE B 575 -3.42 -19.84 13.35
C ILE B 575 -1.96 -20.23 13.60
N ASP B 576 -1.29 -19.56 14.53
CA ASP B 576 0.11 -19.86 14.82
C ASP B 576 0.35 -21.27 15.34
N ARG B 577 -0.44 -21.71 16.31
CA ARG B 577 -0.26 -23.06 16.85
C ARG B 577 -0.63 -24.12 15.82
N THR B 578 -1.66 -23.87 15.03
CA THR B 578 -2.10 -24.81 14.00
C THR B 578 -0.98 -24.96 12.94
N PHE B 579 -0.36 -23.84 12.57
CA PHE B 579 0.80 -23.82 11.67
C PHE B 579 1.98 -24.63 12.21
N ALA B 580 2.41 -24.27 13.41
CA ALA B 580 3.49 -25.01 14.08
C ALA B 580 3.25 -26.53 14.07
N THR B 581 2.06 -26.92 14.48
CA THR B 581 1.67 -28.32 14.61
C THR B 581 1.73 -29.06 13.30
N VAL B 582 1.08 -28.51 12.28
CA VAL B 582 1.02 -29.22 10.99
C VAL B 582 2.38 -29.33 10.29
N VAL B 583 3.23 -28.31 10.48
CA VAL B 583 4.61 -28.33 10.00
C VAL B 583 5.38 -29.46 10.69
N LYS B 584 5.18 -29.60 12.00
CA LYS B 584 5.81 -30.67 12.76
C LYS B 584 5.39 -32.05 12.26
N PHE B 585 4.09 -32.28 12.13
CA PHE B 585 3.62 -33.53 11.51
C PHE B 585 4.22 -33.75 10.13
N PHE B 586 4.28 -32.70 9.31
CA PHE B 586 4.83 -32.81 7.96
C PHE B 586 6.33 -33.20 8.01
N ASN B 587 7.08 -32.54 8.89
CA ASN B 587 8.50 -32.87 9.11
C ASN B 587 8.77 -34.34 9.49
N GLN B 588 7.91 -34.90 10.33
CA GLN B 588 7.93 -36.32 10.61
C GLN B 588 7.66 -37.16 9.39
N LYS B 589 6.58 -36.83 8.68
CA LYS B 589 6.09 -37.69 7.61
C LYS B 589 7.05 -37.71 6.44
N PHE B 590 7.73 -36.60 6.18
CA PHE B 590 8.61 -36.51 5.01
C PHE B 590 10.08 -36.42 5.39
N ASN B 591 10.39 -36.58 6.67
CA ASN B 591 11.71 -36.27 7.22
C ASN B 591 12.24 -34.97 6.65
N ALA B 592 11.46 -33.92 6.79
CA ALA B 592 11.80 -32.63 6.23
C ALA B 592 12.18 -31.66 7.34
N HIS B 593 12.59 -30.47 6.94
CA HIS B 593 13.24 -29.55 7.86
C HIS B 593 12.62 -28.18 7.74
N LEU B 594 11.32 -28.15 7.48
CA LEU B 594 10.60 -26.89 7.32
C LEU B 594 10.59 -26.13 8.62
N ASP B 595 10.62 -24.81 8.50
CA ASP B 595 10.71 -23.93 9.66
C ASP B 595 9.28 -23.70 10.22
N ALA B 596 9.05 -24.13 11.45
CA ALA B 596 7.74 -23.94 12.12
C ALA B 596 7.60 -22.66 12.95
N THR B 597 8.63 -21.81 12.95
CA THR B 597 8.53 -20.46 13.55
C THR B 597 7.31 -19.71 13.00
N THR B 598 6.63 -18.97 13.84
CA THR B 598 5.46 -18.26 13.37
C THR B 598 5.73 -16.77 13.18
N ASP B 599 6.71 -16.20 13.87
CA ASP B 599 7.07 -14.78 13.67
C ASP B 599 8.26 -14.68 12.70
N TYR B 600 8.11 -13.95 11.59
CA TYR B 600 9.23 -13.75 10.65
C TYR B 600 10.34 -12.97 11.33
N MET B 601 11.58 -13.47 11.20
CA MET B 601 12.79 -12.72 11.55
C MET B 601 13.76 -12.56 10.34
N PRO B 602 14.04 -11.32 9.85
CA PRO B 602 14.96 -11.17 8.70
C PRO B 602 16.44 -11.42 9.03
N HIS B 603 16.83 -11.29 10.29
CA HIS B 603 18.21 -11.51 10.74
C HIS B 603 18.38 -12.96 11.22
N LYS B 604 19.62 -13.48 11.25
CA LYS B 604 19.88 -14.90 11.59
C LYS B 604 20.70 -15.14 12.87
N MET B 605 20.56 -16.34 13.44
CA MET B 605 21.25 -16.84 14.66
C MET B 605 21.53 -15.79 15.75
N LEU B 615 16.83 -20.09 20.67
CA LEU B 615 16.18 -18.83 21.02
C LEU B 615 15.88 -17.99 19.77
N PRO B 616 14.74 -17.29 19.75
CA PRO B 616 14.47 -16.38 18.64
C PRO B 616 15.04 -14.98 18.86
N LEU B 617 15.52 -14.37 17.78
CA LEU B 617 15.81 -12.94 17.78
C LEU B 617 14.51 -12.14 17.78
N GLN B 618 14.62 -10.85 18.08
CA GLN B 618 13.47 -9.95 18.04
C GLN B 618 13.90 -8.59 17.49
N VAL B 619 13.11 -8.03 16.58
CA VAL B 619 13.36 -6.70 16.05
C VAL B 619 12.36 -5.75 16.68
N LYS B 620 12.87 -4.68 17.27
CA LYS B 620 12.03 -3.69 17.96
C LYS B 620 12.53 -2.27 17.71
N ALA B 621 11.82 -1.56 16.85
CA ALA B 621 12.28 -0.29 16.30
C ALA B 621 13.65 -0.50 15.67
N ASN B 622 14.69 -0.01 16.32
CA ASN B 622 16.06 -0.03 15.78
C ASN B 622 16.94 -0.96 16.62
N ARG B 623 16.33 -1.93 17.27
CA ARG B 623 17.07 -2.83 18.14
C ARG B 623 16.85 -4.27 17.69
N VAL B 624 17.94 -5.04 17.68
CA VAL B 624 17.90 -6.46 17.39
C VAL B 624 18.46 -7.18 18.61
N LEU B 625 17.71 -8.14 19.12
CA LEU B 625 18.04 -8.71 20.41
C LEU B 625 17.75 -10.19 20.51
N ILE B 626 18.32 -10.81 21.53
CA ILE B 626 18.08 -12.21 21.79
C ILE B 626 17.10 -12.31 22.94
N SER B 627 16.13 -13.22 22.76
CA SER B 627 15.15 -13.52 23.80
C SER B 627 15.85 -14.08 25.06
N PRO B 628 15.67 -13.40 26.20
CA PRO B 628 16.09 -13.95 27.50
C PRO B 628 15.17 -15.07 27.97
N VAL B 641 28.50 -17.30 19.70
CA VAL B 641 27.20 -16.83 19.22
C VAL B 641 27.33 -15.65 18.23
N GLU B 642 26.73 -15.82 17.05
CA GLU B 642 26.85 -14.83 15.97
C GLU B 642 25.49 -14.44 15.41
N ILE B 643 25.30 -13.14 15.23
CA ILE B 643 24.12 -12.60 14.55
C ILE B 643 24.50 -12.14 13.15
N GLU B 644 23.71 -12.52 12.16
CA GLU B 644 23.87 -12.01 10.81
C GLU B 644 22.64 -11.19 10.42
N LEU B 645 22.81 -9.87 10.47
CA LEU B 645 21.78 -8.95 9.98
C LEU B 645 21.61 -9.12 8.49
N ASP B 646 20.49 -8.67 7.98
CA ASP B 646 20.15 -8.91 6.58
C ASP B 646 20.79 -7.89 5.65
N ALA B 647 21.38 -6.85 6.23
CA ALA B 647 22.22 -5.91 5.50
C ALA B 647 23.26 -5.35 6.47
N ILE B 648 24.13 -4.47 5.97
CA ILE B 648 25.06 -3.74 6.82
C ILE B 648 24.37 -2.48 7.34
N TYR B 649 24.48 -2.23 8.65
CA TYR B 649 23.86 -1.05 9.28
C TYR B 649 24.86 -0.27 10.12
N PRO B 650 24.76 1.07 10.10
CA PRO B 650 25.48 1.87 11.10
C PRO B 650 25.06 1.52 12.53
N GLY B 651 26.02 1.01 13.29
CA GLY B 651 25.76 0.43 14.61
C GLY B 651 25.92 1.49 15.67
N GLU B 652 25.02 1.48 16.66
CA GLU B 652 24.99 2.51 17.69
C GLU B 652 25.64 1.98 18.98
N ASN B 653 25.13 0.87 19.52
CA ASN B 653 25.71 0.27 20.73
C ASN B 653 25.25 -1.17 21.00
N ILE B 654 25.88 -1.81 21.98
CA ILE B 654 25.55 -3.19 22.38
C ILE B 654 25.44 -3.28 23.88
N GLN B 655 24.44 -4.05 24.35
CA GLN B 655 24.26 -4.30 25.78
C GLN B 655 24.10 -5.80 26.02
N ILE B 656 24.72 -6.30 27.09
CA ILE B 656 24.84 -7.75 27.30
C ILE B 656 24.71 -8.14 28.79
N ASN B 657 24.15 -9.32 29.05
CA ASN B 657 24.52 -10.16 30.21
C ASN B 657 25.27 -11.44 29.77
N GLU B 670 33.52 -9.38 20.45
CA GLU B 670 33.95 -8.68 19.25
C GLU B 670 32.89 -8.62 18.11
N ILE B 671 33.17 -7.82 17.07
CA ILE B 671 32.20 -7.52 15.98
C ILE B 671 32.76 -7.93 14.60
N SER B 672 31.98 -7.67 13.55
CA SER B 672 32.46 -7.89 12.17
C SER B 672 31.62 -7.13 11.13
N THR B 673 32.32 -6.56 10.14
CA THR B 673 31.70 -5.68 9.14
C THR B 673 31.06 -6.47 7.97
N ASP B 674 31.06 -7.80 8.09
CA ASP B 674 31.31 -8.68 6.96
C ASP B 674 31.87 -10.02 7.50
N GLY B 675 31.72 -11.10 6.74
CA GLY B 675 32.18 -12.43 7.16
C GLY B 675 33.66 -12.49 7.54
N LYS B 676 34.51 -11.90 6.70
CA LYS B 676 35.97 -12.12 6.74
C LYS B 676 36.68 -11.16 7.70
N GLU B 677 36.30 -9.88 7.63
CA GLU B 677 37.00 -8.81 8.34
C GLU B 677 36.29 -8.49 9.68
N TRP B 678 36.77 -9.14 10.76
CA TRP B 678 36.34 -8.84 12.15
C TRP B 678 37.05 -7.60 12.68
N LYS B 679 36.41 -6.91 13.63
CA LYS B 679 37.06 -5.88 14.45
C LYS B 679 36.61 -6.01 15.90
N THR B 680 37.54 -5.94 16.84
CA THR B 680 37.27 -6.25 18.25
C THR B 680 36.75 -5.04 19.00
N VAL B 681 35.45 -5.02 19.29
CA VAL B 681 34.90 -4.03 20.19
C VAL B 681 35.25 -4.45 21.62
N ASP B 682 35.51 -3.47 22.46
CA ASP B 682 35.83 -3.69 23.87
C ASP B 682 34.57 -3.54 24.72
N LEU B 683 34.26 -4.59 25.49
CA LEU B 683 33.35 -4.50 26.64
C LEU B 683 33.82 -3.43 27.65
N LYS B 684 32.87 -2.68 28.24
CA LYS B 684 33.06 -2.14 29.59
C LYS B 684 31.74 -2.14 30.35
N GLN B 685 31.83 -2.05 31.67
CA GLN B 685 31.05 -2.93 32.53
C GLN B 685 30.65 -2.23 33.82
N LYS B 686 29.64 -2.79 34.51
CA LYS B 686 29.30 -2.36 35.88
C LYS B 686 28.92 -3.54 36.82
N GLU B 687 27.76 -4.15 36.61
CA GLU B 687 27.30 -5.28 37.46
C GLU B 687 27.13 -6.57 36.65
N SER B 688 26.13 -6.57 35.78
CA SER B 688 26.10 -7.48 34.64
C SER B 688 25.51 -6.74 33.45
N ARG B 689 25.83 -5.44 33.36
CA ARG B 689 25.44 -4.60 32.23
C ARG B 689 26.71 -4.09 31.54
N LEU B 690 27.15 -4.90 30.57
CA LEU B 690 28.23 -4.51 29.67
C LEU B 690 27.70 -3.53 28.64
N SER B 691 28.49 -2.51 28.35
CA SER B 691 28.12 -1.44 27.45
C SER B 691 29.19 -1.37 26.35
N ALA B 692 28.80 -0.91 25.17
CA ALA B 692 29.76 -0.48 24.16
C ALA B 692 29.06 0.36 23.11
N GLY B 693 29.39 1.65 23.02
CA GLY B 693 29.05 2.48 21.87
C GLY B 693 29.83 2.02 20.65
N LEU B 694 29.26 2.17 19.46
CA LEU B 694 29.89 1.65 18.24
C LEU B 694 30.13 2.75 17.19
N GLN B 695 30.11 4.01 17.64
CA GLN B 695 30.04 5.18 16.74
C GLN B 695 28.81 5.02 15.84
N LYS B 696 28.96 5.22 14.52
CA LYS B 696 28.03 4.65 13.55
C LYS B 696 28.77 3.64 12.67
N ALA B 697 29.62 2.82 13.29
CA ALA B 697 30.52 1.90 12.58
C ALA B 697 29.73 0.77 11.91
N PRO B 698 30.17 0.33 10.71
CA PRO B 698 29.39 -0.63 9.92
C PRO B 698 29.30 -2.02 10.56
N VAL B 699 28.07 -2.56 10.63
CA VAL B 699 27.78 -3.85 11.26
C VAL B 699 26.89 -4.70 10.36
N LYS B 700 27.39 -5.87 9.96
CA LYS B 700 26.53 -6.96 9.48
C LYS B 700 26.52 -8.15 10.44
N PHE B 701 27.69 -8.53 10.94
CA PHE B 701 27.84 -9.71 11.79
C PHE B 701 28.21 -9.25 13.19
N VAL B 702 27.71 -9.93 14.22
CA VAL B 702 28.06 -9.67 15.62
C VAL B 702 28.36 -10.99 16.35
N ARG B 703 29.60 -11.17 16.82
CA ARG B 703 30.06 -12.48 17.30
C ARG B 703 30.48 -12.45 18.78
N PHE B 704 30.69 -13.64 19.36
CA PHE B 704 31.28 -13.81 20.71
C PHE B 704 30.89 -12.69 21.69
N LEU B 716 21.48 -15.60 30.40
CA LEU B 716 21.25 -14.57 29.41
C LEU B 716 20.03 -13.72 29.76
N ARG B 717 20.27 -12.69 30.57
CA ARG B 717 19.28 -11.64 30.83
C ARG B 717 19.11 -10.69 29.63
N GLN B 718 20.15 -10.50 28.82
CA GLN B 718 20.15 -9.42 27.81
C GLN B 718 21.22 -9.56 26.73
N PHE B 719 20.83 -9.35 25.48
CA PHE B 719 21.76 -9.27 24.37
C PHE B 719 21.18 -8.42 23.23
N VAL B 720 21.48 -7.11 23.26
CA VAL B 720 20.83 -6.13 22.38
C VAL B 720 21.84 -5.29 21.61
N LEU B 721 21.76 -5.38 20.28
CA LEU B 721 22.35 -4.42 19.36
C LEU B 721 21.35 -3.33 19.02
N THR B 722 21.79 -2.09 19.04
CA THR B 722 21.02 -0.98 18.49
C THR B 722 21.70 -0.41 17.23
N ILE B 723 20.91 -0.22 16.17
CA ILE B 723 21.38 0.30 14.89
C ILE B 723 20.64 1.60 14.53
N GLU B 724 20.98 2.20 13.39
CA GLU B 724 20.49 3.53 13.01
C GLU B 724 19.17 3.45 12.20
N LYS B 725 18.23 4.35 12.50
CA LYS B 725 16.79 4.20 12.16
C LYS B 725 16.20 2.91 12.69
#